data_1LSH
#
_entry.id   1LSH
#
_cell.length_a   190.170
_cell.length_b   84.520
_cell.length_c   89.530
_cell.angle_alpha   90.00
_cell.angle_beta   100.39
_cell.angle_gamma   90.00
#
_symmetry.space_group_name_H-M   'C 1 2 1'
#
loop_
_entity.id
_entity.type
_entity.pdbx_description
1 polymer 'LIPOVITELLIN (LV-1N, LV-1C)'
2 polymer 'LIPOVITELLIN (LV-2)'
3 non-polymer 'di-heneicosanoyl phosphatidyl choline'
4 non-polymer 'UNKNOWN BRANCHED FRAGMENT OF PHOSPHOLIPID'
5 water water
#
loop_
_entity_poly.entity_id
_entity_poly.type
_entity_poly.pdbx_seq_one_letter_code
_entity_poly.pdbx_strand_id
1 'polypeptide(L)'
;(PCA)FQPGKVYRYSYDAFSISGLPEPGVNRAGLSGEMKIEIHGHTHNQATLKITQVNLKYFLGPWPSDSFYPLTGGYDH
FIQQLEVPVRFDYSAGRIGDIYAPPQVTDTAVNIVRGILNLFQLSLKKNQQTFELQETGVEGICQTTYVVQEGYRTNEMA
VVKTKDLNNCDHKVYKTMGTAYAERCPTCQKMNKNLRSTAVYNYAIFDEPSGYIIKSAHSEEIQQLSVFDIKEGNVVIES
RQKLILEGIQSAPAASQAASLQNRGGLMYKFPSSAITKMSSLFVTKGKNLESEIHTVLKHLVENNQLSVHEDAPAKFLRL
TAFLRNVDAGVLQSIWHKLHQQKDYRRWILDAVPAMATSEALLFLKRTLASEQLTSAEATQIVASTLSNQQATRESLSYA
RELLNTSFIRNRPILRKTAVLGYGSLVFRYCANTVSCPDELLQPLHDLLSQSSDRAKEEEIVLALKALGNAGQPNSIKKI
QRFLPGQGKSLDEYSTRVQAEAIMALRNIAKRDPRKVQEIVLPIFLNVAIKSELRIRSCIVFFESKPSVALVSMVAVRLR
REPNLQVASFVYSQMRSLSRSSNPEFRDVAAACSVAIKMLGSKLDRLGCRYSKAVHVDTFNARTMAGVSADYFRINSPSG
PLPRAVAAKIRGQGMGYASDIVEFGLRAEGLQELLYRGSQEQDAYGTALDRQTLLRSGQARSHVSSIHDTLRKLSDWKSV
PEERPLASGYVKVHGQEVVFAELDKKMMQRISQLWHSARSHHAAAQEQIGAVVSKLEQGMDVLLTKGYVVSEVRYMQPVC
IGIPMDLNLLVSGVTTNRANLSASFSSLPADMKLADLLATNIELRVAATTSMSQHAVAIMGLTTDLAKAGMQTHYKTSAG
LGVNGKIEMNARESNFKASLKPFQQKTVVVLSTMESIVFVRDPSGSRILPVLPPKMTLDKGLISQQQQQPHHQQQPHQHG
QDQARAAYQRPWASHEFSPAEQKQIHDIMTARPVMRRKQSCSKSAALSSKVCFSARLRNAAFIRNALLYKITGDYVSKVY
VQPTSSKAQITKVELELQAG
;
A
2 'polypeptide(L)'
;KYVPQRKPQTSRRHTPASSSSSSSSSSSSSSSSSSSDSDMTVSAESFEKHSKPKVVIVLRAVRADGKQQGLQTTLYYGLT
SNGLPKAKIVAVELSDLSVWKLCAKFRLSAHMKAKAAIGWGKNCQQYRAMLEASTGNLQSHPAARVDIKWGRLPSSLQRA
KNALLENGAPVIASKLEMEIMPKANQKHQVSVILAAMTPRRMNIIVKLPKVTYFQQGILLPFTFPSPRFWDRPEGSQSDS
LPAQIASAFSGIVQDPVASACELNEQSLTTFNGAFFNYDMPESCYHVLAQECSSRPPFIVLIKLDSERRISLELQLDDK
;
B
#
loop_
_chem_comp.id
_chem_comp.type
_chem_comp.name
_chem_comp.formula
PLD non-polymer 'di-heneicosanoyl phosphatidyl choline' 'C50 H101 N O8 P 1'
UPL non-polymer 'UNKNOWN BRANCHED FRAGMENT OF PHOSPHOLIPID' 'C34 H70'
#
# COMPACT_ATOMS: atom_id res chain seq x y z
N PCA A 1 15.32 -8.66 -47.64
CA PCA A 1 16.69 -8.72 -48.14
CB PCA A 1 17.47 -7.90 -47.11
CG PCA A 1 16.61 -6.84 -46.76
CD PCA A 1 15.33 -7.56 -46.86
OE PCA A 1 14.30 -7.06 -46.38
C PCA A 1 17.26 -10.12 -48.19
O PCA A 1 18.39 -10.30 -48.55
N PHE A 2 16.63 -11.07 -47.55
CA PHE A 2 17.20 -12.41 -47.66
C PHE A 2 16.84 -12.90 -49.06
N GLN A 3 17.87 -13.15 -49.82
CA GLN A 3 17.74 -13.67 -51.18
C GLN A 3 17.08 -15.05 -51.23
N PRO A 4 16.04 -15.22 -52.07
CA PRO A 4 15.35 -16.53 -52.21
C PRO A 4 16.41 -17.52 -52.70
N GLY A 5 16.49 -18.67 -52.08
CA GLY A 5 17.46 -19.68 -52.43
C GLY A 5 18.70 -19.57 -51.56
N LYS A 6 18.76 -18.53 -50.72
CA LYS A 6 19.96 -18.39 -49.90
C LYS A 6 19.65 -18.70 -48.45
N VAL A 7 20.61 -19.39 -47.86
CA VAL A 7 20.62 -19.70 -46.44
C VAL A 7 21.72 -18.89 -45.77
N TYR A 8 21.32 -18.08 -44.78
CA TYR A 8 22.27 -17.28 -44.01
C TYR A 8 22.39 -17.94 -42.65
N ARG A 9 23.60 -18.23 -42.24
CA ARG A 9 23.85 -18.93 -40.99
C ARG A 9 24.45 -17.91 -39.97
N TYR A 10 23.90 -17.89 -38.76
CA TYR A 10 24.30 -16.93 -37.75
C TYR A 10 24.57 -17.65 -36.44
N SER A 11 25.49 -17.14 -35.62
CA SER A 11 25.51 -17.63 -34.21
C SER A 11 24.78 -16.56 -33.39
N TYR A 12 24.09 -16.91 -32.33
CA TYR A 12 23.29 -15.85 -31.63
C TYR A 12 23.47 -16.08 -30.12
N ASP A 13 23.88 -15.08 -29.30
CA ASP A 13 24.05 -15.31 -27.90
C ASP A 13 23.28 -14.13 -27.27
N ALA A 14 22.58 -14.38 -26.19
CA ALA A 14 21.80 -13.30 -25.60
C ALA A 14 21.77 -13.53 -24.11
N PHE A 15 21.71 -12.46 -23.32
CA PHE A 15 21.44 -12.75 -21.90
C PHE A 15 20.72 -11.54 -21.28
N SER A 16 20.15 -11.75 -20.12
CA SER A 16 19.49 -10.66 -19.39
CA SER A 16 19.55 -10.63 -19.40
C SER A 16 19.76 -10.90 -17.93
N ILE A 17 20.43 -9.95 -17.28
CA ILE A 17 20.83 -10.12 -15.91
CA ILE A 17 20.74 -10.17 -15.89
C ILE A 17 20.26 -9.02 -15.03
N SER A 18 19.80 -9.35 -13.84
CA SER A 18 19.27 -8.34 -12.90
CA SER A 18 19.33 -8.30 -12.94
C SER A 18 20.20 -8.20 -11.71
N GLY A 19 20.15 -7.01 -11.12
CA GLY A 19 20.76 -6.77 -9.85
C GLY A 19 21.21 -5.38 -9.67
N LEU A 20 21.91 -5.20 -8.60
CA LEU A 20 22.48 -3.85 -8.35
C LEU A 20 23.62 -3.66 -9.32
N PRO A 21 23.80 -2.45 -9.87
CA PRO A 21 24.86 -2.15 -10.84
C PRO A 21 26.19 -1.88 -10.14
N GLU A 22 26.76 -2.84 -9.50
CA GLU A 22 27.99 -2.60 -8.79
C GLU A 22 28.85 -3.85 -9.04
N PRO A 23 30.14 -3.67 -9.30
CA PRO A 23 31.00 -4.84 -9.53
C PRO A 23 31.13 -5.55 -8.17
N GLY A 24 31.12 -6.87 -8.18
CA GLY A 24 31.27 -7.51 -6.89
C GLY A 24 30.02 -8.06 -6.23
N VAL A 25 28.82 -7.47 -6.40
CA VAL A 25 27.67 -8.06 -5.75
C VAL A 25 27.14 -9.12 -6.69
N ASN A 26 26.39 -10.06 -6.16
CA ASN A 26 25.85 -11.13 -6.98
C ASN A 26 24.63 -10.64 -7.76
N ARG A 27 24.49 -11.18 -8.95
CA ARG A 27 23.36 -10.90 -9.84
CA ARG A 27 23.35 -10.90 -9.83
C ARG A 27 22.87 -12.20 -10.38
N ALA A 28 21.64 -12.20 -10.88
CA ALA A 28 21.21 -13.44 -11.42
C ALA A 28 20.55 -13.13 -12.73
N GLY A 29 20.60 -14.04 -13.64
CA GLY A 29 19.76 -13.93 -14.85
C GLY A 29 19.80 -15.18 -15.74
N LEU A 30 19.25 -15.03 -16.96
CA LEU A 30 19.01 -16.13 -17.96
C LEU A 30 19.79 -15.84 -19.24
N SER A 31 20.07 -16.88 -20.03
CA SER A 31 20.93 -16.70 -21.20
C SER A 31 20.73 -17.85 -22.17
N GLY A 32 20.93 -17.57 -23.42
CA GLY A 32 21.06 -18.67 -24.34
C GLY A 32 22.09 -18.44 -25.38
N GLU A 33 22.50 -19.57 -25.96
CA GLU A 33 23.41 -19.54 -27.11
C GLU A 33 22.86 -20.57 -28.13
N MET A 34 22.68 -20.06 -29.33
CA MET A 34 22.04 -20.74 -30.43
C MET A 34 22.85 -20.56 -31.71
N LYS A 35 22.57 -21.44 -32.64
CA LYS A 35 22.99 -21.32 -34.02
C LYS A 35 21.66 -21.23 -34.73
N ILE A 36 21.58 -20.35 -35.66
CA ILE A 36 20.32 -20.15 -36.40
CA ILE A 36 20.35 -20.10 -36.39
C ILE A 36 20.60 -20.07 -37.91
N GLU A 37 19.57 -20.39 -38.73
CA GLU A 37 19.72 -20.34 -40.16
C GLU A 37 18.50 -19.63 -40.65
N ILE A 38 18.70 -18.76 -41.59
CA ILE A 38 17.57 -18.08 -42.14
C ILE A 38 17.64 -18.35 -43.62
N HIS A 39 16.52 -18.85 -44.14
CA HIS A 39 16.41 -19.21 -45.55
CA HIS A 39 16.35 -19.26 -45.54
C HIS A 39 15.52 -18.17 -46.23
N GLY A 40 16.03 -17.54 -47.29
CA GLY A 40 15.20 -16.56 -47.96
C GLY A 40 14.23 -17.22 -48.96
N HIS A 41 13.03 -16.71 -48.94
CA HIS A 41 12.03 -17.22 -49.84
C HIS A 41 11.53 -16.10 -50.72
N THR A 42 10.62 -16.48 -51.55
CA THR A 42 10.04 -15.52 -52.41
C THR A 42 8.89 -14.89 -51.64
N HIS A 43 8.35 -13.83 -52.22
CA HIS A 43 7.23 -13.11 -51.66
C HIS A 43 7.57 -12.42 -50.35
N ASN A 44 8.84 -12.04 -50.20
CA ASN A 44 9.29 -11.27 -49.05
C ASN A 44 8.97 -11.99 -47.72
N GLN A 45 9.32 -13.26 -47.67
CA GLN A 45 9.22 -14.04 -46.47
C GLN A 45 10.54 -14.76 -46.38
N ALA A 46 10.79 -15.23 -45.18
CA ALA A 46 11.95 -16.02 -44.88
C ALA A 46 11.54 -16.91 -43.71
N THR A 47 12.33 -17.91 -43.49
CA THR A 47 12.11 -18.87 -42.46
C THR A 47 13.34 -18.88 -41.63
N LEU A 48 13.13 -18.86 -40.32
CA LEU A 48 14.22 -18.93 -39.38
C LEU A 48 14.13 -20.25 -38.70
N LYS A 49 15.23 -20.94 -38.68
CA LYS A 49 15.24 -22.18 -37.99
C LYS A 49 16.37 -22.11 -36.99
N ILE A 50 16.14 -22.46 -35.76
CA ILE A 50 17.16 -22.53 -34.72
C ILE A 50 17.65 -23.98 -34.73
N THR A 51 18.94 -24.20 -34.87
CA THR A 51 19.51 -25.53 -35.15
C THR A 51 20.23 -26.05 -33.94
N GLN A 52 20.53 -25.17 -33.00
CA GLN A 52 21.21 -25.69 -31.78
C GLN A 52 20.97 -24.63 -30.67
N VAL A 53 20.53 -25.06 -29.48
CA VAL A 53 20.30 -24.15 -28.36
C VAL A 53 20.78 -24.69 -27.02
N ASN A 54 21.53 -23.84 -26.34
CA ASN A 54 22.03 -24.14 -25.02
C ASN A 54 21.51 -23.05 -24.11
N LEU A 55 20.64 -23.44 -23.19
CA LEU A 55 20.08 -22.51 -22.24
C LEU A 55 20.93 -22.44 -20.98
N LYS A 56 21.06 -21.22 -20.42
CA LYS A 56 21.91 -21.03 -19.25
CA LYS A 56 21.89 -21.05 -19.24
C LYS A 56 21.26 -20.05 -18.30
N TYR A 57 21.72 -20.10 -17.05
CA TYR A 57 21.27 -19.15 -16.06
C TYR A 57 22.56 -18.50 -15.63
N PHE A 58 22.45 -17.28 -15.13
CA PHE A 58 23.60 -16.58 -14.62
C PHE A 58 23.38 -16.40 -13.14
N LEU A 59 24.36 -16.71 -12.34
CA LEU A 59 24.22 -16.59 -10.87
C LEU A 59 25.62 -16.34 -10.26
N GLY A 60 25.97 -15.11 -9.94
CA GLY A 60 27.33 -14.85 -9.46
C GLY A 60 27.63 -13.37 -9.59
N PRO A 61 28.90 -12.99 -9.33
CA PRO A 61 29.29 -11.56 -9.45
C PRO A 61 29.44 -11.13 -10.89
N TRP A 62 29.16 -9.87 -11.15
CA TRP A 62 29.22 -9.37 -12.52
C TRP A 62 30.23 -8.23 -12.66
N PRO A 63 31.19 -8.31 -13.60
CA PRO A 63 31.45 -9.34 -14.58
C PRO A 63 32.06 -10.60 -14.00
N SER A 64 31.70 -11.71 -14.62
CA SER A 64 32.25 -12.99 -14.29
C SER A 64 31.65 -13.99 -15.23
N ASP A 65 32.21 -15.17 -15.27
CA ASP A 65 31.66 -16.13 -16.21
C ASP A 65 30.85 -17.09 -15.41
N SER A 66 29.88 -16.59 -14.64
CA SER A 66 29.07 -17.51 -13.82
C SER A 66 27.80 -17.94 -14.53
N PHE A 67 28.00 -18.45 -15.73
CA PHE A 67 26.89 -18.91 -16.56
C PHE A 67 26.95 -20.40 -16.44
N TYR A 68 25.81 -21.07 -16.25
CA TYR A 68 25.66 -22.51 -16.05
C TYR A 68 24.45 -23.00 -16.81
N PRO A 69 24.51 -24.28 -17.20
CA PRO A 69 23.46 -24.94 -17.92
C PRO A 69 22.16 -24.96 -17.17
N LEU A 70 21.09 -24.66 -17.85
CA LEU A 70 19.80 -24.90 -17.25
C LEU A 70 19.52 -26.32 -17.66
N THR A 71 19.37 -27.19 -16.68
CA THR A 71 19.27 -28.62 -16.94
C THR A 71 17.88 -29.21 -17.22
N GLY A 72 17.15 -29.55 -16.17
CA GLY A 72 15.89 -30.26 -16.33
C GLY A 72 14.61 -29.50 -16.60
N GLY A 73 13.72 -30.15 -17.34
CA GLY A 73 12.41 -29.60 -17.65
C GLY A 73 12.29 -28.76 -18.90
N TYR A 74 13.38 -28.65 -19.66
CA TYR A 74 13.44 -27.79 -20.85
C TYR A 74 13.40 -28.50 -22.21
N ASP A 75 13.39 -29.84 -22.25
CA ASP A 75 13.37 -30.59 -23.53
C ASP A 75 12.21 -30.25 -24.44
N HIS A 76 11.00 -30.16 -23.88
CA HIS A 76 9.87 -29.84 -24.72
CA HIS A 76 9.84 -29.80 -24.68
C HIS A 76 9.99 -28.40 -25.27
N PHE A 77 10.50 -27.52 -24.44
CA PHE A 77 10.64 -26.12 -24.84
C PHE A 77 11.72 -25.99 -25.92
N ILE A 78 12.83 -26.67 -25.72
CA ILE A 78 13.86 -26.67 -26.75
C ILE A 78 13.38 -27.25 -28.07
N GLN A 79 12.52 -28.26 -28.05
CA GLN A 79 12.01 -28.83 -29.28
CA GLN A 79 12.00 -28.84 -29.30
C GLN A 79 11.09 -27.82 -30.00
N GLN A 80 10.36 -27.02 -29.21
CA GLN A 80 9.51 -25.93 -29.77
C GLN A 80 10.37 -24.82 -30.38
N LEU A 81 11.49 -24.51 -29.74
CA LEU A 81 12.33 -23.42 -30.31
C LEU A 81 12.90 -23.85 -31.64
N GLU A 82 12.98 -25.17 -31.85
CA GLU A 82 13.61 -25.72 -33.03
C GLU A 82 12.69 -25.90 -34.21
N VAL A 83 11.43 -25.55 -34.11
CA VAL A 83 10.47 -25.63 -35.23
C VAL A 83 10.68 -24.41 -36.12
N PRO A 84 10.68 -24.56 -37.46
CA PRO A 84 10.89 -23.40 -38.37
C PRO A 84 9.81 -22.34 -38.26
N VAL A 85 10.20 -21.11 -38.34
CA VAL A 85 9.26 -19.99 -38.12
C VAL A 85 9.33 -19.21 -39.41
N ARG A 86 8.19 -18.87 -39.92
CA ARG A 86 8.16 -18.12 -41.13
C ARG A 86 7.99 -16.70 -40.69
N PHE A 87 8.65 -15.76 -41.37
CA PHE A 87 8.34 -14.37 -41.11
C PHE A 87 8.34 -13.53 -42.39
N ASP A 88 7.53 -12.47 -42.44
CA ASP A 88 7.56 -11.54 -43.57
C ASP A 88 8.64 -10.53 -43.28
N TYR A 89 9.44 -10.22 -44.28
CA TYR A 89 10.54 -9.28 -44.14
C TYR A 89 10.73 -8.63 -45.50
N SER A 90 10.61 -7.33 -45.52
N SER A 90 10.50 -7.33 -45.57
CA SER A 90 10.73 -6.57 -46.76
CA SER A 90 10.71 -6.57 -46.80
C SER A 90 11.34 -5.21 -46.46
C SER A 90 11.31 -5.22 -46.48
N ALA A 91 12.39 -4.90 -47.21
CA ALA A 91 13.16 -3.67 -47.04
C ALA A 91 13.51 -3.52 -45.57
N GLY A 92 13.91 -4.62 -44.92
CA GLY A 92 14.28 -4.48 -43.51
C GLY A 92 13.13 -4.37 -42.50
N ARG A 93 11.86 -4.39 -42.86
CA ARG A 93 10.78 -4.33 -41.86
C ARG A 93 10.16 -5.73 -41.66
N ILE A 94 10.11 -6.21 -40.41
CA ILE A 94 9.49 -7.47 -40.06
C ILE A 94 7.97 -7.28 -40.14
N GLY A 95 7.23 -8.21 -40.70
CA GLY A 95 5.79 -8.00 -40.65
C GLY A 95 5.20 -9.08 -39.74
N ASP A 96 4.46 -10.07 -40.26
CA ASP A 96 3.92 -11.08 -39.40
C ASP A 96 4.89 -12.26 -39.25
N ILE A 97 4.77 -12.99 -38.14
CA ILE A 97 5.55 -14.15 -37.76
C ILE A 97 4.55 -15.33 -37.70
N TYR A 98 4.91 -16.49 -38.21
CA TYR A 98 3.98 -17.66 -38.24
C TYR A 98 4.70 -18.86 -37.64
N ALA A 99 4.07 -19.55 -36.70
CA ALA A 99 4.67 -20.73 -36.05
C ALA A 99 3.48 -21.60 -35.66
N PRO A 100 3.67 -22.93 -35.66
CA PRO A 100 2.58 -23.88 -35.32
C PRO A 100 2.03 -23.60 -33.88
N PRO A 101 0.77 -23.95 -33.57
CA PRO A 101 0.20 -23.70 -32.22
C PRO A 101 0.95 -24.46 -31.14
N GLN A 102 1.62 -25.57 -31.45
CA GLN A 102 2.39 -26.23 -30.41
C GLN A 102 3.66 -25.46 -29.98
N VAL A 103 4.03 -24.51 -30.83
CA VAL A 103 5.16 -23.66 -30.49
C VAL A 103 4.53 -22.56 -29.63
N THR A 104 4.75 -22.60 -28.33
CA THR A 104 4.09 -21.63 -27.40
C THR A 104 4.47 -20.16 -27.62
N ASP A 105 3.61 -19.22 -27.23
CA ASP A 105 4.00 -17.82 -27.40
C ASP A 105 5.34 -17.46 -26.75
N THR A 106 5.71 -18.22 -25.72
CA THR A 106 6.96 -17.93 -25.08
C THR A 106 8.06 -18.18 -26.08
N ALA A 107 7.90 -19.27 -26.81
CA ALA A 107 8.93 -19.64 -27.76
C ALA A 107 8.84 -18.63 -28.95
N VAL A 108 7.63 -18.18 -29.29
CA VAL A 108 7.62 -17.22 -30.39
C VAL A 108 8.26 -15.92 -29.89
N ASN A 109 8.06 -15.52 -28.63
CA ASN A 109 8.60 -14.23 -28.16
C ASN A 109 10.13 -14.29 -28.17
N ILE A 110 10.71 -15.44 -27.76
CA ILE A 110 12.14 -15.50 -27.95
C ILE A 110 12.55 -15.35 -29.40
N VAL A 111 11.80 -15.91 -30.35
CA VAL A 111 12.14 -15.68 -31.75
C VAL A 111 12.00 -14.16 -32.11
N ARG A 112 11.00 -13.48 -31.55
CA ARG A 112 10.82 -12.08 -31.91
C ARG A 112 12.08 -11.34 -31.40
N GLY A 113 12.70 -11.84 -30.31
CA GLY A 113 13.91 -11.14 -29.84
C GLY A 113 15.05 -11.24 -30.87
N ILE A 114 15.15 -12.36 -31.52
CA ILE A 114 16.17 -12.46 -32.57
C ILE A 114 15.70 -11.60 -33.74
N LEU A 115 14.46 -11.81 -34.18
CA LEU A 115 14.06 -11.03 -35.36
C LEU A 115 14.16 -9.54 -35.18
N ASN A 116 13.98 -9.08 -33.93
CA ASN A 116 14.11 -7.64 -33.63
C ASN A 116 15.44 -7.07 -34.10
N LEU A 117 16.50 -7.86 -34.08
CA LEU A 117 17.76 -7.33 -34.55
C LEU A 117 17.77 -7.03 -36.05
N PHE A 118 16.99 -7.76 -36.81
CA PHE A 118 16.91 -7.61 -38.24
C PHE A 118 15.99 -6.44 -38.64
N GLN A 119 15.35 -5.76 -37.70
CA GLN A 119 14.50 -4.59 -38.04
C GLN A 119 15.46 -3.43 -38.35
N LEU A 120 15.50 -2.99 -39.59
CA LEU A 120 16.48 -2.00 -40.07
C LEU A 120 15.77 -1.03 -40.96
N SER A 121 15.46 0.13 -40.46
CA SER A 121 14.69 1.08 -41.22
C SER A 121 15.62 2.04 -41.95
N LEU A 122 16.47 1.57 -42.82
CA LEU A 122 17.45 2.50 -43.35
C LEU A 122 16.88 3.41 -44.46
N LYS A 123 17.13 4.71 -44.35
CA LYS A 123 16.71 5.66 -45.37
C LYS A 123 17.95 5.99 -46.20
N LYS A 124 17.92 5.48 -47.43
CA LYS A 124 19.03 5.46 -48.39
C LYS A 124 20.23 6.39 -48.21
N ASN A 125 20.06 7.71 -48.18
CA ASN A 125 21.25 8.56 -48.07
C ASN A 125 21.26 9.56 -46.92
N GLN A 126 20.36 9.37 -45.96
CA GLN A 126 20.37 10.14 -44.72
C GLN A 126 21.30 9.53 -43.65
N GLN A 127 22.31 10.27 -43.22
CA GLN A 127 23.32 9.83 -42.24
C GLN A 127 22.73 9.68 -40.81
N THR A 128 21.75 10.48 -40.45
CA THR A 128 21.16 10.35 -39.14
CA THR A 128 21.18 10.48 -39.12
C THR A 128 19.71 10.70 -39.26
N PHE A 129 18.89 9.87 -38.66
CA PHE A 129 17.47 10.09 -38.74
C PHE A 129 16.78 9.37 -37.59
N GLU A 130 15.51 9.64 -37.41
CA GLU A 130 14.79 9.14 -36.29
C GLU A 130 13.38 8.82 -36.72
N LEU A 131 12.69 7.99 -35.97
CA LEU A 131 11.31 7.61 -36.28
C LEU A 131 10.79 6.68 -35.17
N GLN A 132 9.48 6.61 -35.03
CA GLN A 132 8.80 5.65 -34.20
C GLN A 132 8.83 4.30 -34.98
N GLU A 133 9.57 3.35 -34.44
CA GLU A 133 9.85 2.07 -35.07
C GLU A 133 9.40 0.90 -34.16
N THR A 134 8.71 -0.03 -34.75
CA THR A 134 8.21 -1.25 -34.12
C THR A 134 9.45 -2.13 -33.80
N GLY A 135 9.39 -2.69 -32.60
CA GLY A 135 10.33 -3.67 -32.11
C GLY A 135 9.53 -4.53 -31.17
N VAL A 136 10.24 -5.48 -30.58
CA VAL A 136 9.64 -6.46 -29.68
C VAL A 136 9.07 -5.72 -28.50
N GLU A 137 9.70 -4.60 -28.12
CA GLU A 137 9.22 -3.83 -26.97
C GLU A 137 8.01 -2.91 -27.28
N GLY A 138 7.63 -2.83 -28.55
CA GLY A 138 6.55 -1.86 -28.87
C GLY A 138 7.05 -0.94 -29.98
N ILE A 139 6.39 0.19 -30.18
CA ILE A 139 6.77 1.15 -31.21
C ILE A 139 7.36 2.33 -30.46
N CYS A 140 8.68 2.49 -30.49
CA CYS A 140 9.23 3.66 -29.84
CA CYS A 140 9.36 3.53 -29.78
C CYS A 140 10.15 4.46 -30.71
N GLN A 141 10.47 5.61 -30.16
CA GLN A 141 11.36 6.57 -30.78
C GLN A 141 12.72 5.87 -31.01
N THR A 142 13.17 5.84 -32.27
CA THR A 142 14.45 5.21 -32.63
C THR A 142 15.29 6.16 -33.46
N THR A 143 16.57 6.29 -33.14
CA THR A 143 17.45 7.12 -33.90
C THR A 143 18.57 6.27 -34.44
N TYR A 144 18.93 6.57 -35.68
CA TYR A 144 20.01 5.92 -36.46
C TYR A 144 21.11 6.88 -36.80
N VAL A 145 22.35 6.36 -36.76
CA VAL A 145 23.51 6.99 -37.33
C VAL A 145 24.14 6.00 -38.31
N VAL A 146 24.22 6.40 -39.57
CA VAL A 146 24.78 5.49 -40.56
C VAL A 146 26.16 6.04 -41.00
N GLN A 147 27.20 5.25 -40.95
CA GLN A 147 28.56 5.69 -41.25
C GLN A 147 29.15 4.74 -42.25
N GLU A 148 30.19 5.16 -42.92
CA GLU A 148 30.88 4.20 -43.76
C GLU A 148 31.94 3.48 -42.96
N GLY A 149 31.95 2.16 -43.02
CA GLY A 149 33.01 1.40 -42.39
C GLY A 149 34.20 1.45 -43.34
N TYR A 150 35.21 0.62 -43.13
CA TYR A 150 36.38 0.67 -44.00
C TYR A 150 36.43 -0.40 -45.08
N ARG A 151 36.12 -1.66 -44.81
CA ARG A 151 36.01 -2.49 -45.98
C ARG A 151 35.04 -1.68 -46.85
N THR A 152 34.85 -2.12 -48.06
CA THR A 152 34.00 -1.43 -49.00
C THR A 152 32.55 -2.02 -48.98
N ASN A 153 31.53 -1.28 -49.39
CA ASN A 153 30.17 -1.81 -49.35
C ASN A 153 29.67 -1.88 -47.91
N GLU A 154 30.62 -1.97 -46.93
CA GLU A 154 30.37 -2.23 -45.51
CA GLU A 154 30.31 -2.25 -45.52
C GLU A 154 29.92 -0.88 -44.93
N MET A 155 28.98 -0.91 -44.00
CA MET A 155 28.54 0.26 -43.28
C MET A 155 28.44 -0.11 -41.81
N ALA A 156 28.62 0.91 -40.98
CA ALA A 156 28.48 0.77 -39.54
C ALA A 156 27.17 1.49 -39.27
N VAL A 157 26.23 0.81 -38.64
CA VAL A 157 24.99 1.48 -38.35
C VAL A 157 24.79 1.30 -36.85
N VAL A 158 24.26 2.32 -36.23
CA VAL A 158 24.03 2.16 -34.82
C VAL A 158 22.72 2.81 -34.56
N LYS A 159 21.83 2.10 -33.89
CA LYS A 159 20.53 2.72 -33.61
C LYS A 159 20.19 2.61 -32.13
N THR A 160 19.38 3.54 -31.67
CA THR A 160 19.16 3.57 -30.28
C THR A 160 17.69 3.88 -30.04
N LYS A 161 17.15 3.18 -29.07
CA LYS A 161 15.75 3.32 -28.80
C LYS A 161 15.48 4.00 -27.50
N ASP A 162 14.63 5.00 -27.53
CA ASP A 162 14.28 5.62 -26.25
C ASP A 162 13.00 4.91 -25.83
N LEU A 163 13.15 3.95 -24.90
CA LEU A 163 12.06 3.10 -24.56
C LEU A 163 11.00 3.80 -23.65
N ASN A 164 11.28 5.01 -23.19
CA ASN A 164 10.29 5.81 -22.50
C ASN A 164 9.61 6.80 -23.43
N ASN A 165 9.88 6.72 -24.73
CA ASN A 165 9.13 7.60 -25.69
C ASN A 165 8.54 6.73 -26.81
N CYS A 166 7.43 6.15 -26.53
CA CYS A 166 6.87 5.12 -27.34
CA CYS A 166 6.92 5.19 -27.45
C CYS A 166 5.47 5.45 -27.80
N ASP A 167 5.14 5.32 -29.09
CA ASP A 167 3.73 5.41 -29.46
C ASP A 167 3.02 4.20 -28.87
N HIS A 168 3.73 3.07 -28.66
CA HIS A 168 3.01 2.01 -28.03
C HIS A 168 4.00 1.17 -27.24
N LYS A 169 3.76 1.06 -25.99
CA LYS A 169 4.65 0.35 -25.12
C LYS A 169 3.97 -0.96 -24.77
N VAL A 170 4.63 -2.09 -24.91
CA VAL A 170 4.02 -3.34 -24.53
C VAL A 170 4.31 -3.57 -23.03
N TYR A 171 3.26 -3.78 -22.25
CA TYR A 171 3.43 -4.07 -20.82
C TYR A 171 2.10 -4.47 -20.19
N LYS A 172 2.16 -5.14 -19.06
CA LYS A 172 0.96 -5.54 -18.34
C LYS A 172 1.20 -5.17 -16.89
N THR A 173 0.14 -4.79 -16.22
CA THR A 173 0.14 -4.47 -14.78
C THR A 173 -0.98 -5.19 -14.02
N MET A 174 -0.78 -5.32 -12.72
CA MET A 174 -1.74 -5.87 -11.80
C MET A 174 -1.61 -5.02 -10.59
N GLY A 175 -2.73 -4.65 -10.01
CA GLY A 175 -2.67 -3.95 -8.75
C GLY A 175 -2.54 -2.42 -8.83
N THR A 176 -2.63 -1.81 -9.95
CA THR A 176 -2.22 -0.39 -10.00
C THR A 176 -3.45 0.42 -10.39
N ALA A 177 -4.63 -0.23 -10.38
CA ALA A 177 -5.80 0.51 -10.87
C ALA A 177 -6.11 1.83 -10.09
N TYR A 178 -5.88 1.83 -8.79
CA TYR A 178 -6.22 2.99 -7.95
C TYR A 178 -5.10 4.03 -7.86
N ALA A 179 -3.97 3.77 -8.48
CA ALA A 179 -2.85 4.67 -8.48
C ALA A 179 -3.22 5.80 -9.44
N GLU A 180 -3.02 7.09 -9.10
CA GLU A 180 -3.26 8.18 -10.08
C GLU A 180 -1.92 8.86 -10.35
N ARG A 181 -1.64 8.98 -11.61
CA ARG A 181 -0.45 9.63 -12.14
C ARG A 181 -0.32 11.04 -11.51
N CYS A 182 0.83 11.34 -10.94
CA CYS A 182 1.10 12.66 -10.38
C CYS A 182 2.15 13.32 -11.26
N PRO A 183 1.69 14.03 -12.32
CA PRO A 183 2.52 14.74 -13.31
C PRO A 183 3.67 15.54 -12.70
N THR A 184 3.42 16.16 -11.56
CA THR A 184 4.49 16.94 -11.01
C THR A 184 5.57 16.04 -10.46
N CYS A 185 5.15 15.08 -9.63
CA CYS A 185 6.10 14.12 -9.11
C CYS A 185 6.84 13.45 -10.29
N GLN A 186 6.17 13.23 -11.44
CA GLN A 186 6.91 12.51 -12.49
C GLN A 186 7.92 13.45 -13.17
N LYS A 187 7.72 14.75 -13.09
CA LYS A 187 8.76 15.53 -13.73
C LYS A 187 9.94 15.59 -12.80
N MET A 188 9.75 15.39 -11.49
CA MET A 188 10.88 15.40 -10.55
C MET A 188 11.73 14.15 -10.71
N ASN A 189 11.11 13.00 -11.03
CA ASN A 189 11.87 11.77 -11.10
C ASN A 189 11.10 10.70 -11.88
N LYS A 190 11.80 9.89 -12.66
CA LYS A 190 11.14 8.85 -13.48
C LYS A 190 11.58 7.51 -12.97
N ASN A 191 10.64 6.63 -12.65
CA ASN A 191 11.06 5.45 -11.94
C ASN A 191 11.68 4.34 -12.77
N LEU A 192 11.22 4.14 -13.99
CA LEU A 192 11.80 3.02 -14.76
C LEU A 192 12.33 3.60 -16.04
N ARG A 193 13.63 3.70 -16.19
CA ARG A 193 14.12 4.36 -17.40
C ARG A 193 14.79 3.25 -18.23
N SER A 194 14.54 3.24 -19.49
CA SER A 194 14.98 2.11 -20.31
C SER A 194 15.48 2.67 -21.63
N THR A 195 16.53 2.01 -22.14
CA THR A 195 17.06 2.37 -23.42
C THR A 195 17.81 1.16 -24.00
N ALA A 196 17.85 1.10 -25.32
CA ALA A 196 18.51 -0.03 -26.00
C ALA A 196 19.32 0.50 -27.15
N VAL A 197 20.51 -0.03 -27.38
CA VAL A 197 21.34 0.49 -28.39
C VAL A 197 21.77 -0.71 -29.23
N TYR A 198 21.54 -0.62 -30.52
CA TYR A 198 21.91 -1.76 -31.42
C TYR A 198 23.02 -1.21 -32.32
N ASN A 199 24.12 -1.97 -32.40
CA ASN A 199 25.35 -1.68 -33.13
CA ASN A 199 25.30 -1.63 -33.18
C ASN A 199 25.59 -2.76 -34.20
N TYR A 200 25.60 -2.34 -35.47
CA TYR A 200 25.70 -3.22 -36.63
C TYR A 200 26.85 -2.98 -37.61
N ALA A 201 27.36 -4.08 -38.14
CA ALA A 201 28.25 -4.07 -39.29
C ALA A 201 27.40 -4.64 -40.43
N ILE A 202 27.07 -3.83 -41.42
CA ILE A 202 26.15 -4.24 -42.48
C ILE A 202 26.75 -4.18 -43.87
N PHE A 203 26.33 -5.11 -44.73
CA PHE A 203 26.82 -5.14 -46.12
C PHE A 203 25.73 -4.64 -47.02
N ASP A 204 25.96 -3.59 -47.79
CA ASP A 204 24.99 -3.07 -48.75
C ASP A 204 25.11 -3.88 -50.03
N GLU A 205 24.27 -4.90 -50.19
CA GLU A 205 24.27 -5.68 -51.43
C GLU A 205 22.94 -5.56 -52.18
N PRO A 206 23.00 -5.55 -53.52
CA PRO A 206 21.81 -5.46 -54.37
C PRO A 206 20.60 -6.22 -53.81
N SER A 207 20.83 -7.36 -53.15
CA SER A 207 19.71 -8.07 -52.54
C SER A 207 19.02 -7.21 -51.45
N GLY A 208 19.77 -6.26 -50.89
CA GLY A 208 19.30 -5.45 -49.77
C GLY A 208 20.29 -5.52 -48.60
N TYR A 209 20.12 -4.71 -47.58
CA TYR A 209 21.07 -4.74 -46.46
C TYR A 209 21.17 -6.12 -45.76
N ILE A 210 22.38 -6.66 -45.67
CA ILE A 210 22.55 -7.86 -44.87
C ILE A 210 23.51 -7.67 -43.68
N ILE A 211 23.07 -8.19 -42.56
CA ILE A 211 23.81 -8.00 -41.36
C ILE A 211 24.93 -9.01 -41.29
N LYS A 212 26.14 -8.49 -41.11
CA LYS A 212 27.35 -9.27 -40.83
CA LYS A 212 27.36 -9.20 -40.81
C LYS A 212 27.43 -9.47 -39.31
N SER A 213 27.26 -8.39 -38.50
CA SER A 213 27.19 -8.68 -37.06
C SER A 213 26.32 -7.65 -36.36
N ALA A 214 25.69 -8.04 -35.25
CA ALA A 214 24.89 -7.07 -34.49
C ALA A 214 25.20 -7.24 -33.04
N HIS A 215 25.32 -6.13 -32.30
CA HIS A 215 25.37 -6.35 -30.87
C HIS A 215 24.36 -5.40 -30.21
N SER A 216 23.64 -5.89 -29.23
CA SER A 216 22.74 -4.95 -28.56
C SER A 216 23.10 -4.86 -27.10
N GLU A 217 22.72 -3.75 -26.54
CA GLU A 217 22.89 -3.57 -25.14
C GLU A 217 21.59 -2.85 -24.70
N GLU A 218 20.90 -3.33 -23.69
CA GLU A 218 19.70 -2.61 -23.23
C GLU A 218 19.72 -2.47 -21.71
N ILE A 219 19.30 -1.34 -21.16
CA ILE A 219 19.32 -1.21 -19.70
C ILE A 219 17.92 -0.83 -19.27
N GLN A 220 17.40 -1.51 -18.27
CA GLN A 220 16.11 -1.17 -17.66
C GLN A 220 16.53 -0.79 -16.26
N GLN A 221 16.36 0.48 -15.89
CA GLN A 221 16.85 0.98 -14.61
C GLN A 221 15.69 1.51 -13.76
N LEU A 222 15.49 0.84 -12.66
CA LEU A 222 14.42 1.07 -11.76
C LEU A 222 14.93 1.93 -10.59
N SER A 223 14.26 3.05 -10.37
CA SER A 223 14.57 3.87 -9.23
C SER A 223 13.33 3.90 -8.38
N VAL A 224 13.37 3.25 -7.24
CA VAL A 224 12.14 3.26 -6.47
CA VAL A 224 12.25 3.18 -6.33
C VAL A 224 12.09 4.53 -5.66
N PHE A 225 13.25 5.18 -5.49
CA PHE A 225 13.32 6.44 -4.74
C PHE A 225 13.79 7.46 -5.75
N ASP A 226 14.31 8.60 -5.30
CA ASP A 226 14.95 9.47 -6.27
C ASP A 226 16.06 8.70 -7.02
N ILE A 227 16.39 9.13 -8.22
CA ILE A 227 17.34 8.43 -9.09
C ILE A 227 18.73 8.34 -8.43
N LYS A 228 19.10 9.28 -7.53
CA LYS A 228 20.43 9.16 -6.92
CA LYS A 228 20.41 9.23 -6.87
C LYS A 228 20.41 8.33 -5.64
N GLU A 229 19.30 7.67 -5.35
CA GLU A 229 19.24 6.91 -4.12
C GLU A 229 19.32 5.41 -4.38
N GLY A 230 19.93 5.05 -5.52
CA GLY A 230 20.21 3.67 -5.81
C GLY A 230 19.24 3.05 -6.77
N ASN A 231 19.72 2.25 -7.68
CA ASN A 231 18.84 1.71 -8.70
C ASN A 231 19.03 0.23 -8.79
N VAL A 232 18.05 -0.45 -9.30
CA VAL A 232 18.23 -1.86 -9.56
CA VAL A 232 18.27 -1.86 -9.56
C VAL A 232 18.25 -1.93 -11.08
N VAL A 233 19.02 -2.81 -11.67
CA VAL A 233 19.09 -2.74 -13.12
C VAL A 233 18.97 -4.10 -13.80
N ILE A 234 18.21 -4.15 -14.89
CA ILE A 234 18.29 -5.29 -15.79
C ILE A 234 19.07 -4.86 -17.04
N GLU A 235 20.16 -5.58 -17.30
CA GLU A 235 21.02 -5.32 -18.45
C GLU A 235 20.92 -6.55 -19.33
N SER A 236 20.58 -6.34 -20.61
CA SER A 236 20.44 -7.46 -21.57
C SER A 236 21.41 -7.21 -22.73
N ARG A 237 21.92 -8.24 -23.37
CA ARG A 237 22.85 -8.10 -24.48
C ARG A 237 22.58 -9.27 -25.39
N GLN A 238 22.60 -8.97 -26.68
CA GLN A 238 22.57 -9.99 -27.74
C GLN A 238 23.79 -9.79 -28.63
N LYS A 239 24.28 -10.91 -29.17
CA LYS A 239 25.36 -10.90 -30.16
C LYS A 239 24.94 -11.88 -31.26
N LEU A 240 24.90 -11.34 -32.46
CA LEU A 240 24.49 -12.03 -33.65
C LEU A 240 25.66 -11.87 -34.66
N ILE A 241 26.15 -13.01 -35.22
CA ILE A 241 27.36 -12.93 -36.11
C ILE A 241 27.07 -13.83 -37.29
N LEU A 242 27.12 -13.22 -38.47
CA LEU A 242 26.96 -14.01 -39.69
C LEU A 242 28.19 -14.93 -39.87
N GLU A 243 27.94 -16.21 -39.96
CA GLU A 243 28.92 -17.27 -40.11
C GLU A 243 28.97 -17.81 -41.58
N GLY A 244 27.96 -17.62 -42.40
CA GLY A 244 28.13 -18.09 -43.76
C GLY A 244 26.89 -17.84 -44.51
N ILE A 245 27.01 -17.68 -45.81
CA ILE A 245 25.88 -17.58 -46.72
C ILE A 245 26.06 -18.71 -47.73
N GLN A 246 25.02 -19.51 -47.94
CA GLN A 246 25.03 -20.70 -48.82
C GLN A 246 23.83 -20.70 -49.73
N SER A 247 24.05 -21.28 -50.90
CA SER A 247 22.95 -21.53 -51.84
C SER A 247 22.20 -22.75 -51.34
N ALA A 248 20.89 -22.67 -51.34
CA ALA A 248 20.08 -23.79 -50.89
C ALA A 248 19.29 -24.31 -52.08
N PRO A 249 19.25 -25.64 -52.26
CA PRO A 249 18.52 -26.26 -53.38
C PRO A 249 16.99 -26.09 -53.43
N ALA A 250 16.40 -26.72 -54.44
CA ALA A 250 14.98 -26.65 -54.76
C ALA A 250 14.09 -26.66 -53.53
N ALA A 251 13.36 -25.56 -53.39
CA ALA A 251 12.53 -25.22 -52.24
C ALA A 251 11.72 -26.31 -51.54
N SER A 252 10.41 -26.10 -51.58
CA SER A 252 9.43 -26.81 -50.77
C SER A 252 9.56 -26.23 -49.37
N GLN A 253 8.94 -25.06 -49.22
CA GLN A 253 8.93 -24.33 -47.96
C GLN A 253 8.35 -25.25 -46.89
N ALA A 254 8.97 -25.28 -45.72
CA ALA A 254 8.50 -26.20 -44.68
C ALA A 254 7.86 -25.50 -43.48
N ALA A 255 7.74 -24.18 -43.53
CA ALA A 255 7.26 -23.43 -42.34
C ALA A 255 5.78 -23.23 -42.27
N SER A 256 5.29 -23.07 -41.04
CA SER A 256 3.87 -22.90 -40.80
C SER A 256 3.28 -21.68 -41.51
N LEU A 257 1.98 -21.66 -41.59
CA LEU A 257 1.25 -20.51 -42.09
C LEU A 257 0.34 -20.06 -40.98
N GLN A 258 0.60 -20.53 -39.75
CA GLN A 258 -0.29 -20.05 -38.66
C GLN A 258 0.19 -18.66 -38.20
N ASN A 259 -0.64 -17.62 -38.37
CA ASN A 259 -0.18 -16.25 -38.11
C ASN A 259 -0.19 -16.01 -36.61
N ARG A 260 0.96 -15.63 -36.06
CA ARG A 260 1.05 -15.40 -34.62
C ARG A 260 1.16 -13.93 -34.30
N GLY A 261 0.90 -13.08 -35.29
CA GLY A 261 0.98 -11.64 -35.05
C GLY A 261 2.34 -11.01 -35.49
N GLY A 262 2.52 -9.72 -35.20
CA GLY A 262 3.71 -9.00 -35.57
C GLY A 262 4.90 -9.16 -34.65
N LEU A 263 5.84 -8.25 -34.80
CA LEU A 263 7.10 -8.36 -34.09
C LEU A 263 7.01 -8.05 -32.61
N MET A 264 6.02 -7.23 -32.22
CA MET A 264 5.90 -6.87 -30.80
CA MET A 264 5.83 -6.86 -30.81
C MET A 264 5.63 -8.07 -29.92
N TYR A 265 6.25 -8.07 -28.76
CA TYR A 265 6.05 -9.15 -27.81
C TYR A 265 4.56 -9.39 -27.53
N LYS A 266 4.17 -10.65 -27.37
CA LYS A 266 2.78 -10.95 -27.08
C LYS A 266 2.73 -11.69 -25.75
N PHE A 267 2.01 -11.12 -24.81
CA PHE A 267 1.86 -11.75 -23.51
C PHE A 267 0.99 -12.99 -23.59
N PRO A 268 1.53 -14.14 -23.11
CA PRO A 268 0.76 -15.39 -23.08
C PRO A 268 -0.49 -15.09 -22.28
N SER A 269 -1.55 -15.79 -22.58
CA SER A 269 -2.83 -15.60 -21.92
C SER A 269 -2.75 -15.68 -20.39
N SER A 270 -3.38 -14.70 -19.76
CA SER A 270 -3.43 -14.60 -18.32
C SER A 270 -2.08 -14.58 -17.68
N ALA A 271 -1.02 -14.19 -18.37
CA ALA A 271 0.31 -14.34 -17.76
C ALA A 271 0.42 -13.56 -16.47
N ILE A 272 -0.22 -12.37 -16.45
CA ILE A 272 -0.05 -11.50 -15.29
C ILE A 272 -0.49 -12.14 -13.96
N THR A 273 -1.40 -13.12 -14.00
CA THR A 273 -1.79 -13.79 -12.72
C THR A 273 -1.26 -15.19 -12.57
N LYS A 274 -1.29 -15.90 -13.65
CA LYS A 274 -0.93 -17.31 -13.65
CA LYS A 274 -0.92 -17.31 -13.65
C LYS A 274 0.58 -17.54 -13.54
N MET A 275 1.31 -16.69 -14.20
CA MET A 275 2.71 -16.97 -14.19
C MET A 275 3.26 -16.23 -13.00
N SER A 276 3.63 -16.93 -11.95
CA SER A 276 4.25 -16.45 -10.73
C SER A 276 5.77 -16.21 -10.81
N SER A 277 6.26 -15.21 -10.03
CA SER A 277 7.67 -14.85 -9.90
CA SER A 277 7.72 -14.99 -10.01
C SER A 277 8.41 -15.77 -8.92
N LEU A 278 7.62 -16.34 -8.03
CA LEU A 278 8.18 -17.03 -6.89
C LEU A 278 8.12 -18.52 -6.96
N PHE A 279 7.11 -18.99 -7.69
CA PHE A 279 6.71 -20.40 -7.72
C PHE A 279 6.58 -20.92 -9.14
N VAL A 280 7.23 -22.04 -9.42
CA VAL A 280 7.00 -22.74 -10.69
C VAL A 280 5.77 -23.59 -10.57
N THR A 281 4.78 -23.33 -11.37
CA THR A 281 3.60 -24.15 -11.28
C THR A 281 3.43 -25.02 -12.53
N LYS A 282 4.07 -24.68 -13.63
CA LYS A 282 3.86 -25.45 -14.87
C LYS A 282 4.42 -26.82 -14.67
N GLY A 283 3.70 -27.82 -15.15
CA GLY A 283 4.18 -29.19 -15.10
C GLY A 283 3.98 -29.86 -13.76
N LYS A 284 3.36 -29.20 -12.82
CA LYS A 284 3.20 -29.84 -11.52
C LYS A 284 1.79 -30.33 -11.43
N ASN A 285 1.61 -31.21 -10.50
CA ASN A 285 0.31 -31.76 -10.19
C ASN A 285 -0.38 -30.70 -9.32
N LEU A 286 -1.29 -29.94 -9.89
CA LEU A 286 -1.87 -28.77 -9.22
C LEU A 286 -2.72 -29.10 -8.00
N GLU A 287 -3.77 -29.84 -8.22
CA GLU A 287 -4.69 -30.27 -7.15
C GLU A 287 -3.93 -30.85 -5.95
N SER A 288 -2.82 -31.48 -6.22
CA SER A 288 -1.98 -32.13 -5.22
CA SER A 288 -2.07 -32.10 -5.16
C SER A 288 -1.16 -31.11 -4.45
N GLU A 289 -0.59 -30.18 -5.20
CA GLU A 289 0.23 -29.20 -4.56
C GLU A 289 -0.72 -28.38 -3.65
N ILE A 290 -1.92 -28.17 -4.10
CA ILE A 290 -2.83 -27.28 -3.40
C ILE A 290 -3.20 -27.97 -2.11
N HIS A 291 -3.46 -29.27 -2.21
CA HIS A 291 -3.79 -30.12 -1.06
C HIS A 291 -2.72 -30.14 0.00
N THR A 292 -1.48 -30.30 -0.40
CA THR A 292 -0.32 -30.28 0.52
C THR A 292 -0.12 -28.93 1.23
N VAL A 293 -0.09 -27.83 0.49
CA VAL A 293 0.11 -26.56 1.17
C VAL A 293 -1.11 -26.15 1.98
N LEU A 294 -2.32 -26.48 1.52
CA LEU A 294 -3.55 -26.20 2.28
C LEU A 294 -3.50 -26.99 3.61
N LYS A 295 -3.01 -28.22 3.56
CA LYS A 295 -2.89 -29.00 4.79
C LYS A 295 -1.85 -28.40 5.69
N HIS A 296 -0.73 -28.01 5.13
CA HIS A 296 0.26 -27.36 5.94
C HIS A 296 -0.25 -26.09 6.65
N LEU A 297 -0.96 -25.22 5.93
CA LEU A 297 -1.46 -24.00 6.58
C LEU A 297 -2.46 -24.30 7.68
N VAL A 298 -3.40 -25.16 7.39
CA VAL A 298 -4.42 -25.53 8.39
C VAL A 298 -3.80 -26.14 9.63
N GLU A 299 -2.94 -27.12 9.39
CA GLU A 299 -2.30 -27.88 10.47
C GLU A 299 -1.24 -27.14 11.26
N ASN A 300 -0.50 -26.24 10.63
CA ASN A 300 0.61 -25.60 11.31
C ASN A 300 0.30 -24.28 11.99
N ASN A 301 -0.90 -23.73 11.83
CA ASN A 301 -1.15 -22.46 12.51
C ASN A 301 -2.37 -22.66 13.39
N GLN A 302 -2.10 -23.41 14.43
CA GLN A 302 -3.16 -23.75 15.37
C GLN A 302 -2.99 -23.03 16.70
N LEU A 303 -1.77 -22.99 17.24
CA LEU A 303 -1.45 -22.33 18.54
C LEU A 303 -0.75 -21.00 18.31
N SER A 304 -0.15 -20.89 17.17
CA SER A 304 0.63 -19.71 16.83
CA SER A 304 0.44 -19.62 16.78
C SER A 304 0.88 -19.75 15.33
N VAL A 305 1.25 -18.61 14.76
CA VAL A 305 1.53 -18.63 13.33
C VAL A 305 2.85 -19.22 12.99
N HIS A 306 2.89 -20.11 12.01
CA HIS A 306 4.14 -20.69 11.54
CA HIS A 306 4.16 -20.65 11.58
C HIS A 306 4.89 -19.55 10.83
N GLU A 307 6.21 -19.45 11.04
CA GLU A 307 7.02 -18.37 10.45
CA GLU A 307 7.04 -18.39 10.45
C GLU A 307 6.75 -18.16 8.96
N ASP A 308 6.65 -19.23 8.19
CA ASP A 308 6.48 -19.17 6.75
C ASP A 308 5.05 -19.20 6.27
N ALA A 309 4.09 -19.01 7.18
CA ALA A 309 2.71 -19.22 6.78
C ALA A 309 2.32 -18.25 5.65
N PRO A 310 2.74 -16.97 5.74
CA PRO A 310 2.38 -16.04 4.65
C PRO A 310 2.99 -16.49 3.31
N ALA A 311 4.16 -17.09 3.35
CA ALA A 311 4.71 -17.48 2.09
C ALA A 311 3.99 -18.71 1.56
N LYS A 312 3.46 -19.59 2.44
CA LYS A 312 2.74 -20.76 1.93
C LYS A 312 1.42 -20.26 1.43
N PHE A 313 0.90 -19.23 2.08
CA PHE A 313 -0.36 -18.71 1.57
C PHE A 313 -0.10 -18.14 0.16
N LEU A 314 1.01 -17.44 -0.03
CA LEU A 314 1.34 -16.91 -1.39
C LEU A 314 1.47 -18.10 -2.36
N ARG A 315 2.00 -19.21 -1.85
CA ARG A 315 2.08 -20.41 -2.70
C ARG A 315 0.77 -21.04 -3.06
N LEU A 316 -0.08 -21.11 -2.08
CA LEU A 316 -1.39 -21.61 -2.27
C LEU A 316 -2.10 -20.78 -3.31
N THR A 317 -2.03 -19.46 -3.23
CA THR A 317 -2.70 -18.56 -4.17
CA THR A 317 -2.75 -18.64 -4.20
C THR A 317 -2.15 -18.75 -5.60
N ALA A 318 -0.83 -18.90 -5.72
CA ALA A 318 -0.20 -19.05 -7.04
C ALA A 318 -0.72 -20.30 -7.72
N PHE A 319 -0.86 -21.40 -6.95
CA PHE A 319 -1.43 -22.67 -7.47
C PHE A 319 -2.88 -22.57 -7.79
N LEU A 320 -3.65 -21.89 -6.95
CA LEU A 320 -5.08 -21.75 -7.22
C LEU A 320 -5.32 -20.98 -8.52
N ARG A 321 -4.49 -19.98 -8.79
CA ARG A 321 -4.60 -19.20 -10.00
C ARG A 321 -4.44 -20.07 -11.22
N ASN A 322 -3.91 -21.28 -11.07
CA ASN A 322 -3.72 -22.10 -12.22
C ASN A 322 -4.81 -23.18 -12.40
N VAL A 323 -5.84 -23.21 -11.56
CA VAL A 323 -6.91 -24.21 -11.69
C VAL A 323 -8.26 -23.55 -11.97
N ASP A 324 -9.14 -24.25 -12.63
CA ASP A 324 -10.44 -23.62 -12.87
C ASP A 324 -11.43 -23.85 -11.72
N ALA A 325 -12.64 -23.35 -11.95
CA ALA A 325 -13.66 -23.31 -10.90
C ALA A 325 -14.13 -24.72 -10.56
N GLY A 326 -14.01 -25.62 -11.54
CA GLY A 326 -14.26 -27.04 -11.28
C GLY A 326 -13.32 -27.65 -10.25
N VAL A 327 -12.00 -27.40 -10.33
CA VAL A 327 -11.06 -27.93 -9.32
C VAL A 327 -11.34 -27.28 -7.95
N LEU A 328 -11.69 -25.98 -7.98
CA LEU A 328 -12.05 -25.29 -6.75
CA LEU A 328 -12.01 -25.32 -6.71
C LEU A 328 -13.20 -26.05 -6.07
N GLN A 329 -14.22 -26.30 -6.87
CA GLN A 329 -15.40 -27.03 -6.39
C GLN A 329 -15.08 -28.41 -5.84
N SER A 330 -14.13 -29.15 -6.45
CA SER A 330 -13.82 -30.46 -5.95
C SER A 330 -13.08 -30.35 -4.63
N ILE A 331 -12.32 -29.28 -4.48
CA ILE A 331 -11.61 -29.15 -3.22
C ILE A 331 -12.61 -28.79 -2.12
N TRP A 332 -13.48 -27.80 -2.42
CA TRP A 332 -14.42 -27.31 -1.39
C TRP A 332 -15.30 -28.49 -0.88
N HIS A 333 -15.74 -29.25 -1.86
CA HIS A 333 -16.60 -30.42 -1.63
C HIS A 333 -15.98 -31.35 -0.58
N LYS A 334 -14.67 -31.62 -0.66
CA LYS A 334 -14.03 -32.48 0.31
CA LYS A 334 -14.03 -32.49 0.32
C LYS A 334 -13.80 -31.78 1.65
N LEU A 335 -13.76 -30.45 1.68
CA LEU A 335 -13.34 -29.95 2.99
C LEU A 335 -14.20 -28.94 3.66
N HIS A 336 -15.33 -28.65 3.03
CA HIS A 336 -16.16 -27.58 3.55
C HIS A 336 -16.76 -27.91 4.92
N GLN A 337 -16.74 -29.19 5.36
CA GLN A 337 -17.24 -29.42 6.74
C GLN A 337 -16.13 -29.38 7.78
N GLN A 338 -14.89 -29.15 7.32
CA GLN A 338 -13.86 -29.05 8.32
C GLN A 338 -13.64 -27.54 8.54
N LYS A 339 -13.94 -27.09 9.75
CA LYS A 339 -13.99 -25.68 10.07
C LYS A 339 -12.75 -24.94 9.59
N ASP A 340 -11.57 -25.54 9.73
CA ASP A 340 -10.31 -24.83 9.44
C ASP A 340 -9.96 -24.85 7.95
N TYR A 341 -10.13 -25.99 7.32
CA TYR A 341 -9.88 -26.02 5.88
C TYR A 341 -10.83 -25.06 5.23
N ARG A 342 -12.04 -25.06 5.74
CA ARG A 342 -13.05 -24.24 5.15
C ARG A 342 -12.60 -22.77 5.21
N ARG A 343 -12.24 -22.33 6.38
CA ARG A 343 -11.88 -20.95 6.56
C ARG A 343 -10.67 -20.57 5.66
N TRP A 344 -9.67 -21.48 5.51
CA TRP A 344 -8.46 -21.18 4.77
C TRP A 344 -8.78 -21.04 3.31
N ILE A 345 -9.72 -21.86 2.87
CA ILE A 345 -10.11 -21.81 1.48
C ILE A 345 -10.86 -20.54 1.10
N LEU A 346 -11.82 -20.12 1.92
CA LEU A 346 -12.57 -18.91 1.64
C LEU A 346 -11.59 -17.71 1.74
N ASP A 347 -10.61 -17.73 2.62
CA ASP A 347 -9.60 -16.68 2.62
C ASP A 347 -8.83 -16.69 1.30
N ALA A 348 -8.54 -17.86 0.78
CA ALA A 348 -7.73 -17.94 -0.42
C ALA A 348 -8.46 -17.40 -1.66
N VAL A 349 -9.81 -17.41 -1.66
CA VAL A 349 -10.62 -17.04 -2.85
C VAL A 349 -10.43 -15.62 -3.36
N PRO A 350 -10.57 -14.62 -2.48
CA PRO A 350 -10.42 -13.23 -2.84
C PRO A 350 -8.96 -13.01 -3.33
N ALA A 351 -8.02 -13.69 -2.71
CA ALA A 351 -6.60 -13.51 -3.07
C ALA A 351 -6.31 -14.02 -4.47
N MET A 352 -7.04 -15.06 -4.92
CA MET A 352 -6.78 -15.54 -6.27
C MET A 352 -6.83 -14.50 -7.35
N ALA A 353 -7.86 -13.64 -7.28
CA ALA A 353 -8.07 -12.50 -8.15
C ALA A 353 -8.50 -12.89 -9.59
N THR A 354 -8.76 -14.14 -9.85
CA THR A 354 -9.10 -14.54 -11.22
C THR A 354 -10.60 -14.73 -11.34
N SER A 355 -11.08 -14.81 -12.54
CA SER A 355 -12.50 -14.90 -12.76
C SER A 355 -13.03 -16.27 -12.40
N GLU A 356 -12.18 -17.28 -12.41
CA GLU A 356 -12.55 -18.59 -11.90
C GLU A 356 -12.91 -18.57 -10.41
N ALA A 357 -12.30 -17.68 -9.60
CA ALA A 357 -12.56 -17.60 -8.15
C ALA A 357 -13.94 -17.05 -7.96
N LEU A 358 -14.22 -16.09 -8.78
CA LEU A 358 -15.48 -15.41 -8.73
C LEU A 358 -16.60 -16.34 -9.24
N LEU A 359 -16.34 -17.14 -10.26
CA LEU A 359 -17.34 -18.14 -10.64
C LEU A 359 -17.60 -19.16 -9.49
N PHE A 360 -16.53 -19.73 -8.92
CA PHE A 360 -16.69 -20.61 -7.77
C PHE A 360 -17.57 -19.94 -6.72
N LEU A 361 -17.24 -18.69 -6.41
CA LEU A 361 -17.99 -17.90 -5.42
C LEU A 361 -19.47 -17.78 -5.76
N LYS A 362 -19.77 -17.39 -7.00
CA LYS A 362 -21.16 -17.27 -7.47
C LYS A 362 -21.92 -18.57 -7.24
N ARG A 363 -21.30 -19.70 -7.65
CA ARG A 363 -21.88 -21.01 -7.42
C ARG A 363 -22.05 -21.37 -5.93
N THR A 364 -21.05 -21.10 -5.10
CA THR A 364 -21.17 -21.44 -3.68
C THR A 364 -22.31 -20.63 -3.02
N LEU A 365 -22.38 -19.35 -3.26
CA LEU A 365 -23.44 -18.48 -2.73
C LEU A 365 -24.81 -18.97 -3.16
N ALA A 366 -25.01 -19.15 -4.45
CA ALA A 366 -26.29 -19.58 -5.04
C ALA A 366 -26.77 -20.93 -4.50
N SER A 367 -25.89 -21.86 -4.12
CA SER A 367 -26.29 -23.15 -3.57
C SER A 367 -26.38 -23.03 -2.06
N GLU A 368 -26.27 -21.81 -1.55
CA GLU A 368 -26.50 -21.58 -0.11
C GLU A 368 -25.51 -22.29 0.82
N GLN A 369 -24.27 -22.39 0.38
CA GLN A 369 -23.31 -23.07 1.23
C GLN A 369 -22.60 -22.16 2.23
N LEU A 370 -22.65 -20.85 2.06
CA LEU A 370 -21.93 -19.96 2.95
C LEU A 370 -22.91 -19.29 3.87
N THR A 371 -22.43 -18.93 5.06
CA THR A 371 -23.25 -18.15 5.94
C THR A 371 -23.23 -16.70 5.49
N SER A 372 -24.08 -15.89 6.11
CA SER A 372 -24.16 -14.47 5.80
C SER A 372 -22.85 -13.79 6.15
N ALA A 373 -22.28 -14.19 7.27
CA ALA A 373 -21.03 -13.59 7.76
C ALA A 373 -19.85 -13.95 6.86
N GLU A 374 -19.78 -15.19 6.44
CA GLU A 374 -18.68 -15.54 5.52
C GLU A 374 -18.86 -14.84 4.18
N ALA A 375 -20.12 -14.80 3.71
CA ALA A 375 -20.42 -14.18 2.42
C ALA A 375 -20.03 -12.71 2.40
N THR A 376 -20.23 -12.05 3.53
CA THR A 376 -19.93 -10.65 3.56
CA THR A 376 -19.95 -10.65 3.72
C THR A 376 -18.45 -10.40 3.70
N GLN A 377 -17.71 -11.35 4.21
CA GLN A 377 -16.28 -11.11 4.28
C GLN A 377 -15.74 -11.28 2.85
N ILE A 378 -16.30 -12.25 2.13
CA ILE A 378 -15.70 -12.73 0.89
C ILE A 378 -16.14 -12.00 -0.36
N VAL A 379 -17.41 -11.53 -0.39
CA VAL A 379 -18.00 -10.96 -1.58
C VAL A 379 -17.25 -9.66 -1.88
N ALA A 380 -16.96 -9.10 -0.73
CA ALA A 380 -16.15 -7.94 -0.46
C ALA A 380 -14.74 -8.21 -0.98
N SER A 381 -14.03 -9.09 -0.33
CA SER A 381 -12.66 -9.31 -0.73
C SER A 381 -12.59 -9.63 -2.23
N THR A 382 -13.48 -10.49 -2.70
CA THR A 382 -13.35 -11.04 -4.04
C THR A 382 -13.57 -10.10 -5.16
N LEU A 383 -14.65 -9.34 -5.09
CA LEU A 383 -14.95 -8.49 -6.24
C LEU A 383 -13.83 -7.46 -6.52
N SER A 384 -13.36 -6.92 -5.40
CA SER A 384 -12.41 -5.82 -5.43
C SER A 384 -10.99 -6.30 -5.69
N ASN A 385 -10.65 -7.53 -5.33
CA ASN A 385 -9.32 -7.99 -5.66
C ASN A 385 -9.18 -8.56 -7.06
N GLN A 386 -10.22 -8.47 -7.88
CA GLN A 386 -10.20 -9.08 -9.20
C GLN A 386 -9.23 -8.39 -10.15
N GLN A 387 -8.52 -9.20 -10.92
CA GLN A 387 -7.75 -8.67 -12.04
C GLN A 387 -8.80 -8.59 -13.13
N ALA A 388 -9.54 -7.49 -13.10
CA ALA A 388 -10.74 -7.33 -13.90
C ALA A 388 -10.64 -7.67 -15.36
N THR A 389 -11.50 -8.54 -15.84
CA THR A 389 -11.64 -8.85 -17.25
C THR A 389 -13.12 -8.79 -17.57
N ARG A 390 -13.51 -9.05 -18.83
CA ARG A 390 -14.93 -9.09 -19.16
C ARG A 390 -15.67 -10.23 -18.50
N GLU A 391 -15.05 -11.41 -18.35
CA GLU A 391 -15.73 -12.51 -17.69
C GLU A 391 -15.98 -12.15 -16.21
N SER A 392 -15.01 -11.51 -15.58
CA SER A 392 -15.15 -11.06 -14.19
C SER A 392 -16.43 -10.23 -14.05
N LEU A 393 -16.56 -9.27 -14.96
CA LEU A 393 -17.67 -8.32 -14.97
C LEU A 393 -19.00 -9.05 -15.23
N SER A 394 -19.02 -10.08 -16.07
CA SER A 394 -20.23 -10.88 -16.23
C SER A 394 -20.56 -11.66 -14.96
N TYR A 395 -19.59 -12.38 -14.42
CA TYR A 395 -19.96 -13.12 -13.23
C TYR A 395 -20.34 -12.17 -12.11
N ALA A 396 -19.73 -10.99 -12.06
CA ALA A 396 -20.10 -10.10 -10.99
C ALA A 396 -21.58 -9.64 -11.18
N ARG A 397 -22.01 -9.41 -12.43
CA ARG A 397 -23.37 -9.00 -12.72
CA ARG A 397 -23.40 -9.02 -12.74
C ARG A 397 -24.35 -10.12 -12.35
N GLU A 398 -24.03 -11.33 -12.76
CA GLU A 398 -24.89 -12.43 -12.39
C GLU A 398 -24.97 -12.52 -10.88
N LEU A 399 -23.91 -12.16 -10.18
CA LEU A 399 -23.93 -12.26 -8.72
C LEU A 399 -24.93 -11.29 -8.13
N LEU A 400 -25.05 -10.09 -8.70
CA LEU A 400 -26.01 -9.15 -8.14
C LEU A 400 -27.45 -9.69 -8.28
N ASN A 401 -27.65 -10.67 -9.17
CA ASN A 401 -28.96 -11.26 -9.49
C ASN A 401 -29.21 -12.51 -8.62
N THR A 402 -28.24 -12.88 -7.79
CA THR A 402 -28.37 -14.06 -6.96
C THR A 402 -29.23 -13.78 -5.75
N SER A 403 -30.11 -14.73 -5.47
CA SER A 403 -31.09 -14.50 -4.43
C SER A 403 -30.43 -14.41 -3.08
N PHE A 404 -29.45 -15.27 -2.88
CA PHE A 404 -28.76 -15.25 -1.59
C PHE A 404 -28.23 -13.85 -1.32
N ILE A 405 -27.70 -13.18 -2.36
CA ILE A 405 -27.20 -11.79 -2.16
C ILE A 405 -28.34 -10.76 -2.07
N ARG A 406 -29.33 -10.88 -2.94
CA ARG A 406 -30.45 -9.93 -2.97
C ARG A 406 -31.28 -9.90 -1.70
N ASN A 407 -31.58 -11.09 -1.17
CA ASN A 407 -32.29 -11.25 0.10
C ASN A 407 -31.51 -10.77 1.33
N ARG A 408 -30.24 -10.36 1.17
CA ARG A 408 -29.47 -9.88 2.33
C ARG A 408 -28.92 -8.47 2.12
N PRO A 409 -29.51 -7.48 2.81
CA PRO A 409 -29.11 -6.06 2.72
C PRO A 409 -27.64 -5.68 2.72
N ILE A 410 -26.93 -6.00 3.80
CA ILE A 410 -25.53 -5.62 3.86
C ILE A 410 -24.72 -6.31 2.75
N LEU A 411 -25.13 -7.51 2.34
CA LEU A 411 -24.43 -8.20 1.31
CA LEU A 411 -24.46 -8.23 1.28
C LEU A 411 -24.77 -7.61 -0.06
N ARG A 412 -26.04 -7.26 -0.28
CA ARG A 412 -26.42 -6.70 -1.55
C ARG A 412 -25.69 -5.35 -1.75
N LYS A 413 -25.55 -4.63 -0.66
CA LYS A 413 -24.89 -3.33 -0.63
CA LYS A 413 -24.90 -3.32 -0.69
C LYS A 413 -23.42 -3.45 -1.07
N THR A 414 -22.74 -4.42 -0.49
CA THR A 414 -21.34 -4.73 -0.68
C THR A 414 -21.16 -5.19 -2.11
N ALA A 415 -22.06 -6.06 -2.57
CA ALA A 415 -21.90 -6.55 -3.95
C ALA A 415 -22.13 -5.46 -4.96
N VAL A 416 -23.08 -4.55 -4.69
CA VAL A 416 -23.26 -3.50 -5.65
C VAL A 416 -22.06 -2.50 -5.61
N LEU A 417 -21.61 -2.04 -4.46
CA LEU A 417 -20.42 -1.14 -4.40
C LEU A 417 -19.20 -1.83 -5.07
N GLY A 418 -19.14 -3.14 -4.86
CA GLY A 418 -18.01 -3.93 -5.38
C GLY A 418 -18.04 -3.99 -6.88
N TYR A 419 -19.24 -4.07 -7.44
CA TYR A 419 -19.40 -4.15 -8.88
C TYR A 419 -18.93 -2.79 -9.45
N GLY A 420 -19.23 -1.72 -8.71
CA GLY A 420 -18.77 -0.40 -9.12
C GLY A 420 -17.23 -0.35 -9.07
N SER A 421 -16.60 -0.88 -8.02
CA SER A 421 -15.18 -0.87 -7.97
C SER A 421 -14.63 -1.70 -9.17
N LEU A 422 -15.26 -2.82 -9.44
CA LEU A 422 -14.77 -3.71 -10.52
C LEU A 422 -14.82 -2.98 -11.87
N VAL A 423 -15.84 -2.15 -12.07
CA VAL A 423 -15.91 -1.35 -13.30
C VAL A 423 -14.79 -0.34 -13.37
N PHE A 424 -14.57 0.35 -12.24
CA PHE A 424 -13.50 1.31 -12.17
C PHE A 424 -12.14 0.66 -12.55
N ARG A 425 -11.89 -0.53 -12.02
CA ARG A 425 -10.58 -1.17 -12.30
C ARG A 425 -10.51 -1.63 -13.71
N TYR A 426 -11.55 -2.21 -14.22
CA TYR A 426 -11.50 -2.54 -15.64
C TYR A 426 -11.26 -1.30 -16.55
N CYS A 427 -11.89 -0.17 -16.24
CA CYS A 427 -11.85 1.02 -17.11
C CYS A 427 -10.67 1.94 -16.89
N ALA A 428 -9.91 1.67 -15.83
CA ALA A 428 -8.84 2.52 -15.38
C ALA A 428 -7.77 2.74 -16.45
N ASN A 429 -7.52 1.73 -17.27
CA ASN A 429 -6.46 1.82 -18.24
C ASN A 429 -7.02 2.13 -19.62
N THR A 430 -8.34 2.24 -19.77
CA THR A 430 -8.85 2.52 -21.12
C THR A 430 -9.24 3.99 -21.29
N VAL A 431 -9.23 4.40 -22.53
CA VAL A 431 -9.60 5.77 -22.82
C VAL A 431 -11.09 5.87 -22.60
N SER A 432 -11.80 4.84 -23.09
CA SER A 432 -13.27 4.85 -23.05
C SER A 432 -13.91 3.60 -22.45
N CYS A 433 -14.75 3.79 -21.45
CA CYS A 433 -15.40 2.67 -20.81
C CYS A 433 -16.67 2.22 -21.55
N PRO A 434 -16.70 0.93 -21.96
CA PRO A 434 -17.86 0.36 -22.67
C PRO A 434 -19.06 0.59 -21.75
N ASP A 435 -20.14 1.09 -22.33
CA ASP A 435 -21.37 1.43 -21.60
C ASP A 435 -22.06 0.30 -20.87
N GLU A 436 -22.19 -0.85 -21.54
CA GLU A 436 -22.81 -2.04 -20.96
C GLU A 436 -22.25 -2.37 -19.59
N LEU A 437 -21.03 -1.98 -19.28
CA LEU A 437 -20.51 -2.26 -17.94
C LEU A 437 -21.26 -1.41 -16.92
N LEU A 438 -21.66 -0.20 -17.29
CA LEU A 438 -22.34 0.62 -16.29
C LEU A 438 -23.84 0.37 -16.23
N GLN A 439 -24.37 -0.32 -17.22
CA GLN A 439 -25.78 -0.61 -17.36
C GLN A 439 -26.51 -1.10 -16.12
N PRO A 440 -25.98 -2.11 -15.39
CA PRO A 440 -26.61 -2.63 -14.16
C PRO A 440 -26.81 -1.47 -13.20
N LEU A 441 -25.81 -0.59 -13.11
CA LEU A 441 -25.87 0.51 -12.16
C LEU A 441 -26.72 1.65 -12.68
N HIS A 442 -26.70 2.01 -13.94
CA HIS A 442 -27.59 3.10 -14.35
C HIS A 442 -29.04 2.61 -14.25
N ASP A 443 -29.27 1.32 -14.57
CA ASP A 443 -30.58 0.70 -14.42
C ASP A 443 -31.02 0.72 -12.97
N LEU A 444 -30.14 0.35 -12.05
CA LEU A 444 -30.56 0.44 -10.67
C LEU A 444 -30.92 1.91 -10.35
N LEU A 445 -30.10 2.90 -10.74
CA LEU A 445 -30.40 4.27 -10.38
C LEU A 445 -31.73 4.70 -11.04
N SER A 446 -31.99 4.21 -12.21
CA SER A 446 -33.21 4.60 -12.87
C SER A 446 -34.43 3.94 -12.23
N GLN A 447 -34.26 2.73 -11.72
CA GLN A 447 -35.39 2.06 -11.10
C GLN A 447 -35.59 2.55 -9.68
N SER A 448 -34.52 2.98 -9.03
CA SER A 448 -34.63 3.50 -7.70
CA SER A 448 -34.62 3.52 -7.69
C SER A 448 -35.31 4.89 -7.74
N SER A 449 -35.09 5.68 -8.82
CA SER A 449 -35.76 6.99 -8.86
C SER A 449 -37.26 6.78 -9.20
N ASP A 450 -37.55 5.84 -10.11
CA ASP A 450 -38.92 5.45 -10.44
C ASP A 450 -39.69 4.96 -9.22
N ARG A 451 -39.05 4.23 -8.31
CA ARG A 451 -39.75 3.80 -7.11
CA ARG A 451 -39.69 3.77 -7.07
C ARG A 451 -39.67 4.84 -5.99
N ALA A 452 -38.98 5.95 -6.23
CA ALA A 452 -38.85 6.95 -5.18
C ALA A 452 -38.42 6.35 -3.84
N LYS A 453 -37.44 5.45 -3.93
CA LYS A 453 -36.84 4.80 -2.77
C LYS A 453 -35.47 5.47 -2.52
N GLU A 454 -35.43 6.29 -1.51
CA GLU A 454 -34.26 7.08 -1.23
C GLU A 454 -33.03 6.27 -0.94
N GLU A 455 -33.14 5.18 -0.15
CA GLU A 455 -32.04 4.34 0.17
C GLU A 455 -31.41 3.74 -1.06
N GLU A 456 -32.26 3.24 -1.94
CA GLU A 456 -31.81 2.65 -3.14
C GLU A 456 -31.13 3.69 -4.08
N ILE A 457 -31.64 4.90 -4.22
CA ILE A 457 -30.97 5.94 -5.00
C ILE A 457 -29.58 6.22 -4.43
N VAL A 458 -29.49 6.25 -3.11
CA VAL A 458 -28.23 6.51 -2.43
C VAL A 458 -27.23 5.41 -2.76
N LEU A 459 -27.64 4.18 -2.57
CA LEU A 459 -26.76 3.04 -2.88
C LEU A 459 -26.33 3.12 -4.34
N ALA A 460 -27.24 3.34 -5.27
CA ALA A 460 -26.77 3.37 -6.67
C ALA A 460 -25.77 4.53 -6.94
N LEU A 461 -26.02 5.70 -6.36
CA LEU A 461 -25.13 6.84 -6.58
C LEU A 461 -23.77 6.48 -5.98
N LYS A 462 -23.74 5.95 -4.80
CA LYS A 462 -22.44 5.62 -4.27
C LYS A 462 -21.68 4.61 -5.16
N ALA A 463 -22.39 3.68 -5.78
CA ALA A 463 -21.73 2.61 -6.52
C ALA A 463 -21.25 3.23 -7.81
N LEU A 464 -22.08 4.13 -8.37
CA LEU A 464 -21.65 4.80 -9.61
C LEU A 464 -20.46 5.71 -9.28
N GLY A 465 -20.49 6.26 -8.05
CA GLY A 465 -19.40 7.04 -7.54
C GLY A 465 -18.13 6.14 -7.66
N ASN A 466 -18.27 4.87 -7.24
CA ASN A 466 -17.18 3.87 -7.29
C ASN A 466 -16.76 3.59 -8.71
N ALA A 467 -17.75 3.40 -9.58
CA ALA A 467 -17.41 3.05 -10.96
C ALA A 467 -16.64 4.23 -11.59
N GLY A 468 -16.97 5.47 -11.19
CA GLY A 468 -16.10 6.61 -11.60
C GLY A 468 -16.09 6.94 -13.08
N GLN A 469 -17.15 6.72 -13.81
CA GLN A 469 -16.97 6.89 -15.25
C GLN A 469 -17.73 8.13 -15.72
N PRO A 470 -17.14 8.88 -16.64
CA PRO A 470 -17.72 10.10 -17.19
C PRO A 470 -19.05 9.77 -17.87
N ASN A 471 -19.17 8.56 -18.42
CA ASN A 471 -20.41 8.15 -19.07
C ASN A 471 -21.58 8.30 -18.09
N SER A 472 -21.29 8.35 -16.77
CA SER A 472 -22.33 8.49 -15.72
C SER A 472 -22.84 9.87 -15.42
N ILE A 473 -22.08 10.86 -15.93
CA ILE A 473 -22.34 12.25 -15.54
C ILE A 473 -23.76 12.69 -15.85
N LYS A 474 -24.29 12.29 -17.00
CA LYS A 474 -25.64 12.67 -17.40
CA LYS A 474 -25.64 12.67 -17.40
C LYS A 474 -26.68 12.03 -16.50
N LYS A 475 -26.43 10.82 -16.03
CA LYS A 475 -27.39 10.15 -15.13
C LYS A 475 -27.29 10.75 -13.71
N ILE A 476 -26.08 11.06 -13.27
CA ILE A 476 -25.94 11.65 -11.96
C ILE A 476 -26.56 13.05 -11.87
N GLN A 477 -26.46 13.82 -12.97
CA GLN A 477 -26.91 15.22 -12.95
C GLN A 477 -28.40 15.36 -12.66
N ARG A 478 -29.18 14.35 -12.93
CA ARG A 478 -30.56 14.46 -12.60
C ARG A 478 -30.76 14.68 -11.13
N PHE A 479 -29.85 14.16 -10.32
CA PHE A 479 -29.97 14.24 -8.86
C PHE A 479 -29.21 15.38 -8.23
N LEU A 480 -28.52 16.19 -9.04
CA LEU A 480 -27.76 17.28 -8.44
C LEU A 480 -28.65 18.47 -8.25
N PRO A 481 -28.23 19.39 -7.37
CA PRO A 481 -28.94 20.64 -7.10
C PRO A 481 -28.69 21.60 -8.29
N GLY A 482 -29.60 22.53 -8.49
CA GLY A 482 -29.51 23.50 -9.59
C GLY A 482 -29.34 23.00 -11.03
N GLN A 483 -29.99 21.91 -11.42
CA GLN A 483 -29.77 21.45 -12.79
C GLN A 483 -30.75 21.98 -13.84
N GLY A 484 -31.73 22.76 -13.34
CA GLY A 484 -32.74 23.42 -14.13
C GLY A 484 -33.38 24.49 -13.27
N LYS A 485 -34.66 24.79 -13.49
CA LYS A 485 -35.39 25.77 -12.64
C LYS A 485 -35.61 25.19 -11.25
N SER A 486 -34.98 24.03 -11.05
CA SER A 486 -35.19 23.20 -9.88
C SER A 486 -36.51 22.49 -10.03
N LEU A 487 -36.48 21.19 -9.85
CA LEU A 487 -37.70 20.41 -9.74
C LEU A 487 -37.51 19.66 -8.45
N ASP A 488 -37.62 20.40 -7.35
CA ASP A 488 -37.36 19.83 -6.03
C ASP A 488 -38.13 18.54 -5.81
N GLU A 489 -37.41 17.46 -6.00
CA GLU A 489 -37.96 16.14 -5.83
C GLU A 489 -36.96 15.20 -5.15
N TYR A 490 -35.77 15.72 -4.77
CA TYR A 490 -34.79 14.92 -4.04
C TYR A 490 -34.34 15.56 -2.74
N SER A 491 -34.16 14.78 -1.67
CA SER A 491 -33.63 15.34 -0.39
C SER A 491 -32.16 15.86 -0.47
N THR A 492 -31.72 16.63 0.52
CA THR A 492 -30.37 17.17 0.56
C THR A 492 -29.41 15.97 0.53
N ARG A 493 -29.82 14.90 1.24
CA ARG A 493 -29.05 13.66 1.38
CA ARG A 493 -29.00 13.71 1.38
C ARG A 493 -28.74 13.03 0.03
N VAL A 494 -29.76 12.94 -0.79
CA VAL A 494 -29.59 12.38 -2.12
C VAL A 494 -28.69 13.31 -2.98
N GLN A 495 -28.94 14.61 -2.92
CA GLN A 495 -28.15 15.59 -3.65
C GLN A 495 -26.67 15.58 -3.23
N ALA A 496 -26.43 15.50 -1.92
CA ALA A 496 -25.09 15.43 -1.39
C ALA A 496 -24.45 14.17 -1.94
N GLU A 497 -25.11 13.04 -1.99
CA GLU A 497 -24.45 11.82 -2.48
CA GLU A 497 -24.48 11.80 -2.49
C GLU A 497 -24.20 11.95 -3.97
N ALA A 498 -25.05 12.66 -4.68
CA ALA A 498 -24.89 12.85 -6.10
C ALA A 498 -23.65 13.72 -6.36
N ILE A 499 -23.40 14.69 -5.48
CA ILE A 499 -22.19 15.53 -5.63
C ILE A 499 -20.92 14.70 -5.30
N MET A 500 -20.99 13.87 -4.24
CA MET A 500 -19.80 13.09 -3.87
C MET A 500 -19.49 12.04 -4.92
N ALA A 501 -20.50 11.59 -5.60
CA ALA A 501 -20.40 10.56 -6.68
C ALA A 501 -19.54 11.06 -7.85
N LEU A 502 -19.30 12.36 -7.96
CA LEU A 502 -18.46 12.86 -9.03
C LEU A 502 -16.93 12.73 -8.77
N ARG A 503 -16.52 12.40 -7.56
CA ARG A 503 -15.11 12.43 -7.18
C ARG A 503 -14.23 11.51 -8.02
N ASN A 504 -14.54 10.23 -8.16
CA ASN A 504 -13.62 9.39 -8.92
C ASN A 504 -13.73 9.76 -10.37
N ILE A 505 -14.89 10.30 -10.75
CA ILE A 505 -15.04 10.73 -12.13
C ILE A 505 -14.02 11.84 -12.44
N ALA A 506 -13.73 12.65 -11.45
CA ALA A 506 -12.91 13.83 -11.69
C ALA A 506 -11.45 13.46 -11.90
N LYS A 507 -11.11 12.22 -11.53
CA LYS A 507 -9.74 11.75 -11.71
C LYS A 507 -9.43 11.56 -13.18
N ARG A 508 -10.48 11.39 -13.99
CA ARG A 508 -10.36 11.15 -15.44
C ARG A 508 -10.77 12.36 -16.26
N ASP A 509 -11.87 13.02 -15.82
CA ASP A 509 -12.34 14.22 -16.50
C ASP A 509 -12.53 15.34 -15.49
N PRO A 510 -11.45 15.98 -14.99
CA PRO A 510 -11.65 17.04 -14.00
C PRO A 510 -12.35 18.27 -14.58
N ARG A 511 -12.08 18.56 -15.86
CA ARG A 511 -12.68 19.74 -16.46
C ARG A 511 -14.21 19.59 -16.55
N LYS A 512 -14.63 18.38 -16.89
CA LYS A 512 -16.07 18.17 -17.00
C LYS A 512 -16.75 18.16 -15.60
N VAL A 513 -16.03 17.73 -14.57
CA VAL A 513 -16.58 17.82 -13.23
C VAL A 513 -16.59 19.30 -12.80
N GLN A 514 -15.48 20.05 -13.04
CA GLN A 514 -15.46 21.47 -12.62
C GLN A 514 -16.64 22.22 -13.24
N GLU A 515 -16.91 21.93 -14.50
CA GLU A 515 -18.02 22.63 -15.14
C GLU A 515 -19.32 22.41 -14.46
N ILE A 516 -19.45 21.23 -13.85
CA ILE A 516 -20.64 20.91 -13.09
C ILE A 516 -20.70 21.44 -11.71
N VAL A 517 -19.63 21.31 -10.98
CA VAL A 517 -19.74 21.72 -9.59
C VAL A 517 -19.51 23.21 -9.37
N LEU A 518 -18.87 23.93 -10.28
CA LEU A 518 -18.59 25.35 -10.03
C LEU A 518 -19.86 26.18 -10.04
N PRO A 519 -20.77 25.91 -10.98
CA PRO A 519 -22.01 26.68 -10.95
C PRO A 519 -22.82 26.32 -9.72
N ILE A 520 -22.63 25.09 -9.18
CA ILE A 520 -23.38 24.72 -8.00
C ILE A 520 -22.87 25.48 -6.82
N PHE A 521 -21.55 25.53 -6.69
CA PHE A 521 -20.92 26.26 -5.59
C PHE A 521 -21.28 27.76 -5.59
N LEU A 522 -21.37 28.31 -6.79
CA LEU A 522 -21.56 29.74 -7.06
C LEU A 522 -23.05 30.13 -6.87
N ASN A 523 -23.92 29.15 -6.75
CA ASN A 523 -25.36 29.42 -6.63
C ASN A 523 -25.73 29.66 -5.17
N VAL A 524 -26.01 30.90 -4.85
CA VAL A 524 -26.23 31.21 -3.45
CA VAL A 524 -26.26 31.29 -3.47
C VAL A 524 -27.59 30.76 -2.93
N ALA A 525 -28.43 30.28 -3.81
CA ALA A 525 -29.72 29.75 -3.37
C ALA A 525 -29.61 28.30 -2.89
N ILE A 526 -28.49 27.63 -3.23
CA ILE A 526 -28.34 26.21 -2.80
C ILE A 526 -27.88 26.06 -1.35
N LYS A 527 -28.43 25.04 -0.68
CA LYS A 527 -28.11 24.77 0.72
C LYS A 527 -26.61 24.71 0.86
N SER A 528 -26.14 25.18 2.01
CA SER A 528 -24.73 25.29 2.41
C SER A 528 -24.04 23.93 2.26
N GLU A 529 -24.68 22.89 2.79
CA GLU A 529 -24.00 21.63 2.75
C GLU A 529 -23.64 21.23 1.34
N LEU A 530 -24.59 21.45 0.44
CA LEU A 530 -24.41 21.06 -0.93
C LEU A 530 -23.36 21.94 -1.64
N ARG A 531 -23.35 23.21 -1.32
CA ARG A 531 -22.30 24.04 -1.92
C ARG A 531 -20.88 23.63 -1.40
N ILE A 532 -20.83 23.37 -0.10
CA ILE A 532 -19.56 23.00 0.48
C ILE A 532 -19.13 21.67 -0.16
N ARG A 533 -20.05 20.74 -0.35
CA ARG A 533 -19.58 19.52 -0.93
C ARG A 533 -19.05 19.83 -2.36
N SER A 534 -19.79 20.68 -3.10
CA SER A 534 -19.33 20.98 -4.46
CA SER A 534 -19.31 21.01 -4.45
C SER A 534 -17.92 21.63 -4.38
N CYS A 535 -17.64 22.37 -3.32
CA CYS A 535 -16.27 22.94 -3.12
C CYS A 535 -15.20 21.86 -2.82
N ILE A 536 -15.57 20.82 -2.09
CA ILE A 536 -14.66 19.71 -1.81
C ILE A 536 -14.36 19.04 -3.15
N VAL A 537 -15.38 18.82 -3.95
CA VAL A 537 -15.17 18.15 -5.21
C VAL A 537 -14.29 19.00 -6.12
N PHE A 538 -14.60 20.26 -6.17
CA PHE A 538 -13.87 21.24 -7.00
C PHE A 538 -12.38 21.27 -6.67
N PHE A 539 -12.05 21.39 -5.38
CA PHE A 539 -10.65 21.50 -5.06
C PHE A 539 -9.90 20.18 -5.33
N GLU A 540 -10.52 19.04 -5.09
CA GLU A 540 -9.84 17.77 -5.28
C GLU A 540 -9.58 17.55 -6.75
N SER A 541 -10.33 18.27 -7.64
CA SER A 541 -10.12 18.07 -9.08
C SER A 541 -8.90 18.90 -9.63
N LYS A 542 -8.21 19.65 -8.74
CA LYS A 542 -7.02 20.48 -9.09
C LYS A 542 -7.33 21.60 -10.06
N PRO A 543 -8.18 22.54 -9.61
CA PRO A 543 -8.58 23.60 -10.50
C PRO A 543 -7.47 24.54 -10.88
N SER A 544 -7.64 25.25 -12.00
CA SER A 544 -6.66 26.28 -12.43
C SER A 544 -6.72 27.54 -11.59
N VAL A 545 -5.65 28.37 -11.66
CA VAL A 545 -5.60 29.66 -10.97
CA VAL A 545 -5.58 29.67 -10.98
C VAL A 545 -6.82 30.53 -11.21
N ALA A 546 -7.23 30.57 -12.47
CA ALA A 546 -8.35 31.41 -12.86
C ALA A 546 -9.65 30.95 -12.21
N LEU A 547 -9.89 29.62 -12.24
CA LEU A 547 -11.09 29.06 -11.59
C LEU A 547 -11.07 29.31 -10.08
N VAL A 548 -9.92 29.09 -9.49
CA VAL A 548 -9.83 29.32 -8.06
C VAL A 548 -10.00 30.80 -7.78
N SER A 549 -9.59 31.69 -8.70
CA SER A 549 -9.78 33.13 -8.47
C SER A 549 -11.22 33.59 -8.52
N MET A 550 -11.92 33.06 -9.48
CA MET A 550 -13.35 33.26 -9.62
C MET A 550 -14.01 32.93 -8.30
N VAL A 551 -13.62 31.84 -7.63
CA VAL A 551 -14.23 31.46 -6.38
C VAL A 551 -13.87 32.47 -5.35
N ALA A 552 -12.65 32.94 -5.41
CA ALA A 552 -12.24 33.85 -4.28
C ALA A 552 -12.90 35.19 -4.42
N VAL A 553 -13.03 35.65 -5.63
CA VAL A 553 -13.77 36.92 -5.84
C VAL A 553 -15.22 36.83 -5.41
N ARG A 554 -15.96 35.77 -5.81
CA ARG A 554 -17.30 35.51 -5.32
C ARG A 554 -17.39 35.44 -3.80
N LEU A 555 -16.33 35.07 -3.14
CA LEU A 555 -16.40 35.06 -1.67
C LEU A 555 -16.41 36.43 -1.01
N ARG A 556 -15.95 37.46 -1.69
CA ARG A 556 -15.90 38.78 -1.08
CA ARG A 556 -15.89 38.77 -1.06
C ARG A 556 -17.27 39.26 -0.66
N ARG A 557 -18.28 38.83 -1.41
CA ARG A 557 -19.71 39.14 -1.23
C ARG A 557 -20.57 37.87 -0.91
N GLU A 558 -19.97 36.78 -0.45
CA GLU A 558 -20.77 35.58 -0.12
C GLU A 558 -21.73 35.85 1.07
N PRO A 559 -23.03 35.64 0.87
CA PRO A 559 -24.01 35.84 1.94
C PRO A 559 -24.01 34.70 2.98
N ASN A 560 -23.70 33.45 2.60
CA ASN A 560 -23.69 32.34 3.57
C ASN A 560 -22.31 32.19 4.19
N LEU A 561 -22.27 32.39 5.49
CA LEU A 561 -21.01 32.36 6.18
CA LEU A 561 -21.01 32.37 6.22
C LEU A 561 -20.43 30.96 6.37
N GLN A 562 -21.30 29.98 6.45
CA GLN A 562 -20.84 28.60 6.53
C GLN A 562 -20.00 28.33 5.28
N VAL A 563 -20.56 28.69 4.12
CA VAL A 563 -19.90 28.47 2.83
C VAL A 563 -18.61 29.28 2.75
N ALA A 564 -18.64 30.50 3.23
CA ALA A 564 -17.48 31.38 3.18
C ALA A 564 -16.37 30.89 4.08
N SER A 565 -16.70 30.51 5.28
CA SER A 565 -15.70 30.00 6.21
CA SER A 565 -15.62 30.06 6.16
C SER A 565 -14.96 28.79 5.63
N PHE A 566 -15.75 27.89 5.00
CA PHE A 566 -15.24 26.65 4.51
C PHE A 566 -14.25 26.94 3.40
N VAL A 567 -14.75 27.65 2.39
CA VAL A 567 -13.92 27.95 1.23
C VAL A 567 -12.69 28.72 1.53
N TYR A 568 -12.81 29.70 2.41
CA TYR A 568 -11.65 30.50 2.77
C TYR A 568 -10.62 29.64 3.48
N SER A 569 -11.06 28.73 4.34
CA SER A 569 -10.08 27.93 5.10
C SER A 569 -9.45 26.87 4.20
N GLN A 570 -10.18 26.35 3.22
CA GLN A 570 -9.64 25.34 2.29
CA GLN A 570 -9.62 25.35 2.31
C GLN A 570 -8.53 26.01 1.46
N MET A 571 -8.81 27.22 0.99
CA MET A 571 -7.81 27.90 0.13
C MET A 571 -6.61 28.28 0.93
N ARG A 572 -6.83 28.88 2.10
CA ARG A 572 -5.68 29.24 2.93
C ARG A 572 -4.88 28.01 3.30
N SER A 573 -5.54 26.92 3.59
CA SER A 573 -4.80 25.72 4.05
C SER A 573 -4.03 25.06 2.90
N LEU A 574 -4.66 25.00 1.72
CA LEU A 574 -4.02 24.36 0.59
C LEU A 574 -2.89 25.25 0.12
N SER A 575 -2.99 26.57 0.34
CA SER A 575 -1.94 27.38 -0.18
C SER A 575 -0.64 27.03 0.53
N ARG A 576 -0.70 26.41 1.70
CA ARG A 576 0.53 26.13 2.42
C ARG A 576 1.04 24.75 2.08
N SER A 577 0.43 24.04 1.15
CA SER A 577 0.93 22.66 0.93
C SER A 577 2.43 22.63 0.53
N SER A 578 3.17 21.66 1.04
CA SER A 578 4.50 21.59 0.47
C SER A 578 4.60 20.24 -0.23
N ASN A 579 3.50 19.70 -0.73
CA ASN A 579 3.67 18.35 -1.31
C ASN A 579 3.59 18.55 -2.81
N PRO A 580 4.45 17.92 -3.60
CA PRO A 580 4.36 18.17 -5.05
C PRO A 580 3.03 17.95 -5.73
N GLU A 581 2.25 16.97 -5.30
CA GLU A 581 1.01 16.67 -5.95
C GLU A 581 0.06 17.92 -5.99
N PHE A 582 0.17 18.74 -4.95
CA PHE A 582 -0.68 19.91 -4.73
C PHE A 582 0.01 21.23 -5.07
N ARG A 583 1.13 21.14 -5.78
CA ARG A 583 1.92 22.33 -6.09
C ARG A 583 1.11 23.36 -6.87
N ASP A 584 0.51 22.91 -8.01
CA ASP A 584 -0.23 23.76 -8.93
C ASP A 584 -1.47 24.30 -8.23
N VAL A 585 -2.20 23.44 -7.47
CA VAL A 585 -3.40 23.98 -6.82
CA VAL A 585 -3.41 24.01 -6.85
C VAL A 585 -3.06 24.96 -5.73
N ALA A 586 -2.00 24.64 -4.97
CA ALA A 586 -1.54 25.49 -3.89
C ALA A 586 -1.08 26.88 -4.45
N ALA A 587 -0.37 26.92 -5.57
CA ALA A 587 -0.02 28.20 -6.14
C ALA A 587 -1.30 28.88 -6.62
N ALA A 588 -2.28 28.14 -7.19
CA ALA A 588 -3.53 28.77 -7.59
C ALA A 588 -4.23 29.48 -6.39
N CYS A 589 -4.21 28.80 -5.25
CA CYS A 589 -4.79 29.32 -4.02
C CYS A 589 -3.97 30.50 -3.52
N SER A 590 -2.67 30.49 -3.62
CA SER A 590 -1.81 31.64 -3.24
CA SER A 590 -1.98 31.68 -3.10
C SER A 590 -2.31 32.92 -3.90
N VAL A 591 -2.47 32.82 -5.20
CA VAL A 591 -2.87 33.94 -5.98
C VAL A 591 -4.29 34.40 -5.65
N ALA A 592 -5.19 33.44 -5.48
CA ALA A 592 -6.58 33.74 -5.18
C ALA A 592 -6.75 34.48 -3.86
N ILE A 593 -6.06 34.00 -2.83
CA ILE A 593 -6.10 34.59 -1.49
CA ILE A 593 -6.27 34.64 -1.52
C ILE A 593 -5.73 36.07 -1.48
N LYS A 594 -5.01 36.52 -2.49
CA LYS A 594 -4.59 37.91 -2.47
C LYS A 594 -5.82 38.75 -2.78
N MET A 595 -6.86 38.10 -3.34
CA MET A 595 -8.03 38.84 -3.72
C MET A 595 -8.97 39.18 -2.59
N LEU A 596 -8.71 38.79 -1.33
CA LEU A 596 -9.58 39.27 -0.27
C LEU A 596 -8.92 39.43 1.05
N GLY A 597 -9.66 40.02 1.99
CA GLY A 597 -9.13 40.16 3.32
C GLY A 597 -9.05 38.82 4.05
N SER A 598 -8.59 38.83 5.32
CA SER A 598 -8.49 37.64 6.14
C SER A 598 -9.50 37.54 7.28
N LYS A 599 -10.55 38.33 7.24
CA LYS A 599 -11.51 38.28 8.33
C LYS A 599 -12.23 36.93 8.53
N LEU A 600 -12.38 36.10 7.51
CA LEU A 600 -13.08 34.81 7.71
C LEU A 600 -12.25 33.86 8.58
N ASP A 601 -10.94 34.12 8.76
CA ASP A 601 -10.08 33.28 9.62
C ASP A 601 -10.40 33.49 11.12
N ARG A 602 -11.21 34.48 11.41
CA ARG A 602 -11.63 34.71 12.77
C ARG A 602 -12.86 33.86 13.16
N LEU A 603 -13.54 33.24 12.19
CA LEU A 603 -14.73 32.49 12.52
C LEU A 603 -14.27 31.29 13.35
N GLY A 604 -15.04 30.89 14.35
CA GLY A 604 -14.60 29.80 15.19
C GLY A 604 -15.20 28.47 14.80
N CYS A 605 -15.30 27.63 15.81
CA CYS A 605 -15.75 26.25 15.72
C CYS A 605 -17.19 26.15 15.27
N ARG A 606 -17.97 27.22 15.36
CA ARG A 606 -19.33 26.97 14.93
C ARG A 606 -19.36 26.96 13.40
N TYR A 607 -18.21 27.29 12.82
CA TYR A 607 -18.11 27.44 11.39
C TYR A 607 -17.34 26.34 10.67
N SER A 608 -17.87 25.99 9.51
CA SER A 608 -17.32 24.93 8.68
C SER A 608 -15.83 25.24 8.35
N LYS A 609 -15.02 24.18 8.15
CA LYS A 609 -13.62 24.38 7.87
C LYS A 609 -13.12 23.17 7.15
N ALA A 610 -11.98 23.46 6.59
CA ALA A 610 -11.24 22.41 5.87
C ALA A 610 -9.79 22.63 6.26
N VAL A 611 -9.11 21.51 6.48
CA VAL A 611 -7.72 21.58 6.81
C VAL A 611 -6.99 20.55 5.98
N HIS A 612 -5.93 20.97 5.32
CA HIS A 612 -5.04 20.08 4.51
C HIS A 612 -3.68 20.10 5.14
N VAL A 613 -3.09 18.92 5.39
CA VAL A 613 -1.77 18.82 5.94
C VAL A 613 -1.05 17.80 5.11
N ASP A 614 0.19 18.08 4.86
CA ASP A 614 0.94 17.11 4.07
C ASP A 614 2.42 17.19 4.33
N THR A 615 3.17 16.26 3.73
CA THR A 615 4.61 16.14 3.88
C THR A 615 5.15 15.25 2.75
N PHE A 616 6.31 15.61 2.26
CA PHE A 616 6.95 14.93 1.16
C PHE A 616 8.48 14.88 1.40
N ASN A 617 9.06 13.75 1.08
CA ASN A 617 10.50 13.57 1.23
C ASN A 617 11.12 13.45 -0.14
N ALA A 618 12.00 14.38 -0.47
CA ALA A 618 12.62 14.43 -1.77
C ALA A 618 13.55 13.23 -2.07
N ARG A 619 14.22 12.67 -1.06
CA ARG A 619 15.08 11.51 -1.32
C ARG A 619 14.27 10.22 -1.64
N THR A 620 13.18 9.96 -0.89
CA THR A 620 12.35 8.80 -1.16
C THR A 620 11.38 9.14 -2.29
N MET A 621 11.18 10.41 -2.55
CA MET A 621 10.16 10.88 -3.53
C MET A 621 8.79 10.29 -3.17
N ALA A 622 8.52 10.25 -1.88
CA ALA A 622 7.29 9.67 -1.32
C ALA A 622 6.73 10.67 -0.28
N GLY A 623 5.45 10.60 -0.02
CA GLY A 623 4.90 11.58 0.91
C GLY A 623 3.50 11.10 1.28
N VAL A 624 2.82 11.90 2.12
N VAL A 624 2.84 11.96 2.04
CA VAL A 624 1.48 11.60 2.57
CA VAL A 624 1.53 11.69 2.54
C VAL A 624 0.69 12.89 2.82
C VAL A 624 0.74 13.00 2.53
N SER A 625 -0.56 12.93 2.43
CA SER A 625 -1.33 14.16 2.63
C SER A 625 -2.58 13.78 3.43
N ALA A 626 -3.13 14.70 4.22
CA ALA A 626 -4.35 14.35 4.93
C ALA A 626 -5.30 15.54 4.86
N ASP A 627 -6.58 15.30 4.84
CA ASP A 627 -7.54 16.40 4.85
C ASP A 627 -8.65 16.11 5.83
N TYR A 628 -9.27 17.19 6.38
CA TYR A 628 -10.34 17.02 7.30
C TYR A 628 -11.32 18.18 7.05
N PHE A 629 -12.55 17.76 6.95
CA PHE A 629 -13.66 18.66 6.58
C PHE A 629 -14.72 18.57 7.67
N ARG A 630 -15.24 19.75 8.05
CA ARG A 630 -16.32 19.82 9.03
C ARG A 630 -17.34 20.74 8.45
N ILE A 631 -18.49 20.19 8.18
CA ILE A 631 -19.49 21.01 7.62
C ILE A 631 -20.41 21.34 8.80
N ASN A 632 -20.58 22.58 9.13
CA ASN A 632 -21.43 22.93 10.27
C ASN A 632 -22.77 23.43 9.80
N SER A 633 -23.76 23.41 10.71
CA SER A 633 -25.08 23.98 10.40
C SER A 633 -25.43 25.18 11.28
N PRO A 634 -26.33 26.05 10.85
CA PRO A 634 -26.67 27.20 11.68
C PRO A 634 -27.51 26.62 12.79
N SER A 635 -28.10 25.48 12.52
CA SER A 635 -29.00 24.87 13.49
C SER A 635 -28.36 24.54 14.82
N GLY A 636 -27.05 24.44 14.92
CA GLY A 636 -26.54 24.07 16.21
C GLY A 636 -25.07 23.74 16.15
N PRO A 637 -24.44 23.39 17.28
CA PRO A 637 -23.02 23.08 17.35
C PRO A 637 -22.57 21.70 16.84
N LEU A 638 -23.48 20.73 16.75
CA LEU A 638 -23.11 19.41 16.21
C LEU A 638 -22.95 19.55 14.69
N PRO A 639 -21.88 19.00 14.14
CA PRO A 639 -21.67 19.14 12.69
C PRO A 639 -22.75 18.43 11.90
N ARG A 640 -23.06 18.97 10.73
CA ARG A 640 -23.92 18.30 9.82
C ARG A 640 -23.10 17.10 9.26
N ALA A 641 -21.79 17.24 9.03
CA ALA A 641 -20.98 16.12 8.48
C ALA A 641 -19.52 16.35 8.75
N VAL A 642 -18.75 15.27 8.82
CA VAL A 642 -17.32 15.40 9.03
C VAL A 642 -16.66 14.33 8.20
N ALA A 643 -15.50 14.62 7.60
CA ALA A 643 -14.83 13.55 6.85
C ALA A 643 -13.37 13.80 6.99
N ALA A 644 -12.64 12.71 6.87
CA ALA A 644 -11.22 12.88 6.92
C ALA A 644 -10.68 11.81 5.96
N LYS A 645 -9.60 12.13 5.28
CA LYS A 645 -9.04 11.24 4.25
CA LYS A 645 -9.04 11.11 4.38
C LYS A 645 -7.54 11.24 4.38
N ILE A 646 -6.90 10.13 4.02
CA ILE A 646 -5.48 10.15 3.96
C ILE A 646 -5.02 9.56 2.66
N ARG A 647 -4.02 10.22 2.11
CA ARG A 647 -3.54 9.84 0.78
C ARG A 647 -2.02 9.68 0.75
N GLY A 648 -1.56 8.95 -0.24
CA GLY A 648 -0.14 8.66 -0.31
C GLY A 648 0.45 8.97 -1.65
N GLN A 649 1.73 9.34 -1.71
CA GLN A 649 2.33 9.60 -3.02
C GLN A 649 3.65 8.84 -3.06
N GLY A 650 3.99 8.30 -4.21
CA GLY A 650 5.29 7.57 -4.29
C GLY A 650 5.43 7.08 -5.69
N MET A 651 6.68 7.00 -6.12
CA MET A 651 7.02 6.54 -7.48
C MET A 651 6.23 7.30 -8.53
N GLY A 652 5.95 8.55 -8.25
CA GLY A 652 5.28 9.32 -9.29
C GLY A 652 3.79 9.12 -9.44
N TYR A 653 3.23 8.40 -8.47
CA TYR A 653 1.79 8.17 -8.47
C TYR A 653 1.23 8.52 -7.13
N ALA A 654 -0.08 8.64 -7.04
CA ALA A 654 -0.69 8.88 -5.74
C ALA A 654 -1.93 8.02 -5.59
N SER A 655 -2.30 7.79 -4.34
CA SER A 655 -3.54 7.11 -4.12
C SER A 655 -4.19 7.48 -2.83
N ASP A 656 -5.54 7.46 -2.83
CA ASP A 656 -6.21 7.54 -1.54
C ASP A 656 -5.94 6.28 -0.82
N ILE A 657 -5.71 6.40 0.46
CA ILE A 657 -5.52 5.25 1.31
C ILE A 657 -6.83 4.92 2.02
N VAL A 658 -7.36 5.85 2.86
CA VAL A 658 -8.60 5.53 3.55
C VAL A 658 -9.26 6.83 3.84
N GLU A 659 -10.59 6.82 3.82
CA GLU A 659 -11.37 8.02 4.09
C GLU A 659 -12.59 7.57 4.87
N PHE A 660 -13.05 8.43 5.79
CA PHE A 660 -14.22 8.10 6.63
C PHE A 660 -15.01 9.39 6.64
N GLY A 661 -16.32 9.27 6.55
CA GLY A 661 -17.21 10.40 6.66
C GLY A 661 -18.32 9.99 7.61
N LEU A 662 -18.97 11.02 8.19
CA LEU A 662 -20.13 10.78 9.06
C LEU A 662 -21.04 11.91 8.73
N ARG A 663 -22.35 11.65 8.65
CA ARG A 663 -23.27 12.78 8.42
C ARG A 663 -24.35 12.61 9.54
N ALA A 664 -24.96 13.67 10.01
CA ALA A 664 -25.86 13.44 11.19
C ALA A 664 -26.97 14.45 11.23
N GLU A 665 -27.64 14.63 10.10
CA GLU A 665 -28.76 15.53 9.92
C GLU A 665 -29.94 15.33 10.89
N GLY A 666 -30.47 14.12 10.97
CA GLY A 666 -31.63 13.94 11.81
C GLY A 666 -31.17 14.20 13.21
N LEU A 667 -30.06 13.53 13.56
CA LEU A 667 -29.54 13.74 14.89
C LEU A 667 -29.58 15.24 15.22
N GLN A 668 -29.22 16.10 14.25
CA GLN A 668 -29.22 17.54 14.47
C GLN A 668 -30.64 18.07 14.72
N GLU A 669 -31.53 17.77 13.79
CA GLU A 669 -32.95 18.12 13.82
C GLU A 669 -33.66 17.65 15.08
N LEU A 670 -33.04 16.75 15.84
CA LEU A 670 -33.68 16.27 17.06
C LEU A 670 -32.97 16.79 18.30
N LEU A 671 -31.82 17.42 18.08
CA LEU A 671 -31.03 17.98 19.17
C LEU A 671 -31.30 19.49 19.33
N TYR A 672 -31.88 20.09 18.30
CA TYR A 672 -32.14 21.52 18.28
C TYR A 672 -33.60 21.81 17.93
N ASP A 712 -45.82 15.53 -14.40
CA ASP A 712 -45.88 14.24 -13.71
C ASP A 712 -44.64 14.03 -12.86
N TRP A 713 -44.80 14.00 -11.53
CA TRP A 713 -43.67 13.78 -10.64
C TRP A 713 -44.08 13.18 -9.32
N LYS A 714 -43.10 12.67 -8.57
CA LYS A 714 -43.39 11.97 -7.31
CA LYS A 714 -43.38 11.95 -7.32
C LYS A 714 -42.23 12.05 -6.31
N SER A 715 -42.32 13.04 -5.42
CA SER A 715 -41.29 13.31 -4.42
C SER A 715 -40.79 12.07 -3.73
N VAL A 716 -39.51 12.06 -3.49
CA VAL A 716 -38.90 10.93 -2.81
C VAL A 716 -39.01 11.07 -1.30
N PRO A 717 -39.72 10.12 -0.67
CA PRO A 717 -39.94 10.08 0.79
C PRO A 717 -38.59 10.05 1.53
N GLU A 718 -38.39 10.99 2.42
CA GLU A 718 -37.07 11.08 3.00
C GLU A 718 -36.87 10.24 4.26
N GLU A 719 -36.09 9.18 4.07
CA GLU A 719 -35.64 8.41 5.20
C GLU A 719 -34.76 9.41 5.92
N ARG A 720 -35.12 9.88 7.12
CA ARG A 720 -34.19 10.79 7.77
C ARG A 720 -33.33 10.07 8.82
N PRO A 721 -32.15 9.59 8.40
CA PRO A 721 -31.27 8.89 9.30
C PRO A 721 -30.76 9.86 10.36
N LEU A 722 -30.90 9.39 11.58
CA LEU A 722 -30.34 10.17 12.66
C LEU A 722 -28.91 10.48 12.20
N ALA A 723 -28.25 9.48 11.60
CA ALA A 723 -26.89 9.60 11.19
C ALA A 723 -26.47 8.51 10.21
N SER A 724 -25.42 8.82 9.46
CA SER A 724 -24.87 7.88 8.51
C SER A 724 -23.33 8.00 8.48
N GLY A 725 -22.67 6.95 7.96
CA GLY A 725 -21.24 6.96 7.90
C GLY A 725 -20.78 6.06 6.77
N TYR A 726 -19.59 6.31 6.27
CA TYR A 726 -19.02 5.41 5.25
C TYR A 726 -17.55 5.35 5.41
N VAL A 727 -16.99 4.39 4.66
CA VAL A 727 -15.55 4.23 4.71
C VAL A 727 -15.16 3.97 3.29
N LYS A 728 -14.11 4.62 2.82
CA LYS A 728 -13.56 4.37 1.48
C LYS A 728 -12.15 3.93 1.61
N VAL A 729 -11.74 3.05 0.74
CA VAL A 729 -10.36 2.57 0.77
C VAL A 729 -9.90 2.68 -0.67
N HIS A 730 -8.76 3.32 -0.89
CA HIS A 730 -8.31 3.70 -2.21
CA HIS A 730 -8.31 3.69 -2.22
C HIS A 730 -9.35 4.45 -3.03
N GLY A 731 -10.18 5.26 -2.41
CA GLY A 731 -11.11 6.02 -3.27
C GLY A 731 -12.45 5.35 -3.50
N GLN A 732 -12.53 4.09 -3.10
CA GLN A 732 -13.68 3.22 -3.33
C GLN A 732 -14.45 2.95 -2.08
N GLU A 733 -15.72 3.29 -2.16
CA GLU A 733 -16.57 3.08 -0.96
C GLU A 733 -16.88 1.61 -0.77
N VAL A 734 -16.51 1.14 0.43
CA VAL A 734 -16.53 -0.28 0.70
C VAL A 734 -17.64 -0.63 1.68
N VAL A 735 -18.12 0.35 2.48
CA VAL A 735 -19.23 0.06 3.37
C VAL A 735 -19.85 1.38 3.81
N PHE A 736 -21.17 1.48 3.89
CA PHE A 736 -21.74 2.64 4.60
C PHE A 736 -22.91 2.19 5.45
N ALA A 737 -23.24 2.92 6.52
CA ALA A 737 -24.32 2.42 7.36
C ALA A 737 -25.06 3.61 7.87
N GLU A 738 -26.29 3.35 8.24
CA GLU A 738 -27.21 4.37 8.72
C GLU A 738 -27.68 3.95 10.09
N LEU A 739 -27.95 4.96 10.91
CA LEU A 739 -28.43 4.81 12.29
C LEU A 739 -29.73 5.54 12.36
N ASP A 740 -30.80 4.87 12.00
CA ASP A 740 -32.12 5.49 12.07
C ASP A 740 -32.73 5.13 13.42
N LYS A 741 -33.75 4.28 13.37
CA LYS A 741 -34.50 3.91 14.56
C LYS A 741 -33.95 2.68 15.29
N LYS A 742 -32.62 2.61 15.42
CA LYS A 742 -31.97 1.56 16.22
CA LYS A 742 -31.97 1.56 16.22
C LYS A 742 -31.51 2.19 17.52
N MET A 743 -31.91 3.46 17.69
CA MET A 743 -31.62 4.29 18.85
C MET A 743 -30.57 3.71 19.80
N GLN A 762 -34.35 -14.32 29.64
CA GLN A 762 -33.01 -13.91 29.23
C GLN A 762 -32.21 -15.10 28.65
N GLU A 763 -32.93 -15.99 27.94
CA GLU A 763 -32.44 -17.21 27.33
C GLU A 763 -31.09 -17.02 26.63
N GLN A 764 -30.94 -15.84 26.03
CA GLN A 764 -29.77 -15.39 25.27
C GLN A 764 -28.48 -15.33 26.08
N ILE A 765 -28.57 -15.28 27.42
CA ILE A 765 -27.39 -15.18 28.27
C ILE A 765 -27.10 -16.40 29.15
N GLY A 766 -28.13 -17.16 29.54
CA GLY A 766 -27.88 -18.35 30.37
C GLY A 766 -27.04 -19.40 29.65
N ALA A 767 -27.31 -19.46 28.35
CA ALA A 767 -26.64 -20.35 27.40
C ALA A 767 -25.12 -20.13 27.34
N VAL A 768 -24.70 -18.85 27.28
CA VAL A 768 -23.29 -18.42 27.23
C VAL A 768 -22.53 -18.76 28.51
N VAL A 769 -23.15 -18.41 29.63
CA VAL A 769 -22.64 -18.79 30.94
C VAL A 769 -22.48 -20.31 30.96
N SER A 770 -23.47 -21.02 30.42
CA SER A 770 -23.40 -22.49 30.40
C SER A 770 -22.22 -22.96 29.50
N LYS A 771 -22.12 -22.32 28.33
CA LYS A 771 -21.05 -22.54 27.35
C LYS A 771 -19.75 -22.25 28.06
N LEU A 772 -19.71 -21.09 28.74
CA LEU A 772 -18.53 -20.63 29.48
C LEU A 772 -18.17 -21.55 30.63
N GLU A 773 -19.16 -22.18 31.29
CA GLU A 773 -18.86 -23.05 32.42
C GLU A 773 -18.38 -24.37 31.92
N GLN A 774 -18.78 -24.65 30.71
CA GLN A 774 -18.28 -25.94 30.18
C GLN A 774 -16.94 -25.81 29.49
N GLY A 775 -16.48 -24.57 29.30
CA GLY A 775 -15.16 -24.34 28.63
C GLY A 775 -15.33 -24.08 27.11
N MET A 776 -14.62 -23.11 26.56
CA MET A 776 -14.68 -22.77 25.11
C MET A 776 -13.25 -22.67 24.61
N ASP A 777 -13.04 -23.27 23.46
CA ASP A 777 -11.79 -23.24 22.68
C ASP A 777 -12.21 -22.45 21.42
N VAL A 778 -11.61 -21.28 21.16
CA VAL A 778 -11.90 -20.57 19.91
C VAL A 778 -10.63 -20.34 19.10
N LEU A 779 -10.65 -20.56 17.79
CA LEU A 779 -9.47 -20.27 16.97
C LEU A 779 -9.88 -19.41 15.78
N LEU A 780 -9.21 -18.32 15.55
CA LEU A 780 -9.51 -17.54 14.33
C LEU A 780 -8.18 -17.31 13.65
N THR A 781 -8.09 -17.81 12.45
CA THR A 781 -6.89 -17.51 11.70
C THR A 781 -7.34 -16.73 10.50
N LYS A 782 -6.46 -15.94 9.94
CA LYS A 782 -6.81 -15.30 8.70
C LYS A 782 -5.52 -15.24 7.87
N GLY A 783 -5.66 -15.59 6.59
CA GLY A 783 -4.62 -15.49 5.59
C GLY A 783 -5.03 -14.39 4.64
N TYR A 784 -4.15 -13.49 4.22
CA TYR A 784 -4.59 -12.44 3.29
C TYR A 784 -3.43 -11.81 2.52
N VAL A 785 -3.73 -11.26 1.34
CA VAL A 785 -2.72 -10.55 0.54
C VAL A 785 -3.05 -9.08 0.75
N VAL A 786 -2.14 -8.38 1.40
CA VAL A 786 -2.25 -6.96 1.74
C VAL A 786 -2.02 -6.12 0.51
N SER A 787 -1.04 -6.46 -0.30
CA SER A 787 -0.91 -5.74 -1.55
C SER A 787 -0.08 -6.57 -2.46
N GLU A 788 -0.41 -6.39 -3.71
CA GLU A 788 0.26 -7.12 -4.77
C GLU A 788 0.24 -6.23 -6.01
N VAL A 789 1.41 -5.78 -6.39
CA VAL A 789 1.56 -4.89 -7.53
CA VAL A 789 1.51 -4.92 -7.56
C VAL A 789 2.52 -5.58 -8.47
N ARG A 790 2.25 -5.54 -9.73
CA ARG A 790 3.13 -6.20 -10.67
C ARG A 790 3.13 -5.45 -11.98
N TYR A 791 4.36 -5.33 -12.50
CA TYR A 791 4.57 -4.67 -13.74
C TYR A 791 5.38 -5.63 -14.60
N MET A 792 4.87 -6.05 -15.76
CA MET A 792 5.70 -6.92 -16.60
C MET A 792 5.86 -6.30 -17.99
N GLN A 793 7.04 -6.48 -18.54
CA GLN A 793 7.41 -5.87 -19.82
C GLN A 793 8.51 -6.69 -20.50
N PRO A 794 8.45 -6.89 -21.82
CA PRO A 794 9.51 -7.65 -22.50
C PRO A 794 10.84 -6.88 -22.42
N VAL A 795 11.94 -7.59 -22.32
CA VAL A 795 13.24 -6.96 -22.54
C VAL A 795 13.59 -7.35 -23.98
N CYS A 796 14.67 -6.78 -24.53
CA CYS A 796 14.97 -6.94 -25.94
C CYS A 796 15.17 -8.41 -26.39
N ILE A 797 15.53 -9.30 -25.49
CA ILE A 797 15.69 -10.70 -25.89
C ILE A 797 14.40 -11.48 -26.00
N GLY A 798 13.29 -10.88 -25.55
CA GLY A 798 12.03 -11.53 -25.78
C GLY A 798 11.55 -12.34 -24.65
N ILE A 799 12.10 -12.19 -23.44
CA ILE A 799 11.41 -12.75 -22.29
C ILE A 799 10.96 -11.55 -21.44
N PRO A 800 9.94 -11.68 -20.63
CA PRO A 800 9.51 -10.51 -19.86
C PRO A 800 10.25 -10.22 -18.59
N MET A 801 10.51 -8.97 -18.34
CA MET A 801 11.00 -8.56 -17.02
C MET A 801 9.77 -8.41 -16.14
N ASP A 802 9.98 -8.60 -14.84
CA ASP A 802 8.86 -8.67 -13.90
C ASP A 802 9.26 -7.93 -12.64
N LEU A 803 8.51 -6.91 -12.29
CA LEU A 803 8.76 -6.12 -11.08
C LEU A 803 7.53 -6.44 -10.23
N ASN A 804 7.74 -6.93 -9.01
CA ASN A 804 6.59 -7.53 -8.25
C ASN A 804 6.77 -7.20 -6.78
N LEU A 805 5.75 -6.58 -6.22
CA LEU A 805 5.69 -6.25 -4.77
C LEU A 805 4.52 -7.07 -4.19
N LEU A 806 4.77 -7.98 -3.27
CA LEU A 806 3.70 -8.89 -2.73
C LEU A 806 3.73 -8.76 -1.22
N VAL A 807 2.67 -8.39 -0.55
CA VAL A 807 2.79 -8.30 0.89
C VAL A 807 1.64 -9.21 1.39
N SER A 808 2.00 -10.24 2.09
CA SER A 808 0.91 -11.06 2.59
C SER A 808 1.10 -11.30 4.06
N GLY A 809 0.01 -11.74 4.71
CA GLY A 809 0.02 -11.89 6.16
C GLY A 809 -0.90 -12.99 6.68
N VAL A 810 -0.44 -13.58 7.77
CA VAL A 810 -1.28 -14.60 8.42
C VAL A 810 -1.45 -14.27 9.88
N THR A 811 -2.70 -14.29 10.30
CA THR A 811 -2.95 -14.05 11.71
C THR A 811 -3.63 -15.28 12.39
N THR A 812 -3.18 -15.62 13.58
CA THR A 812 -3.81 -16.77 14.28
C THR A 812 -4.15 -16.35 15.67
N ASN A 813 -5.39 -16.55 16.12
CA ASN A 813 -5.73 -16.14 17.47
C ASN A 813 -6.52 -17.28 18.10
N ARG A 814 -6.04 -17.76 19.22
CA ARG A 814 -6.71 -18.89 19.90
C ARG A 814 -6.95 -18.53 21.35
N ALA A 815 -8.14 -18.87 21.82
CA ALA A 815 -8.45 -18.65 23.22
C ALA A 815 -9.18 -19.85 23.78
N ASN A 816 -8.71 -20.33 24.93
CA ASN A 816 -9.44 -21.31 25.72
C ASN A 816 -9.92 -20.57 26.97
N LEU A 817 -11.22 -20.61 27.23
CA LEU A 817 -11.81 -19.85 28.34
C LEU A 817 -12.73 -20.71 29.17
N SER A 818 -12.65 -20.64 30.50
CA SER A 818 -13.56 -21.45 31.33
CA SER A 818 -13.56 -21.45 31.33
C SER A 818 -13.98 -20.59 32.50
N ALA A 819 -15.27 -20.41 32.68
CA ALA A 819 -15.74 -19.51 33.73
C ALA A 819 -16.32 -20.19 34.95
N SER A 820 -16.04 -19.61 36.10
CA SER A 820 -16.58 -20.13 37.33
C SER A 820 -17.36 -19.03 38.08
N PHE A 821 -18.44 -19.44 38.77
CA PHE A 821 -19.32 -18.57 39.60
C PHE A 821 -19.67 -19.40 40.85
N SER A 822 -20.30 -18.83 41.88
CA SER A 822 -20.71 -19.69 43.02
C SER A 822 -22.22 -19.83 43.23
N SER A 823 -22.73 -19.14 44.26
CA SER A 823 -24.14 -19.09 44.66
C SER A 823 -25.02 -18.28 43.69
N LEU A 824 -24.72 -18.38 42.40
CA LEU A 824 -25.50 -17.70 41.37
C LEU A 824 -26.92 -18.23 41.39
N PRO A 825 -27.92 -17.34 41.47
CA PRO A 825 -29.30 -17.80 41.49
C PRO A 825 -29.50 -18.60 40.20
N ALA A 826 -30.29 -19.67 40.31
CA ALA A 826 -30.59 -20.62 39.24
C ALA A 826 -31.35 -19.98 38.09
N ASP A 827 -32.23 -19.03 38.39
CA ASP A 827 -32.93 -18.19 37.39
C ASP A 827 -32.07 -16.94 37.08
N MET A 828 -30.75 -17.12 36.94
CA MET A 828 -29.81 -16.00 36.79
C MET A 828 -30.20 -15.00 35.72
N LYS A 829 -29.95 -13.74 36.03
CA LYS A 829 -30.08 -12.65 35.07
C LYS A 829 -28.72 -11.98 34.88
N LEU A 830 -28.61 -11.02 33.95
CA LEU A 830 -27.33 -10.33 33.71
C LEU A 830 -26.90 -9.63 34.99
N ALA A 831 -27.87 -8.96 35.60
CA ALA A 831 -27.64 -8.23 36.84
C ALA A 831 -27.12 -9.13 37.98
N ASP A 832 -27.59 -10.38 38.03
CA ASP A 832 -26.98 -11.27 39.02
C ASP A 832 -25.51 -11.50 38.66
N LEU A 833 -25.22 -11.56 37.36
CA LEU A 833 -23.85 -11.86 36.92
C LEU A 833 -22.97 -10.70 37.34
N LEU A 834 -23.47 -9.52 36.98
CA LEU A 834 -22.79 -8.26 37.30
C LEU A 834 -22.69 -8.09 38.80
N ALA A 835 -23.14 -9.05 39.60
CA ALA A 835 -23.03 -8.86 41.03
C ALA A 835 -22.32 -9.99 41.73
N THR A 836 -21.79 -10.95 40.97
CA THR A 836 -21.07 -12.07 41.61
C THR A 836 -19.57 -12.07 41.30
N ASN A 837 -18.87 -12.99 41.96
CA ASN A 837 -17.46 -13.23 41.69
C ASN A 837 -17.35 -14.13 40.44
N ILE A 838 -16.97 -13.51 39.35
CA ILE A 838 -16.82 -14.24 38.11
C ILE A 838 -15.38 -14.67 37.91
N GLU A 839 -15.05 -15.95 38.08
CA GLU A 839 -13.70 -16.46 37.83
C GLU A 839 -13.52 -17.01 36.39
N LEU A 840 -12.73 -16.32 35.55
CA LEU A 840 -12.49 -16.75 34.14
C LEU A 840 -11.07 -17.30 33.91
N ARG A 841 -10.91 -18.62 33.77
CA ARG A 841 -9.59 -19.19 33.46
CA ARG A 841 -9.60 -19.23 33.45
C ARG A 841 -9.31 -19.07 31.96
N VAL A 842 -8.18 -18.52 31.58
CA VAL A 842 -7.85 -18.24 30.18
C VAL A 842 -6.46 -18.76 29.76
N ALA A 843 -6.41 -19.38 28.61
CA ALA A 843 -5.16 -19.74 27.93
C ALA A 843 -5.40 -19.17 26.51
N ALA A 844 -4.71 -18.07 26.19
CA ALA A 844 -4.89 -17.35 24.94
C ALA A 844 -3.55 -16.94 24.26
N THR A 845 -3.54 -16.94 22.93
CA THR A 845 -2.39 -16.49 22.12
C THR A 845 -2.84 -15.68 20.93
N THR A 846 -2.15 -14.57 20.63
CA THR A 846 -2.50 -13.79 19.45
C THR A 846 -1.14 -13.66 18.79
N SER A 847 -1.10 -14.02 17.53
CA SER A 847 0.19 -13.95 16.84
C SER A 847 -0.05 -13.58 15.39
N MET A 848 0.99 -13.13 14.71
CA MET A 848 0.82 -12.53 13.37
C MET A 848 2.16 -12.59 12.73
N SER A 849 2.15 -12.91 11.45
CA SER A 849 3.35 -12.83 10.65
C SER A 849 3.04 -12.17 9.32
N GLN A 850 3.88 -11.22 8.87
CA GLN A 850 3.71 -10.53 7.62
C GLN A 850 5.02 -10.56 6.87
N HIS A 851 4.94 -10.98 5.59
CA HIS A 851 6.07 -11.02 4.62
C HIS A 851 5.84 -10.00 3.47
N ALA A 852 6.82 -9.14 3.23
CA ALA A 852 6.83 -8.25 2.06
C ALA A 852 8.00 -8.69 1.16
N VAL A 853 7.65 -9.07 -0.06
CA VAL A 853 8.62 -9.51 -1.08
C VAL A 853 8.64 -8.56 -2.27
N ALA A 854 9.80 -8.06 -2.57
CA ALA A 854 9.96 -7.19 -3.72
C ALA A 854 10.93 -7.87 -4.68
N ILE A 855 10.53 -7.95 -5.94
CA ILE A 855 11.32 -8.62 -6.95
C ILE A 855 11.49 -7.82 -8.22
N MET A 856 12.72 -7.85 -8.74
CA MET A 856 13.03 -7.40 -10.08
C MET A 856 13.82 -8.50 -10.77
N GLY A 857 13.23 -9.06 -11.81
CA GLY A 857 13.94 -10.08 -12.56
C GLY A 857 13.24 -10.45 -13.85
N LEU A 858 13.62 -11.61 -14.36
CA LEU A 858 13.14 -12.19 -15.62
C LEU A 858 12.30 -13.39 -15.30
N THR A 859 11.17 -13.51 -15.93
CA THR A 859 10.24 -14.58 -15.56
CA THR A 859 10.28 -14.61 -15.57
C THR A 859 9.71 -15.31 -16.78
N THR A 860 9.67 -16.62 -16.69
CA THR A 860 8.98 -17.43 -17.70
C THR A 860 8.31 -18.51 -16.87
N ASP A 861 7.49 -19.33 -17.49
CA ASP A 861 6.81 -20.44 -16.81
C ASP A 861 7.79 -21.44 -16.18
N LEU A 862 8.95 -21.58 -16.78
CA LEU A 862 9.85 -22.62 -16.30
C LEU A 862 11.10 -22.18 -15.65
N ALA A 863 11.50 -20.94 -15.85
CA ALA A 863 12.75 -20.50 -15.26
C ALA A 863 12.52 -19.06 -14.82
N LYS A 864 12.83 -18.70 -13.59
CA LYS A 864 12.73 -17.29 -13.19
C LYS A 864 14.08 -16.90 -12.64
N ALA A 865 14.53 -15.67 -12.84
CA ALA A 865 15.81 -15.30 -12.23
C ALA A 865 15.74 -13.82 -11.86
N GLY A 866 16.46 -13.41 -10.84
CA GLY A 866 16.44 -12.00 -10.57
C GLY A 866 16.90 -11.70 -9.21
N MET A 867 16.52 -10.52 -8.77
CA MET A 867 16.89 -10.09 -7.46
C MET A 867 15.63 -9.96 -6.60
N GLN A 868 15.76 -10.32 -5.31
CA GLN A 868 14.64 -10.26 -4.37
C GLN A 868 15.05 -9.73 -2.98
N THR A 869 14.29 -8.79 -2.47
CA THR A 869 14.39 -8.43 -1.08
C THR A 869 13.07 -8.88 -0.39
N HIS A 870 13.25 -9.62 0.70
CA HIS A 870 12.18 -10.27 1.50
C HIS A 870 12.22 -9.65 2.92
N TYR A 871 11.15 -8.97 3.36
CA TYR A 871 11.08 -8.46 4.74
C TYR A 871 10.04 -9.30 5.51
N LYS A 872 10.40 -9.93 6.62
CA LYS A 872 9.41 -10.71 7.41
C LYS A 872 9.34 -10.25 8.86
N THR A 873 8.12 -10.10 9.35
CA THR A 873 7.91 -9.67 10.69
C THR A 873 6.87 -10.61 11.32
N SER A 874 7.25 -11.18 12.46
CA SER A 874 6.42 -12.08 13.28
C SER A 874 6.28 -11.48 14.69
N ALA A 875 5.06 -11.43 15.20
CA ALA A 875 4.85 -10.98 16.53
C ALA A 875 3.86 -11.91 17.19
N GLY A 876 3.97 -12.02 18.51
CA GLY A 876 3.06 -12.89 19.21
C GLY A 876 3.13 -12.71 20.71
N LEU A 877 1.97 -12.75 21.39
CA LEU A 877 2.03 -12.68 22.84
C LEU A 877 1.13 -13.77 23.38
N GLY A 878 1.41 -14.25 24.58
CA GLY A 878 0.61 -15.31 25.19
C GLY A 878 0.13 -14.90 26.56
N VAL A 879 -0.95 -15.50 27.05
CA VAL A 879 -1.49 -15.20 28.38
C VAL A 879 -2.24 -16.40 28.89
N ASN A 880 -1.75 -16.94 30.02
CA ASN A 880 -2.34 -18.10 30.72
C ASN A 880 -2.51 -17.65 32.15
N GLY A 881 -3.73 -17.63 32.59
CA GLY A 881 -3.96 -17.20 33.95
C GLY A 881 -5.41 -17.18 34.27
N LYS A 882 -5.74 -16.24 35.14
CA LYS A 882 -7.05 -16.11 35.72
C LYS A 882 -7.46 -14.66 35.75
N ILE A 883 -8.70 -14.43 35.42
CA ILE A 883 -9.27 -13.12 35.62
C ILE A 883 -10.50 -13.32 36.49
N GLU A 884 -10.49 -12.59 37.61
CA GLU A 884 -11.52 -12.55 38.64
C GLU A 884 -12.09 -11.15 38.70
N MET A 885 -13.37 -11.01 38.34
CA MET A 885 -14.07 -9.74 38.31
C MET A 885 -15.34 -9.75 39.17
N ASN A 886 -15.71 -8.57 39.62
CA ASN A 886 -16.93 -8.36 40.38
C ASN A 886 -17.38 -6.94 40.10
N ALA A 887 -18.27 -6.78 39.14
CA ALA A 887 -18.71 -5.43 38.79
C ALA A 887 -19.18 -4.57 39.97
N ARG A 888 -19.92 -5.13 40.91
CA ARG A 888 -20.43 -4.29 42.01
C ARG A 888 -19.38 -3.97 43.07
N GLU A 889 -18.47 -4.90 43.32
CA GLU A 889 -17.45 -4.64 44.34
C GLU A 889 -16.38 -3.75 43.77
N SER A 890 -16.54 -3.42 42.48
CA SER A 890 -15.61 -2.60 41.73
C SER A 890 -14.17 -3.12 41.86
N ASN A 891 -14.03 -4.43 41.75
CA ASN A 891 -12.74 -5.07 41.89
C ASN A 891 -12.43 -5.97 40.71
N PHE A 892 -11.23 -5.79 40.16
CA PHE A 892 -10.74 -6.56 39.03
CA PHE A 892 -10.73 -6.57 39.03
C PHE A 892 -9.44 -7.25 39.44
N LYS A 893 -9.23 -8.51 39.02
CA LYS A 893 -8.01 -9.21 39.39
C LYS A 893 -7.49 -10.23 38.35
N ALA A 894 -6.24 -10.05 37.94
CA ALA A 894 -5.57 -10.97 36.99
C ALA A 894 -4.35 -11.72 37.55
N SER A 895 -4.36 -13.02 37.50
CA SER A 895 -3.21 -13.77 37.94
C SER A 895 -2.61 -14.50 36.75
N LEU A 896 -1.54 -13.90 36.21
CA LEU A 896 -0.82 -14.39 35.02
C LEU A 896 0.51 -15.08 35.32
N LYS A 897 0.70 -16.26 34.78
CA LYS A 897 2.00 -16.88 34.84
C LYS A 897 2.95 -15.99 34.02
N PRO A 898 4.12 -15.70 34.59
CA PRO A 898 5.14 -14.87 33.95
C PRO A 898 5.96 -15.63 32.90
N PHE A 899 6.78 -14.87 32.20
CA PHE A 899 7.67 -15.48 31.23
C PHE A 899 8.68 -16.26 32.03
N GLN A 900 8.84 -17.53 31.72
CA GLN A 900 9.77 -18.36 32.44
C GLN A 900 11.19 -18.26 31.87
N GLN A 901 11.29 -18.14 30.54
CA GLN A 901 12.55 -18.08 29.80
C GLN A 901 12.54 -16.91 28.83
N LYS A 902 13.70 -16.67 28.23
CA LYS A 902 13.80 -15.66 27.18
C LYS A 902 12.75 -16.00 26.09
N THR A 903 11.89 -15.04 25.83
CA THR A 903 10.76 -15.28 24.94
C THR A 903 10.68 -14.22 23.87
N VAL A 904 10.77 -14.65 22.62
CA VAL A 904 10.82 -13.62 21.56
C VAL A 904 9.41 -13.22 21.24
N VAL A 905 9.19 -11.94 21.25
CA VAL A 905 7.85 -11.48 21.04
C VAL A 905 7.65 -10.79 19.68
N VAL A 906 8.71 -10.16 19.14
CA VAL A 906 8.72 -9.59 17.78
C VAL A 906 9.98 -10.05 17.05
N LEU A 907 9.84 -10.81 15.98
CA LEU A 907 11.01 -11.25 15.18
C LEU A 907 10.92 -10.59 13.80
N SER A 908 11.93 -9.79 13.44
CA SER A 908 11.95 -9.15 12.10
C SER A 908 13.26 -9.42 11.33
N THR A 909 13.11 -9.96 10.14
CA THR A 909 14.26 -10.22 9.30
C THR A 909 14.08 -9.61 7.92
N MET A 910 15.21 -9.37 7.31
CA MET A 910 15.24 -8.89 5.95
C MET A 910 16.37 -9.57 5.26
N GLU A 911 16.19 -9.95 4.03
CA GLU A 911 17.25 -10.65 3.29
C GLU A 911 17.12 -10.25 1.80
N SER A 912 18.25 -9.82 1.22
CA SER A 912 18.33 -9.53 -0.20
C SER A 912 19.12 -10.63 -0.85
N ILE A 913 18.51 -11.26 -1.83
CA ILE A 913 19.20 -12.36 -2.52
C ILE A 913 19.01 -12.20 -4.01
N VAL A 914 19.81 -12.95 -4.75
CA VAL A 914 19.57 -13.13 -6.17
C VAL A 914 19.28 -14.61 -6.32
N PHE A 915 18.46 -14.97 -7.31
CA PHE A 915 17.96 -16.31 -7.32
C PHE A 915 17.83 -16.81 -8.76
N VAL A 916 17.81 -18.11 -8.97
CA VAL A 916 17.33 -18.70 -10.19
C VAL A 916 16.38 -19.84 -9.76
N ARG A 917 15.14 -19.81 -10.19
CA ARG A 917 14.19 -20.84 -9.79
C ARG A 917 13.71 -21.52 -11.02
N ASP A 918 13.64 -22.85 -10.95
CA ASP A 918 13.02 -23.66 -12.00
C ASP A 918 12.43 -24.97 -11.38
N PRO A 919 11.95 -25.99 -12.11
CA PRO A 919 11.39 -27.19 -11.46
CA PRO A 919 11.41 -27.21 -11.48
C PRO A 919 12.38 -27.95 -10.57
N SER A 920 13.67 -27.88 -10.88
CA SER A 920 14.74 -28.48 -10.06
C SER A 920 14.79 -27.86 -8.69
N GLY A 921 14.15 -26.68 -8.52
CA GLY A 921 14.17 -25.91 -7.26
C GLY A 921 14.93 -24.57 -7.40
N SER A 922 15.37 -23.95 -6.30
CA SER A 922 15.97 -22.63 -6.34
C SER A 922 17.46 -22.72 -6.14
N ARG A 923 18.22 -21.84 -6.78
CA ARG A 923 19.62 -21.58 -6.44
C ARG A 923 19.66 -20.13 -6.02
N ILE A 924 20.21 -19.87 -4.88
CA ILE A 924 20.19 -18.55 -4.29
C ILE A 924 21.55 -18.09 -3.77
N LEU A 925 21.91 -16.83 -4.06
CA LEU A 925 23.06 -16.24 -3.46
C LEU A 925 22.69 -14.97 -2.76
N PRO A 926 23.41 -14.57 -1.71
CA PRO A 926 23.07 -13.29 -1.08
C PRO A 926 23.52 -12.21 -2.08
N VAL A 927 22.77 -11.14 -2.11
CA VAL A 927 23.28 -10.01 -2.90
C VAL A 927 24.71 -9.61 -2.46
N LEU A 928 25.00 -9.58 -1.16
CA LEU A 928 26.29 -9.03 -0.78
C LEU A 928 27.11 -10.27 -0.49
N PRO A 929 28.10 -10.62 -1.33
CA PRO A 929 28.90 -11.83 -1.02
C PRO A 929 29.47 -11.81 0.42
N PRO A 930 29.18 -12.84 1.24
CA PRO A 930 29.69 -12.92 2.60
C PRO A 930 31.12 -12.39 2.74
N LYS A 931 31.96 -12.71 1.78
CA LYS A 931 33.28 -12.13 1.82
C LYS A 931 33.70 -11.72 0.43
N MET A 932 34.46 -10.63 0.39
CA MET A 932 35.00 -10.02 -0.82
C MET A 932 35.97 -8.92 -0.34
N THR A 933 36.44 -8.04 -1.24
CA THR A 933 37.37 -6.98 -0.86
C THR A 933 37.59 -5.98 -1.99
N GLN A 978 42.40 2.82 14.81
CA GLN A 978 42.63 1.39 14.99
C GLN A 978 41.48 0.62 14.38
N LYS A 979 40.40 0.49 15.16
CA LYS A 979 39.18 -0.25 14.83
C LYS A 979 38.31 0.47 13.79
N GLN A 980 37.91 1.69 14.12
CA GLN A 980 37.06 2.50 13.26
C GLN A 980 37.47 2.44 11.78
N ILE A 981 38.67 2.93 11.49
CA ILE A 981 39.20 2.99 10.14
C ILE A 981 38.91 1.76 9.30
N HIS A 982 39.45 0.60 9.70
CA HIS A 982 39.31 -0.67 8.98
C HIS A 982 37.84 -1.02 8.71
N ASP A 983 36.95 -0.65 9.64
CA ASP A 983 35.51 -0.88 9.51
C ASP A 983 34.87 0.01 8.44
N ILE A 984 35.11 1.31 8.55
CA ILE A 984 34.57 2.29 7.64
C ILE A 984 35.23 2.19 6.25
N MET A 985 36.54 2.03 6.20
CA MET A 985 37.22 2.02 4.93
C MET A 985 37.24 0.63 4.41
N THR A 986 36.03 0.09 4.21
CA THR A 986 35.92 -1.32 3.91
C THR A 986 35.37 -1.56 2.52
N ALA A 987 35.88 -2.57 1.87
CA ALA A 987 35.34 -2.89 0.59
C ALA A 987 34.38 -4.01 0.83
N ARG A 988 34.09 -4.33 2.07
CA ARG A 988 33.15 -5.41 2.32
CA ARG A 988 33.15 -5.42 2.32
C ARG A 988 32.08 -5.02 3.33
N PRO A 989 30.99 -5.80 3.45
CA PRO A 989 29.97 -5.43 4.43
C PRO A 989 30.47 -5.81 5.80
N VAL A 990 30.11 -5.00 6.76
CA VAL A 990 30.52 -5.19 8.15
C VAL A 990 29.26 -5.42 8.98
N MET A 991 29.18 -6.53 9.72
CA MET A 991 27.97 -6.73 10.54
C MET A 991 27.96 -5.71 11.69
N ARG A 992 26.87 -4.96 11.86
CA ARG A 992 26.75 -3.99 12.97
C ARG A 992 25.79 -4.62 14.00
N ARG A 993 25.88 -4.25 15.28
CA ARG A 993 25.01 -4.85 16.29
C ARG A 993 24.51 -3.82 17.30
N LYS A 994 23.24 -3.94 17.65
CA LYS A 994 22.57 -3.03 18.55
C LYS A 994 21.88 -3.91 19.60
N GLN A 995 21.46 -3.33 20.73
CA GLN A 995 20.92 -4.12 21.85
C GLN A 995 20.68 -3.20 23.05
N SER A 996 19.40 -2.85 23.23
CA SER A 996 18.91 -2.03 24.34
C SER A 996 18.22 -2.90 25.37
N CYS A 997 17.91 -2.32 26.50
CA CYS A 997 17.15 -3.01 27.54
C CYS A 997 16.22 -2.05 28.23
N SER A 998 15.47 -2.58 29.18
CA SER A 998 14.62 -1.78 30.05
C SER A 998 14.15 -2.76 31.10
N LYS A 999 14.75 -2.68 32.29
CA LYS A 999 14.45 -3.60 33.39
CA LYS A 999 14.45 -3.60 33.39
C LYS A 999 13.23 -3.18 34.20
N SER A 1000 12.51 -4.18 34.67
CA SER A 1000 11.33 -4.02 35.50
C SER A 1000 11.78 -4.55 36.84
N ALA A 1001 11.77 -3.74 37.91
CA ALA A 1001 12.19 -4.22 39.22
C ALA A 1001 11.04 -4.98 39.82
N ALA A 1002 9.89 -4.32 39.80
CA ALA A 1002 8.60 -4.85 40.22
C ALA A 1002 8.35 -6.23 39.63
N LEU A 1003 8.81 -6.46 38.40
CA LEU A 1003 8.59 -7.75 37.78
C LEU A 1003 9.81 -8.64 37.63
N SER A 1004 11.01 -8.20 37.94
CA SER A 1004 12.18 -9.08 37.76
C SER A 1004 12.31 -9.58 36.31
N SER A 1005 11.89 -8.72 35.40
CA SER A 1005 11.91 -9.10 34.01
C SER A 1005 12.37 -7.92 33.17
N LYS A 1006 13.03 -8.26 32.09
CA LYS A 1006 13.47 -7.20 31.20
C LYS A 1006 12.97 -7.40 29.77
N VAL A 1007 12.67 -6.25 29.14
CA VAL A 1007 12.29 -6.21 27.74
C VAL A 1007 13.46 -5.65 26.94
N CYS A 1008 14.09 -6.54 26.18
CA CYS A 1008 15.25 -6.21 25.34
C CYS A 1008 14.94 -6.04 23.84
N PHE A 1009 15.75 -5.29 23.15
CA PHE A 1009 15.63 -5.16 21.70
C PHE A 1009 17.01 -5.39 21.11
N SER A 1010 17.17 -6.50 20.41
N SER A 1010 17.25 -6.52 20.43
CA SER A 1010 18.42 -6.89 19.77
CA SER A 1010 18.56 -6.85 19.86
C SER A 1010 18.32 -6.75 18.24
C SER A 1010 18.56 -7.09 18.33
N ALA A 1011 19.43 -6.38 17.61
CA ALA A 1011 19.47 -6.30 16.14
C ALA A 1011 20.85 -6.49 15.51
N ARG A 1012 20.85 -7.25 14.44
CA ARG A 1012 22.05 -7.44 13.62
CA ARG A 1012 22.06 -7.44 13.63
C ARG A 1012 21.80 -6.92 12.20
N LEU A 1013 22.66 -6.01 11.73
CA LEU A 1013 22.57 -5.39 10.42
C LEU A 1013 23.82 -5.56 9.60
N ARG A 1014 23.62 -5.97 8.36
CA ARG A 1014 24.68 -6.02 7.36
C ARG A 1014 24.10 -5.50 6.01
N ASN A 1015 24.30 -4.24 5.66
CA ASN A 1015 23.79 -3.75 4.37
C ASN A 1015 24.79 -3.25 3.33
N ALA A 1016 24.31 -2.53 2.32
CA ALA A 1016 25.22 -2.07 1.25
C ALA A 1016 25.63 -0.60 1.36
N ALA A 1017 25.34 0.05 2.50
CA ALA A 1017 25.74 1.46 2.57
C ALA A 1017 27.25 1.66 2.35
N PHE A 1018 28.09 0.67 2.70
CA PHE A 1018 29.50 0.81 2.48
C PHE A 1018 29.79 1.03 1.00
N ILE A 1019 28.90 0.61 0.12
CA ILE A 1019 29.17 0.83 -1.30
C ILE A 1019 28.76 2.22 -1.83
N ARG A 1020 27.61 2.69 -1.40
CA ARG A 1020 27.08 3.96 -1.88
CA ARG A 1020 27.14 3.99 -1.84
C ARG A 1020 26.21 4.58 -0.81
N ASN A 1021 26.27 5.89 -0.71
CA ASN A 1021 25.46 6.59 0.26
C ASN A 1021 24.09 6.84 -0.38
N ALA A 1022 23.25 5.82 -0.43
CA ALA A 1022 22.02 5.84 -1.17
C ALA A 1022 20.96 5.08 -0.37
N LEU A 1023 19.69 5.51 -0.33
CA LEU A 1023 18.67 4.83 0.44
C LEU A 1023 18.45 3.33 0.09
N LEU A 1024 18.37 3.00 -1.19
CA LEU A 1024 18.14 1.62 -1.54
C LEU A 1024 19.25 0.71 -0.92
N TYR A 1025 20.49 1.15 -0.93
CA TYR A 1025 21.65 0.35 -0.44
C TYR A 1025 21.64 0.14 1.08
N LYS A 1026 21.04 1.09 1.81
CA LYS A 1026 20.79 0.98 3.23
C LYS A 1026 19.79 -0.11 3.57
N ILE A 1027 18.79 -0.38 2.72
CA ILE A 1027 17.85 -1.44 3.01
C ILE A 1027 18.15 -2.70 2.20
N THR A 1028 19.31 -2.78 1.60
CA THR A 1028 19.64 -3.97 0.85
C THR A 1028 20.72 -4.69 1.64
N GLY A 1029 20.51 -5.95 1.99
CA GLY A 1029 21.53 -6.64 2.73
C GLY A 1029 20.76 -7.70 3.54
N ASP A 1030 21.11 -7.79 4.81
CA ASP A 1030 20.50 -8.77 5.73
CA ASP A 1030 20.36 -8.67 5.67
C ASP A 1030 20.30 -8.04 7.05
N TYR A 1031 19.27 -8.42 7.78
CA TYR A 1031 18.98 -7.79 9.05
C TYR A 1031 18.12 -8.82 9.83
N VAL A 1032 18.34 -8.87 11.12
CA VAL A 1032 17.59 -9.67 12.07
C VAL A 1032 17.47 -8.82 13.32
N SER A 1033 16.25 -8.58 13.77
CA SER A 1033 15.95 -7.82 14.98
C SER A 1033 14.93 -8.61 15.84
N LYS A 1034 15.05 -8.47 17.16
CA LYS A 1034 14.27 -9.25 18.12
C LYS A 1034 13.90 -8.30 19.25
N VAL A 1035 12.61 -8.26 19.56
CA VAL A 1035 12.08 -7.64 20.76
C VAL A 1035 11.77 -8.84 21.70
N TYR A 1036 12.47 -8.99 22.79
CA TYR A 1036 12.16 -10.14 23.63
C TYR A 1036 12.02 -9.78 25.11
N VAL A 1037 11.43 -10.71 25.85
CA VAL A 1037 11.24 -10.51 27.25
C VAL A 1037 11.99 -11.61 27.95
N GLN A 1038 12.63 -11.23 29.03
CA GLN A 1038 13.40 -12.24 29.74
C GLN A 1038 13.40 -12.04 31.27
N PRO A 1039 13.52 -13.14 32.02
CA PRO A 1039 13.56 -13.22 33.49
C PRO A 1039 14.88 -12.70 34.08
N THR A 1040 15.41 -13.47 35.02
CA THR A 1040 16.66 -13.19 35.78
C THR A 1040 16.94 -14.33 36.76
N SER A 1041 15.88 -14.79 37.45
CA SER A 1041 15.93 -15.91 38.41
C SER A 1041 15.02 -15.79 39.62
N SER A 1042 14.57 -14.58 39.97
CA SER A 1042 13.68 -14.38 41.11
C SER A 1042 12.46 -15.29 41.04
N LYS A 1043 12.37 -16.05 39.94
CA LYS A 1043 11.33 -17.04 39.76
C LYS A 1043 9.98 -16.52 40.19
N ALA A 1044 9.45 -15.59 39.41
CA ALA A 1044 8.13 -15.11 39.72
C ALA A 1044 7.18 -16.28 39.48
N GLN A 1045 6.28 -16.48 40.43
CA GLN A 1045 5.34 -17.58 40.30
C GLN A 1045 4.17 -17.14 39.45
N ILE A 1046 3.60 -16.03 39.88
CA ILE A 1046 2.47 -15.40 39.27
C ILE A 1046 2.74 -13.91 39.24
N THR A 1047 1.95 -13.19 38.49
CA THR A 1047 2.02 -11.77 38.44
C THR A 1047 0.55 -11.32 38.50
N LYS A 1048 0.17 -10.63 39.58
CA LYS A 1048 -1.21 -10.20 39.82
C LYS A 1048 -1.35 -8.73 39.58
N VAL A 1049 -2.36 -8.36 38.81
CA VAL A 1049 -2.76 -6.96 38.61
C VAL A 1049 -4.13 -6.86 39.25
N GLU A 1050 -4.27 -6.03 40.27
CA GLU A 1050 -5.57 -5.93 40.93
C GLU A 1050 -6.02 -4.48 41.00
N LEU A 1051 -7.23 -4.20 40.56
CA LEU A 1051 -7.78 -2.84 40.64
C LEU A 1051 -9.00 -2.88 41.56
N GLU A 1052 -9.20 -1.78 42.28
CA GLU A 1052 -10.30 -1.56 43.19
C GLU A 1052 -10.72 -0.09 43.07
N LEU A 1053 -11.89 0.18 42.49
CA LEU A 1053 -12.42 1.53 42.48
C LEU A 1053 -13.32 1.66 43.73
N GLN A 1054 -14.47 2.33 43.61
CA GLN A 1054 -15.48 2.49 44.68
C GLN A 1054 -14.94 2.96 46.02
N ALA A 1055 -15.74 2.80 47.08
CA ALA A 1055 -15.42 3.22 48.45
C ALA A 1055 -14.17 2.60 49.09
N GLY A 1056 -13.87 1.34 48.80
CA GLY A 1056 -12.66 0.73 49.33
C GLY A 1056 -11.43 1.05 48.48
N SER B 51 -14.29 14.68 41.23
CA SER B 51 -15.45 13.80 41.52
C SER B 51 -15.42 13.18 42.91
N LYS B 52 -14.21 13.12 43.46
CA LYS B 52 -13.87 12.58 44.79
C LYS B 52 -13.24 11.19 44.82
N PRO B 53 -13.81 10.18 44.13
CA PRO B 53 -13.26 8.83 44.13
C PRO B 53 -11.76 8.62 43.96
N LYS B 54 -11.35 7.39 44.30
CA LYS B 54 -9.97 6.94 44.23
C LYS B 54 -9.93 5.53 43.63
N VAL B 55 -8.77 5.13 43.15
CA VAL B 55 -8.57 3.84 42.49
C VAL B 55 -7.30 3.22 43.06
N VAL B 56 -7.31 1.97 43.49
CA VAL B 56 -6.06 1.41 43.97
C VAL B 56 -5.70 0.27 43.05
N ILE B 57 -4.43 0.22 42.65
CA ILE B 57 -3.95 -0.79 41.72
C ILE B 57 -2.72 -1.39 42.29
N VAL B 58 -2.63 -2.68 42.30
CA VAL B 58 -1.44 -3.30 42.84
C VAL B 58 -0.94 -4.29 41.82
N LEU B 59 0.35 -4.21 41.53
CA LEU B 59 1.00 -5.14 40.63
C LEU B 59 1.95 -5.97 41.47
N ARG B 60 1.63 -7.23 41.64
CA ARG B 60 2.41 -8.02 42.56
C ARG B 60 3.10 -9.20 41.88
N ALA B 61 4.39 -9.34 42.10
CA ALA B 61 5.12 -10.50 41.65
C ALA B 61 5.37 -11.42 42.83
N VAL B 62 4.76 -12.60 42.84
CA VAL B 62 4.89 -13.58 43.91
C VAL B 62 6.21 -14.33 43.78
N ARG B 63 7.21 -13.93 44.55
CA ARG B 63 8.48 -14.61 44.48
C ARG B 63 8.38 -15.96 45.14
N ALA B 64 9.46 -16.74 45.05
CA ALA B 64 9.54 -18.06 45.68
C ALA B 64 9.64 -17.88 47.20
N ASP B 65 10.49 -16.92 47.58
CA ASP B 65 10.78 -16.53 48.96
C ASP B 65 9.54 -16.12 49.74
N GLY B 66 8.55 -15.59 49.06
CA GLY B 66 7.38 -15.13 49.76
C GLY B 66 7.60 -13.68 50.13
N LYS B 67 8.78 -13.17 49.79
CA LYS B 67 9.03 -11.75 50.02
C LYS B 67 8.01 -10.93 49.22
N GLN B 68 7.66 -9.79 49.79
CA GLN B 68 6.74 -8.86 49.16
C GLN B 68 7.47 -8.15 48.00
N GLN B 69 6.92 -8.27 46.79
CA GLN B 69 7.52 -7.62 45.62
C GLN B 69 6.47 -6.99 44.73
N GLY B 70 6.64 -5.75 44.35
CA GLY B 70 5.64 -5.20 43.47
C GLY B 70 5.51 -3.74 43.61
N LEU B 71 4.41 -3.25 43.12
CA LEU B 71 4.15 -1.83 43.11
C LEU B 71 2.69 -1.56 43.49
N GLN B 72 2.47 -0.52 44.25
CA GLN B 72 1.12 -0.12 44.57
C GLN B 72 0.99 1.34 44.16
N THR B 73 -0.08 1.64 43.43
CA THR B 73 -0.38 2.98 42.96
C THR B 73 -1.72 3.37 43.53
N THR B 74 -1.92 4.61 43.87
CA THR B 74 -3.24 5.01 44.34
C THR B 74 -3.67 6.27 43.63
N LEU B 75 -4.57 6.14 42.66
CA LEU B 75 -5.04 7.32 41.97
C LEU B 75 -6.04 8.06 42.84
N TYR B 76 -5.81 9.36 43.02
CA TYR B 76 -6.72 10.28 43.71
C TYR B 76 -7.26 11.27 42.68
N TYR B 77 -8.39 11.94 43.00
CA TYR B 77 -8.89 13.05 42.20
C TYR B 77 -10.10 13.75 42.80
N GLY B 78 -10.13 15.07 42.59
CA GLY B 78 -11.20 15.91 43.08
C GLY B 78 -11.33 17.17 42.25
N LEU B 79 -12.07 18.13 42.79
CA LEU B 79 -12.32 19.43 42.17
C LEU B 79 -11.99 20.51 43.18
N THR B 80 -10.85 20.29 43.85
CA THR B 80 -10.26 21.09 44.93
C THR B 80 -10.28 22.61 44.70
N SER B 81 -9.82 23.29 45.74
CA SER B 81 -9.63 24.72 45.86
C SER B 81 -10.73 25.61 45.26
N ASN B 82 -11.04 25.54 43.95
CA ASN B 82 -12.11 26.37 43.37
C ASN B 82 -12.79 25.88 42.07
N GLY B 83 -13.29 24.63 42.09
CA GLY B 83 -14.03 24.07 40.96
C GLY B 83 -13.19 23.50 39.83
N LEU B 84 -11.89 23.81 39.87
CA LEU B 84 -10.91 23.40 38.87
C LEU B 84 -10.37 22.02 39.22
N PRO B 85 -10.53 21.06 38.29
CA PRO B 85 -10.11 19.65 38.41
C PRO B 85 -8.69 19.41 38.88
N LYS B 86 -8.55 18.31 39.61
CA LYS B 86 -7.32 17.91 40.27
C LYS B 86 -7.20 16.40 40.24
N ALA B 87 -5.97 15.91 40.15
CA ALA B 87 -5.69 14.49 40.22
C ALA B 87 -4.32 14.31 40.80
N LYS B 88 -4.06 13.13 41.37
CA LYS B 88 -2.76 12.76 41.94
C LYS B 88 -2.58 11.27 41.73
N ILE B 89 -1.32 10.86 41.63
CA ILE B 89 -0.90 9.48 41.46
C ILE B 89 0.30 9.26 42.38
N VAL B 90 0.18 8.29 43.29
CA VAL B 90 1.23 7.92 44.24
C VAL B 90 1.59 6.48 43.90
N ALA B 91 2.86 6.15 44.01
CA ALA B 91 3.23 4.77 43.74
C ALA B 91 4.38 4.32 44.63
N VAL B 92 4.19 3.21 45.34
CA VAL B 92 5.21 2.71 46.25
C VAL B 92 5.46 1.26 45.96
N GLU B 93 6.66 0.79 46.34
CA GLU B 93 7.02 -0.61 46.23
C GLU B 93 6.34 -1.33 47.36
N LEU B 94 6.17 -2.64 47.24
CA LEU B 94 5.44 -3.37 48.28
C LEU B 94 6.33 -3.87 49.41
N SER B 95 7.62 -3.74 49.20
CA SER B 95 8.60 -4.13 50.20
C SER B 95 8.59 -3.10 51.31
N ASP B 96 8.33 -3.57 52.54
CA ASP B 96 8.28 -2.70 53.72
C ASP B 96 9.62 -2.03 53.93
N LEU B 97 10.65 -2.55 53.26
CA LEU B 97 11.96 -1.95 53.29
C LEU B 97 12.08 -0.71 52.38
N SER B 98 11.10 -0.47 51.52
CA SER B 98 11.29 0.57 50.51
C SER B 98 10.86 1.96 50.91
N VAL B 99 11.73 2.92 50.55
CA VAL B 99 11.45 4.33 50.71
C VAL B 99 11.23 4.96 49.32
N TRP B 100 11.31 4.13 48.29
CA TRP B 100 10.94 4.63 46.96
C TRP B 100 9.46 5.07 46.93
N LYS B 101 9.19 6.12 46.19
CA LYS B 101 7.84 6.66 46.06
C LYS B 101 7.75 7.56 44.79
N LEU B 102 6.78 7.32 43.92
CA LEU B 102 6.57 8.20 42.78
C LEU B 102 5.29 8.98 43.09
N CYS B 103 5.38 10.32 43.06
CA CYS B 103 4.25 11.19 43.35
C CYS B 103 4.02 12.18 42.22
N ALA B 104 2.85 12.09 41.60
CA ALA B 104 2.56 12.96 40.48
C ALA B 104 1.24 13.71 40.69
N LYS B 105 1.31 15.04 40.53
CA LYS B 105 0.19 15.92 40.75
C LYS B 105 -0.23 16.71 39.50
N PHE B 106 -1.54 16.88 39.35
CA PHE B 106 -2.10 17.69 38.31
C PHE B 106 -3.14 18.63 38.91
N ARG B 107 -3.20 19.85 38.38
CA ARG B 107 -4.11 20.95 38.73
C ARG B 107 -4.43 21.80 37.49
N LEU B 108 -5.71 22.01 37.22
CA LEU B 108 -6.14 22.79 36.08
C LEU B 108 -6.62 24.10 36.63
N SER B 109 -5.70 25.00 36.95
CA SER B 109 -6.01 26.29 37.56
C SER B 109 -6.97 27.21 36.82
N ALA B 110 -7.50 28.12 37.63
CA ALA B 110 -8.44 29.09 37.18
C ALA B 110 -7.81 29.94 36.08
N HIS B 111 -6.63 30.48 36.38
CA HIS B 111 -5.89 31.35 35.46
C HIS B 111 -5.42 30.62 34.19
N MET B 112 -6.37 29.86 33.63
CA MET B 112 -6.21 29.02 32.45
C MET B 112 -4.84 28.38 32.38
N LYS B 113 -4.35 27.93 33.53
CA LYS B 113 -3.07 27.24 33.57
C LYS B 113 -3.33 25.77 33.72
N ALA B 114 -2.28 24.97 33.62
CA ALA B 114 -2.36 23.55 33.83
C ALA B 114 -0.99 23.19 34.37
N LYS B 115 -0.93 22.89 35.66
CA LYS B 115 0.35 22.54 36.26
C LYS B 115 0.45 21.05 36.46
N ALA B 116 1.63 20.56 36.74
CA ALA B 116 1.79 19.14 36.98
C ALA B 116 3.20 18.89 37.43
N ALA B 117 3.35 18.36 38.64
CA ALA B 117 4.70 18.06 39.08
C ALA B 117 4.90 16.57 39.19
N ILE B 118 6.15 16.18 39.23
CA ILE B 118 6.47 14.80 39.44
C ILE B 118 7.67 14.67 40.34
N GLY B 119 7.47 13.88 41.40
CA GLY B 119 8.50 13.60 42.37
C GLY B 119 8.71 12.11 42.50
N TRP B 120 9.96 11.68 42.40
CA TRP B 120 10.29 10.28 42.59
C TRP B 120 11.62 10.12 43.30
N GLY B 121 11.95 8.89 43.66
CA GLY B 121 13.18 8.64 44.41
C GLY B 121 13.02 8.28 45.88
N LYS B 122 13.92 8.82 46.72
CA LYS B 122 14.05 8.54 48.16
CA LYS B 122 14.02 8.48 48.14
C LYS B 122 12.74 8.66 48.93
N ASN B 123 11.99 9.71 48.65
CA ASN B 123 10.73 9.93 49.35
C ASN B 123 9.83 10.72 48.40
N CYS B 124 10.01 10.45 47.11
CA CYS B 124 9.36 11.18 46.02
C CYS B 124 9.66 12.67 46.15
N GLN B 125 10.90 12.94 46.52
CA GLN B 125 11.40 14.29 46.72
C GLN B 125 12.91 14.37 46.45
N GLN B 126 13.45 13.26 45.91
CA GLN B 126 14.86 13.11 45.50
C GLN B 126 15.03 13.63 44.05
N TYR B 127 13.97 13.43 43.27
CA TYR B 127 13.95 13.87 41.88
C TYR B 127 12.65 14.61 41.62
N ARG B 128 12.74 15.73 40.92
CA ARG B 128 11.59 16.56 40.63
C ARG B 128 11.57 17.10 39.20
N ALA B 129 10.36 17.24 38.68
CA ALA B 129 10.18 17.75 37.34
C ALA B 129 8.73 18.22 37.24
N MET B 130 8.57 19.49 36.84
CA MET B 130 7.28 20.19 36.66
C MET B 130 7.01 20.45 35.17
N LEU B 131 5.75 20.77 34.83
CA LEU B 131 5.35 21.05 33.46
C LEU B 131 4.17 21.99 33.42
N GLU B 132 4.47 23.29 33.51
CA GLU B 132 3.48 24.36 33.61
C GLU B 132 3.07 24.92 32.25
N ALA B 133 1.76 24.94 32.01
CA ALA B 133 1.24 25.40 30.74
C ALA B 133 0.11 26.42 30.94
N SER B 134 0.24 27.54 30.22
CA SER B 134 -0.67 28.67 30.27
C SER B 134 -1.08 29.10 28.86
N THR B 135 -2.32 29.58 28.72
CA THR B 135 -2.71 30.33 27.53
C THR B 135 -3.06 31.74 27.97
N GLY B 136 -3.26 32.65 27.01
CA GLY B 136 -3.53 34.03 27.36
C GLY B 136 -3.14 35.04 26.30
N ASN B 137 -2.76 36.26 26.72
CA ASN B 137 -2.38 37.34 25.81
C ASN B 137 -0.98 37.84 26.11
N LEU B 138 -0.20 38.07 25.05
CA LEU B 138 1.17 38.51 25.23
C LEU B 138 1.37 39.98 24.91
N GLN B 139 0.60 40.49 23.96
CA GLN B 139 0.67 41.92 23.62
C GLN B 139 -0.62 42.32 22.93
N SER B 140 -1.73 41.67 23.31
CA SER B 140 -3.03 41.74 22.61
C SER B 140 -3.21 40.57 21.63
N HIS B 141 -2.29 39.60 21.59
CA HIS B 141 -2.36 38.46 20.67
C HIS B 141 -2.56 37.15 21.43
N PRO B 142 -3.45 36.24 21.00
CA PRO B 142 -3.51 35.04 21.85
C PRO B 142 -2.11 34.42 21.85
N ALA B 143 -1.74 33.94 23.05
CA ALA B 143 -0.44 33.32 23.31
C ALA B 143 -0.59 32.09 24.20
N ALA B 144 0.43 31.25 24.18
CA ALA B 144 0.42 30.00 24.93
C ALA B 144 1.83 29.76 25.34
N ARG B 145 1.98 28.94 26.36
CA ARG B 145 3.29 28.79 26.97
C ARG B 145 3.35 27.48 27.73
N VAL B 146 4.51 26.85 27.63
CA VAL B 146 4.83 25.63 28.35
C VAL B 146 6.24 25.78 28.87
N ASP B 147 6.41 25.59 30.17
CA ASP B 147 7.72 25.59 30.80
C ASP B 147 7.94 24.21 31.44
N ILE B 148 8.96 23.51 30.95
CA ILE B 148 9.37 22.27 31.56
C ILE B 148 10.55 22.61 32.43
N LYS B 149 10.38 22.37 33.72
CA LYS B 149 11.42 22.68 34.69
CA LYS B 149 11.42 22.68 34.69
C LYS B 149 11.91 21.39 35.33
N TRP B 150 13.09 21.41 35.91
CA TRP B 150 13.55 20.18 36.55
C TRP B 150 14.49 20.51 37.68
N GLY B 151 14.39 19.68 38.70
CA GLY B 151 15.24 19.80 39.84
C GLY B 151 16.36 18.84 39.54
N ARG B 152 16.78 18.14 40.61
CA ARG B 152 17.81 17.13 40.53
CA ARG B 152 17.83 17.14 40.49
C ARG B 152 17.28 15.99 39.68
N LEU B 153 18.12 15.43 38.85
CA LEU B 153 17.71 14.29 38.04
C LEU B 153 18.74 13.19 38.29
N PRO B 154 18.28 11.93 38.23
CA PRO B 154 19.20 10.82 38.44
C PRO B 154 20.18 11.01 37.31
N SER B 155 21.46 11.02 37.65
CA SER B 155 22.55 11.22 36.70
C SER B 155 22.22 10.64 35.32
N SER B 156 21.49 9.51 35.32
CA SER B 156 21.08 8.80 34.11
C SER B 156 20.28 9.70 33.18
N LEU B 157 19.16 10.21 33.70
CA LEU B 157 18.30 11.08 32.92
C LEU B 157 19.04 12.37 32.54
N GLN B 158 19.92 12.81 33.45
CA GLN B 158 20.76 14.00 33.26
C GLN B 158 21.48 13.85 31.93
N ARG B 159 21.86 12.63 31.60
CA ARG B 159 22.51 12.39 30.31
C ARG B 159 21.57 12.78 29.19
N ALA B 160 20.36 12.24 29.22
CA ALA B 160 19.36 12.46 28.18
C ALA B 160 19.05 13.94 27.92
N LYS B 161 19.00 14.71 29.00
CA LYS B 161 18.68 16.12 28.94
C LYS B 161 19.85 16.89 28.34
N ASN B 162 21.00 16.84 29.03
CA ASN B 162 22.24 17.50 28.58
C ASN B 162 22.58 17.10 27.15
N ALA B 163 22.08 15.96 26.71
CA ALA B 163 22.27 15.55 25.34
C ALA B 163 21.32 16.35 24.47
N LEU B 164 20.02 16.25 24.73
CA LEU B 164 19.11 16.88 23.80
C LEU B 164 19.09 18.40 23.87
N LEU B 165 19.74 18.97 24.89
CA LEU B 165 19.83 20.42 25.06
CA LEU B 165 19.82 20.41 25.05
C LEU B 165 21.14 20.95 24.50
N GLU B 166 22.13 20.06 24.38
CA GLU B 166 23.47 20.41 23.86
C GLU B 166 23.69 19.81 22.46
N ASN B 167 23.08 18.70 22.16
CA ASN B 167 23.31 18.10 20.87
C ASN B 167 22.04 18.16 20.05
N GLY B 168 20.95 17.57 20.55
CA GLY B 168 19.66 17.59 19.86
C GLY B 168 19.15 18.97 19.35
N ALA B 169 18.84 19.85 20.30
CA ALA B 169 18.27 21.16 20.07
C ALA B 169 18.86 21.93 18.89
N PRO B 170 20.18 22.24 18.91
CA PRO B 170 20.80 23.00 17.79
C PRO B 170 20.49 22.36 16.45
N VAL B 171 20.49 21.04 16.40
CA VAL B 171 20.22 20.31 15.16
C VAL B 171 18.76 20.44 14.73
N ILE B 172 17.83 20.26 15.65
CA ILE B 172 16.43 20.45 15.28
C ILE B 172 16.21 21.89 14.83
N ALA B 173 16.81 22.83 15.57
CA ALA B 173 16.74 24.25 15.30
C ALA B 173 17.22 24.61 13.88
N SER B 174 18.27 23.95 13.39
CA SER B 174 18.71 24.28 12.04
C SER B 174 18.02 23.44 10.96
N LYS B 175 17.53 22.26 11.35
CA LYS B 175 16.74 21.44 10.42
C LYS B 175 15.36 22.07 10.24
N LEU B 176 15.10 23.14 11.02
CA LEU B 176 13.88 23.95 11.00
C LEU B 176 14.27 25.39 10.70
N GLU B 177 15.57 25.64 10.55
CA GLU B 177 16.06 26.96 10.20
C GLU B 177 15.44 28.03 11.09
N MET B 178 15.79 28.04 12.36
CA MET B 178 15.27 29.03 13.31
C MET B 178 16.31 30.10 13.59
N GLU B 179 15.95 31.31 13.98
CA GLU B 179 16.96 32.31 14.28
C GLU B 179 17.60 31.93 15.61
N ILE B 180 18.77 32.52 15.97
CA ILE B 180 19.49 32.12 17.20
C ILE B 180 20.18 33.22 18.01
N MET B 181 19.49 33.76 19.04
CA MET B 181 20.04 34.78 19.95
C MET B 181 20.98 34.19 21.03
N PRO B 182 21.89 35.02 21.56
CA PRO B 182 22.87 34.66 22.60
C PRO B 182 22.48 33.86 23.84
N LYS B 183 21.28 34.05 24.41
CA LYS B 183 20.87 33.30 25.62
C LYS B 183 19.48 33.66 26.17
N ALA B 184 18.83 32.68 26.82
CA ALA B 184 17.54 32.77 27.54
C ALA B 184 17.70 32.24 28.97
N ASN B 185 17.30 33.06 29.93
CA ASN B 185 17.61 32.82 31.35
C ASN B 185 16.81 31.74 32.06
N GLN B 186 17.50 31.23 33.06
CA GLN B 186 17.13 30.16 33.98
C GLN B 186 17.84 28.85 33.58
N LYS B 187 18.62 28.30 34.51
CA LYS B 187 19.56 27.22 34.22
C LYS B 187 19.01 25.80 34.26
N HIS B 188 17.83 25.61 34.83
CA HIS B 188 17.25 24.27 34.91
C HIS B 188 15.81 24.33 34.44
N GLN B 189 15.68 24.94 33.26
CA GLN B 189 14.39 25.26 32.67
C GLN B 189 14.42 25.23 31.16
N VAL B 190 13.23 25.07 30.59
CA VAL B 190 12.97 25.07 29.17
C VAL B 190 11.60 25.72 28.95
N SER B 191 11.53 26.82 28.18
CA SER B 191 10.23 27.41 27.89
C SER B 191 9.94 27.43 26.40
N VAL B 192 8.66 27.40 26.08
CA VAL B 192 8.20 27.53 24.74
C VAL B 192 7.00 28.47 24.76
N ILE B 193 7.10 29.55 24.00
CA ILE B 193 6.07 30.56 23.93
C ILE B 193 5.59 30.59 22.51
N LEU B 194 4.27 30.54 22.35
CA LEU B 194 3.60 30.57 21.08
C LEU B 194 2.60 31.72 21.11
N ALA B 195 2.67 32.55 20.07
CA ALA B 195 1.73 33.67 19.96
C ALA B 195 1.17 33.69 18.56
N ALA B 196 -0.13 33.76 18.48
CA ALA B 196 -0.72 33.87 17.18
C ALA B 196 -0.69 35.35 16.75
N MET B 197 0.17 35.75 15.82
CA MET B 197 0.09 37.10 15.32
C MET B 197 -1.19 37.34 14.60
N THR B 198 -1.62 36.33 13.85
CA THR B 198 -2.89 36.36 13.16
C THR B 198 -3.43 34.97 13.40
N PRO B 199 -4.70 34.71 13.05
CA PRO B 199 -5.20 33.34 13.31
C PRO B 199 -4.33 32.21 12.71
N ARG B 200 -3.49 32.53 11.69
CA ARG B 200 -2.70 31.48 11.03
C ARG B 200 -1.23 31.75 11.13
N ARG B 201 -0.87 32.90 11.66
CA ARG B 201 0.54 33.20 11.71
C ARG B 201 1.04 33.17 13.12
N MET B 202 2.10 32.41 13.38
CA MET B 202 2.57 32.30 14.75
C MET B 202 4.05 32.60 14.91
N ASN B 203 4.41 33.24 16.00
CA ASN B 203 5.83 33.36 16.34
C ASN B 203 6.13 32.48 17.53
N ILE B 204 7.30 31.87 17.46
CA ILE B 204 7.66 30.94 18.52
C ILE B 204 9.04 31.26 19.04
N ILE B 205 9.11 31.22 20.36
CA ILE B 205 10.31 31.41 21.17
C ILE B 205 10.58 30.14 22.02
N VAL B 206 11.79 29.62 21.92
CA VAL B 206 12.21 28.46 22.67
C VAL B 206 13.42 28.82 23.51
N LYS B 207 13.14 29.07 24.79
CA LYS B 207 14.18 29.39 25.78
C LYS B 207 14.79 28.14 26.46
N LEU B 208 16.05 27.85 26.12
CA LEU B 208 16.87 26.81 26.72
C LEU B 208 17.82 27.49 27.71
N PRO B 209 18.45 26.72 28.59
CA PRO B 209 19.34 27.33 29.54
C PRO B 209 20.41 28.25 28.93
N LYS B 210 21.14 27.75 27.94
CA LYS B 210 22.27 28.44 27.33
C LYS B 210 21.98 29.26 26.06
N VAL B 211 20.72 29.34 25.62
CA VAL B 211 20.42 29.98 24.34
C VAL B 211 18.92 30.01 23.98
N THR B 212 18.52 31.08 23.31
CA THR B 212 17.15 31.25 22.82
C THR B 212 17.08 30.94 21.34
N TYR B 213 16.11 30.13 20.91
CA TYR B 213 15.84 29.93 19.51
C TYR B 213 14.50 30.59 19.25
N PHE B 214 14.32 31.18 18.06
CA PHE B 214 13.05 31.84 17.74
C PHE B 214 12.74 31.96 16.25
N GLN B 215 11.47 32.13 15.93
CA GLN B 215 11.07 32.22 14.53
C GLN B 215 9.75 32.98 14.46
N GLN B 216 9.68 33.98 13.60
CA GLN B 216 8.48 34.80 13.45
C GLN B 216 7.80 34.52 12.11
N GLY B 217 6.49 34.73 12.05
CA GLY B 217 5.77 34.70 10.79
C GLY B 217 5.62 33.32 10.15
N ILE B 218 5.44 32.31 11.01
CA ILE B 218 5.28 30.96 10.55
C ILE B 218 3.83 30.81 10.17
N LEU B 219 3.56 30.48 8.92
CA LEU B 219 2.20 30.35 8.48
C LEU B 219 1.71 28.92 8.73
N LEU B 220 0.54 28.74 9.32
CA LEU B 220 0.14 27.40 9.57
C LEU B 220 -0.90 26.96 8.54
N PRO B 221 -1.16 25.66 8.50
CA PRO B 221 -2.13 25.09 7.56
C PRO B 221 -3.58 25.11 8.13
N PHE B 222 -3.69 25.54 9.38
CA PHE B 222 -4.95 25.66 10.10
C PHE B 222 -4.90 26.89 10.99
N THR B 223 -6.05 27.22 11.56
CA THR B 223 -6.14 28.37 12.47
C THR B 223 -5.71 27.95 13.86
N PHE B 224 -5.16 28.91 14.58
CA PHE B 224 -4.69 28.73 15.96
C PHE B 224 -5.94 28.86 16.84
C1 PLD C . 1.28 2.14 -15.52
C2 PLD C . 2.46 2.34 -14.51
C3 PLD C . 3.64 1.71 -15.23
C4 PLD C . -2.07 2.88 -13.60
C5 PLD C . -2.47 4.33 -13.48
C6 PLD C . -4.80 3.76 -13.11
C7 PLD C . -4.01 5.92 -13.89
C8 PLD C . -3.95 4.09 -15.42
C' PLD C . 2.73 1.56 -11.96
C1' PLD C . 2.25 2.15 -10.66
C2' PLD C . 3.42 2.33 -9.65
C3' PLD C . 2.93 2.92 -8.34
C4' PLD C . 2.32 1.83 -7.64
C5' PLD C . 3.52 1.79 -6.78
C6' PLD C . 3.11 0.88 -5.61
C7' PLD C . 4.34 0.86 -4.84
C8' PLD C . 5.61 0.54 -5.59
C9' PLD C . 6.62 -0.47 -4.91
CA' PLD C . 7.40 0.10 -3.69
CB' PLD C . 8.27 -0.90 -2.87
CB PLD C . 5.65 2.10 -13.97
C1B PLD C . 6.94 1.23 -13.97
C2B PLD C . 7.41 0.94 -12.42
C3B PLD C . 6.23 0.26 -11.68
C4B PLD C . 6.68 -0.28 -10.46
C5B PLD C . 6.02 -1.53 -10.01
C6B PLD C . 6.92 -1.54 -8.81
C7B PLD C . 6.56 -2.53 -7.78
C8B PLD C . 7.86 -3.00 -7.05
C9B PLD C . 9.22 -3.11 -7.70
CAA PLD C . 10.04 -3.59 -6.62
CBA PLD C . 11.46 -3.81 -7.04
O' PLD C . 3.48 0.59 -11.99
OB PLD C . 5.24 2.64 -12.91
O2 PLD C . 2.21 2.17 -13.07
O3 PLD C . 4.99 2.26 -15.13
O1P PLD C . -0.77 1.43 -16.89
O2P PLD C . -1.68 0.12 -14.90
O3P PLD C . 0.37 1.43 -14.78
O4P PLD C . -1.26 2.85 -14.77
N PLD C . -3.81 4.50 -13.97
P PLD C . -0.99 1.36 -15.47
CC' PLD C . 9.10 -0.24 -1.76
CC' PLD C . 9.68 -0.45 -2.66
CD' PLD C . 8.29 0.16 -0.51
CD' PLD C . 10.59 -1.59 -2.67
CE' PLD C . 9.15 0.84 0.59
CE' PLD C . 11.73 -1.46 -1.74
CF' PLD C . 10.08 -0.12 1.34
CF' PLD C . 12.79 -2.51 -2.15
CG' PLD C . 9.40 -0.85 2.50
CH' PLD C . 8.79 -2.22 2.07
CI' PLD C . 8.50 -3.11 3.21
CCA PLD C . 12.37 -3.78 -5.95
CDA PLD C . 13.69 -4.49 -6.22
CEA PLD C . 13.91 -5.73 -5.46
CFA PLD C . 15.36 -6.01 -5.19
C1 PLD D . 3.85 5.26 -1.61
C2 PLD D . 3.91 5.05 -0.11
C3 PLD D . 4.96 3.92 0.40
C' PLD D . 3.93 6.67 1.95
C1' PLD D . 5.34 7.33 2.13
C2' PLD D . 5.24 8.47 3.13
C3' PLD D . 6.57 9.21 3.35
C4' PLD D . 6.99 9.42 4.82
C5' PLD D . 5.79 9.07 5.73
C6' PLD D . 5.90 10.23 6.79
CB PLD D . 6.36 3.34 -1.70
C1B PLD D . 7.86 2.94 -1.65
C2B PLD D . 8.66 4.24 -1.87
C3B PLD D . 8.70 5.17 -0.63
C4B PLD D . 8.36 4.68 0.82
C5B PLD D . 9.26 5.36 1.88
C6B PLD D . 10.14 4.20 2.35
C7B PLD D . 11.15 4.45 3.42
C8B PLD D . 12.27 3.49 3.20
C9B PLD D . 13.62 4.18 3.47
CAA PLD D . 14.31 3.57 4.70
CBA PLD D . 13.52 3.78 6.04
O' PLD D . 3.18 6.56 2.92
OB PLD D . 6.07 4.03 -2.69
O2 PLD D . 3.53 6.26 0.68
O3 PLD D . 5.43 2.93 -0.61
O1P PLD D . 1.78 6.62 -1.93
O2P PLD D . 1.22 5.30 -4.00
O3P PLD D . 2.80 4.45 -2.20
O4P PLD D . 0.34 4.64 -1.65
P PLD D . 1.52 5.30 -2.53
CCA PLD D . 13.37 2.55 6.94
CDA PLD D . 13.44 1.16 6.27
CEA PLD D . 12.23 0.25 6.46
CFA PLD D . 12.68 -1.13 6.95
C1 PLD E . -8.88 25.19 15.28
C2 PLD E . -8.47 23.72 15.14
C3 PLD E . -9.43 22.93 14.20
C' PLD E . -6.49 22.28 14.54
C1' PLD E . -5.40 21.33 15.10
C2' PLD E . -4.04 21.98 15.06
C3' PLD E . -2.95 21.06 15.57
C4' PLD E . -2.80 21.51 17.06
CB PLD E . -10.60 22.65 12.03
C1B PLD E . -10.41 21.14 12.06
C2B PLD E . -9.21 20.47 12.62
C3B PLD E . -8.26 19.89 11.69
C4B PLD E . -7.32 19.02 12.52
C5B PLD E . -6.78 18.13 11.48
C6B PLD E . -5.27 18.17 11.39
C7B PLD E . -5.02 16.81 10.86
C8B PLD E . -5.56 16.76 9.43
C9B PLD E . -6.24 15.36 9.15
CAA PLD E . -5.75 14.15 9.98
CBA PLD E . -6.55 12.98 9.43
O' PLD E . -6.78 22.08 13.37
OB PLD E . -11.53 23.06 11.28
O2 PLD E . -7.02 23.36 15.28
O3 PLD E . -9.68 23.46 12.85
O1P PLD E . -11.26 27.20 16.04
O2P PLD E . -12.63 26.13 14.32
O3P PLD E . -10.07 25.50 14.47
O4P PLD E . -11.87 24.72 16.15
P PLD E . -11.48 26.08 15.14
CCA PLD E . -6.55 11.70 10.17
CDA PLD E . -7.36 10.75 9.37
CEA PLD E . -7.51 9.27 9.83
CFA PLD E . -7.96 8.38 8.67
CGA PLD E . -8.30 9.19 7.41
C1 PLD F . -5.89 -2.27 -4.33
C2 PLD F . -6.94 -3.19 -3.51
C3 PLD F . -8.19 -2.45 -2.96
C' PLD F . -6.57 -4.96 -1.51
C1' PLD F . -6.91 -4.22 -0.19
C2' PLD F . -7.91 -5.18 0.48
C3' PLD F . -8.42 -4.60 1.81
C3' PLD F . -8.23 -4.70 1.88
C4' PLD F . -8.07 -5.54 2.99
C4' PLD F . -9.54 -3.94 1.90
C5' PLD F . -7.01 -6.64 2.73
C5' PLD F . -9.98 -3.57 3.30
C6' PLD F . -7.82 -7.94 2.20
C6' PLD F . -9.54 -4.64 4.43
C7' PLD F . -8.05 -8.83 3.35
C7' PLD F . -10.39 -5.86 4.40
C8' PLD F . -9.38 -8.65 4.04
C8' PLD F . -9.68 -7.18 4.54
C9' PLD F . -9.29 -7.85 5.38
C9' PLD F . -9.57 -7.59 5.99
CA' PLD F . -8.66 -8.71 6.43
CB' PLD F . -8.22 -8.27 7.82
CB PLD F . -10.59 -2.20 -3.48
C1B PLD F . -10.84 -1.03 -2.49
C2B PLD F . -12.32 -1.43 -2.16
C3B PLD F . -13.66 -1.72 -3.11
C4B PLD F . -14.78 -2.54 -2.36
C5B PLD F . -14.30 -3.83 -1.53
C6B PLD F . -15.28 -4.66 -0.75
C7B PLD F . -14.53 -5.16 0.48
C8B PLD F . -13.26 -4.37 1.02
C9B PLD F . -12.79 -4.90 2.42
CAA PLD F . -13.97 -5.30 3.36
CBA PLD F . -15.14 -4.32 3.63
O' PLD F . -6.45 -6.18 -1.44
OB PLD F . -11.41 -2.38 -4.41
O2 PLD F . -6.34 -4.30 -2.70
O3 PLD F . -9.46 -3.03 -3.30
O1P PLD F . -5.36 -4.44 -7.48
O2P PLD F . -4.17 -4.56 -5.24
O3P PLD F . -5.73 -2.57 -5.75
O4P PLD F . -6.68 -5.02 -5.51
P PLD F . -5.40 -4.17 -6.03
CC' PLD F . -6.76 -8.63 8.19
CD' PLD F . -6.43 -8.51 9.65
CE' PLD F . -5.01 -8.73 9.81
CF' PLD F . -4.41 -7.74 10.75
CG' PLD F . -3.04 -7.15 10.32
CH' PLD F . -2.29 -6.60 11.54
CCA PLD F . -16.42 -5.05 3.54
CDA PLD F . -16.74 -5.68 4.90
CEA PLD F . -17.12 -4.57 5.95
CFA PLD F . -16.73 -4.78 7.44
C1 PLD G . -14.30 -11.70 15.01
C2 PLD G . -14.69 -12.14 16.41
C3 PLD G . -13.82 -11.25 17.35
C' PLD G . -14.37 -14.42 17.74
C1' PLD G . -13.36 -13.91 18.77
C2' PLD G . -11.98 -14.36 18.42
C3' PLD G . -11.16 -13.78 19.52
C4' PLD G . -9.92 -14.51 19.28
C5' PLD G . -9.63 -14.50 20.70
C6' PLD G . -8.10 -14.58 20.86
C7' PLD G . -7.69 -13.23 21.18
C8' PLD G . -6.56 -13.05 22.11
C9' PLD G . -6.78 -11.92 23.16
CA' PLD G . -5.63 -11.05 23.23
CB' PLD G . -4.44 -11.61 24.04
CB PLD G . -13.70 -10.02 19.31
C1B PLD G . -12.49 -10.38 20.24
C2B PLD G . -12.82 -9.97 21.71
C3B PLD G . -11.84 -9.07 22.42
C4B PLD G . -10.36 -9.47 22.19
C5B PLD G . -9.39 -8.36 22.58
C6B PLD G . -8.74 -8.65 23.96
C7B PLD G . -7.34 -8.06 24.07
O' PLD G . -14.75 -15.59 17.88
OB PLD G . -14.11 -8.83 19.15
O2 PLD G . -14.84 -13.58 16.73
O3 PLD G . -14.26 -11.13 18.72
O1P PLD G . -13.89 -13.51 11.58
O2P PLD G . -15.35 -11.52 12.38
O3P PLD G . -13.80 -12.64 14.08
O4P PLD G . -12.79 -11.21 12.17
P PLD G . -14.04 -12.27 12.47
CC' PLD G . -3.67 -10.52 24.77
CD' PLD G . -2.60 -11.13 25.64
C1 PLD H . -3.11 0.12 0.77
C2 PLD H . -3.54 -0.42 2.13
C3 PLD H . -4.53 0.57 2.78
C' PLD H . -1.85 -0.51 4.05
C1' PLD H . -0.81 -1.49 4.71
C2' PLD H . 0.45 -1.33 3.92
C3' PLD H . 1.53 -2.17 4.55
C4' PLD H . 2.72 -1.26 4.27
C5' PLD H . 3.29 -2.18 3.25
C6' PLD H . 4.86 -2.11 3.30
C7' PLD H . 5.30 -1.82 1.85
C8' PLD H . 4.32 -1.53 0.68
C9' PLD H . 4.69 -0.29 -0.22
CA' PLD H . 3.59 0.67 -0.75
CB' PLD H . 2.66 0.26 -1.99
CB PLD H . -5.92 0.62 4.78
C1B PLD H . -7.14 0.03 5.60
C2B PLD H . -8.13 0.89 6.44
C3B PLD H . -9.25 -0.06 7.02
C4B PLD H . -10.67 0.40 7.28
C5B PLD H . -11.45 -0.29 6.23
C6B PLD H . -12.23 -1.33 6.79
C6B PLD H . -12.72 -1.51 6.71
C7B PLD H . -13.68 -0.98 6.60
C7B PLD H . -13.51 -2.33 5.69
C8B PLD H . -14.22 -0.98 8.03
C8B PLD H . -12.57 -3.34 5.03
C9B PLD H . -13.61 0.01 8.87
CAA PLD H . -14.66 0.25 9.96
O' PLD H . -2.19 0.53 4.64
OB PLD H . -5.23 1.56 5.28
O2 PLD H . -2.29 -0.87 2.81
O3 PLD H . -5.66 -0.01 3.48
O1P PLD H . -0.52 2.24 -0.37
O2P PLD H . -2.11 0.74 -1.80
O3P PLD H . -2.85 1.54 0.59
O4P PLD H . -2.61 3.29 -1.41
P PLD H . -1.93 1.87 -0.80
CC' PLD H . 1.15 0.03 -1.66
CD' PLD H . 1.12 -0.65 -0.30
C7 UPL I . 2.19 -5.67 9.66
C8 UPL I . 3.12 -5.60 10.91
C9 UPL I . 4.17 -4.52 10.94
C10 UPL I . 4.00 -3.72 9.71
C11 UPL I . 4.55 -4.19 8.29
C12 UPL I . 5.84 -3.59 8.09
C13 UPL I . 6.65 -4.86 8.55
C14 UPL I . 8.09 -5.18 8.08
C15 UPL I . 9.03 -4.42 9.00
C16 UPL I . 10.58 -4.60 8.98
C17 UPL I . 11.35 -3.57 9.91
C18 UPL I . 11.00 -3.44 11.44
C19 UPL I . 9.52 -3.71 11.92
C20 UPL I . 9.17 -3.39 13.34
C21 UPL I . 9.57 -1.94 13.63
C26 UPL I . 5.98 -2.12 8.72
C27 UPL I . 4.73 -1.17 8.37
C5 UPL J . -0.60 12.19 9.17
C6 UPL J . -0.58 12.85 7.70
C7 UPL J . 0.51 13.89 7.39
C8 UPL J . 1.15 14.61 8.55
C9 UPL J . 1.71 15.89 7.88
C10 UPL J . 2.48 16.96 8.73
C11 UPL J . 3.58 17.62 7.94
C12 UPL J . 4.34 18.81 8.42
C13 UPL J . 3.73 20.15 7.89
C14 UPL J . 4.13 20.39 6.39
C15 UPL J . 4.01 21.77 5.76
C16 UPL J . 3.17 22.74 6.64
C26 UPL J . 5.86 18.77 8.15
C27 UPL J . 6.32 18.30 6.76
C28 UPL J . 7.72 18.71 6.17
C1 UPL K . -19.15 1.07 12.06
C2 UPL K . -20.18 -0.07 12.37
C3 UPL K . -20.03 -1.26 11.40
C4 UPL K . -21.06 -1.21 10.30
C5 UPL K . -21.14 0.12 9.60
C6 UPL K . -19.79 0.65 9.09
C7 UPL K . -20.00 2.09 8.74
C8 UPL K . -18.79 2.93 8.87
C9 UPL K . -18.72 4.02 9.97
C10 UPL K . -17.73 5.08 9.47
C11 UPL K . -16.73 5.81 10.42
C12 UPL K . -16.30 4.85 11.56
C13 UPL K . -15.66 5.61 12.76
C14 UPL K . -14.48 6.51 12.41
C15 UPL K . -14.78 8.02 12.42
C16 UPL K . -13.66 8.90 13.08
C17 UPL K . -12.62 9.56 12.15
C18 UPL K . -12.77 11.12 11.96
C19 UPL K . -13.58 11.69 10.76
C1 UPL L . -1.44 0.54 21.33
C2 UPL L . -1.10 0.56 22.82
C3 UPL L . -1.48 -0.75 23.52
C4 UPL L . -0.78 -1.06 24.85
C5 UPL L . 0.35 -2.09 24.71
C6 UPL L . -0.08 -3.58 24.80
C7 UPL L . 0.53 -4.38 25.94
C8 UPL L . 1.17 -5.70 25.54
C9 UPL L . 2.43 -5.78 26.38
C10 UPL L . 2.71 -7.09 27.14
C11 UPL L . 4.21 -7.14 27.45
C12 UPL L . 5.09 -7.93 26.49
C13 UPL L . 6.50 -7.42 26.62
C14 UPL L . 7.06 -6.87 25.29
C15 UPL L . 6.39 -5.64 24.71
C16 UPL L . 6.67 -5.44 23.25
C17 UPL L . 5.65 -4.54 22.54
C1 UPL M . -15.44 -15.56 21.83
C2 UPL M . -14.22 -14.63 22.07
C3 UPL M . -13.90 -14.19 23.51
C4 UPL M . -12.91 -13.10 23.40
C5 UPL M . -11.58 -13.61 23.65
C6 UPL M . -11.30 -13.46 25.10
C7 UPL M . -9.82 -13.21 25.40
C8 UPL M . -9.61 -12.71 26.83
C9 UPL M . -8.30 -11.96 26.99
C10 UPL M . -7.93 -11.75 28.48
C11 UPL M . -6.43 -11.90 28.69
C12 UPL M . -6.03 -11.93 30.10
C13 UPL M . -6.02 -10.49 30.63
C14 UPL M . -4.93 -10.33 31.67
C15 UPL M . -3.87 -9.37 31.14
C16 UPL M . -3.44 -8.31 32.18
C1 UPL N . 5.87 -22.45 -21.82
C2 UPL N . 7.27 -22.88 -21.32
C3 UPL N . 8.24 -21.71 -20.99
C4 UPL N . 9.69 -22.03 -21.24
C5 UPL N . 10.58 -21.17 -20.42
C6 UPL N . 11.96 -21.27 -21.05
C7 UPL N . 13.10 -20.57 -20.41
C8 UPL N . 14.09 -19.89 -21.31
C9 UPL N . 15.39 -19.95 -20.46
C10 UPL N . 16.50 -19.07 -21.10
C11 UPL N . 15.77 -17.88 -21.64
C12 UPL N . 16.63 -16.77 -21.96
C13 UPL N . 16.54 -17.15 -23.39
C14 UPL N . 17.66 -16.44 -24.07
C15 UPL N . 17.43 -16.27 -25.53
C16 UPL N . 18.75 -16.35 -26.24
C1 UPL O . -0.92 5.05 35.10
C2 UPL O . -1.33 4.19 36.32
C3 UPL O . -0.27 3.14 36.65
C4 UPL O . -0.87 2.02 37.52
C5 UPL O . -0.06 0.76 37.77
C6 UPL O . 0.73 0.27 36.61
C7 UPL O . 1.89 -0.66 36.98
C8 UPL O . 3.05 -0.56 36.06
C9 UPL O . 3.31 -1.81 35.18
C10 UPL O . 4.77 -2.19 35.04
C11 UPL O . 5.71 -1.07 35.49
C12 UPL O . 6.92 -1.65 36.15
C13 UPL O . 8.01 -1.66 35.10
C1 UPL P . -18.66 -15.71 25.36
C2 UPL P . -18.14 -14.35 25.00
C3 UPL P . -16.78 -13.97 25.50
C4 UPL P . -16.64 -14.05 27.03
C5 UPL P . -15.32 -13.41 27.46
C6 UPL P . -15.04 -11.96 27.02
C7 UPL P . -14.26 -11.17 28.11
C8 UPL P . -12.77 -11.32 27.93
C9 UPL P . -11.95 -11.62 29.21
C10 UPL P . -11.23 -10.41 29.87
C11 UPL P . -11.87 -10.01 31.19
C1 UPL Q . -4.84 -4.43 20.55
C2 UPL Q . -5.19 -5.78 21.14
C3 UPL Q . -4.51 -7.01 20.55
C4 UPL Q . -5.09 -8.26 21.11
C5 UPL Q . -6.59 -8.47 20.73
C6 UPL Q . -6.99 -9.90 20.36
C7 UPL Q . -8.20 -9.96 19.45
C8 UPL Q . -8.20 -9.10 18.13
C9 UPL Q . -8.43 -9.91 16.83
C10 UPL Q . -7.50 -9.38 15.76
C11 UPL Q . -7.45 -10.12 14.43
C12 UPL Q . -6.13 -9.70 13.71
C1 UPL R . 4.32 -6.71 20.49
C2 UPL R . 3.06 -7.56 20.58
C3 UPL R . 2.40 -7.76 19.22
C4 UPL R . 1.38 -8.92 19.26
C5 UPL R . 0.23 -8.63 18.29
C6 UPL R . -0.16 -9.78 17.35
C7 UPL R . -1.15 -9.21 16.41
C8 UPL R . -2.56 -9.67 16.65
C9 UPL R . -3.24 -8.75 17.69
C10 UPL R . -4.71 -9.07 17.81
C1 UPL S . -16.32 -10.16 22.30
C2 UPL S . -17.69 -10.76 22.74
C3 UPL S . -18.62 -9.67 23.33
C4 UPL S . -19.95 -10.27 23.77
C5 UPL S . -20.50 -9.62 25.05
C6 UPL S . -21.07 -8.20 24.84
C1 UPL T . 8.54 -2.54 30.25
C2 UPL T . 9.47 -1.96 31.33
C3 UPL T . 9.71 -0.44 31.19
C4 UPL T . 10.79 0.06 32.12
C5 UPL T . 10.36 1.37 32.81
C6 UPL T . 9.34 1.15 33.94
C1 UPL U . -14.94 -11.74 32.17
C2 UPL U . -15.91 -12.93 32.35
C3 UPL U . -17.11 -12.96 31.40
C4 UPL U . -18.18 -11.92 31.73
C5 UPL U . -19.35 -12.19 30.79
C6 UPL U . -20.03 -13.50 31.19
C1 UPL V . 16.07 -2.28 7.18
C2 UPL V . 15.64 -1.38 8.39
C3 UPL V . 16.48 -1.53 9.69
C4 UPL V . 17.69 -0.60 9.80
C5 UPL V . 18.01 0.23 8.51
C6 UPL V . 19.43 0.61 8.36
C7 UPL V . 19.64 2.11 8.41
C8 UPL V . 20.93 2.56 9.16
C1 UPL W . -3.48 -8.57 27.58
C2 UPL W . -4.36 -7.35 27.06
C3 UPL W . -4.06 -6.84 25.64
C4 UPL W . -4.21 -5.35 25.67
C5 UPL W . -4.08 -4.58 24.32
C6 UPL W . -3.79 -3.05 24.59
C7 UPL W . -4.89 -2.13 25.28
C8 UPL W . -4.78 -0.62 24.79
C1 UPL X . -4.15 -5.42 15.64
C2 UPL X . -3.96 -3.85 15.74
C3 UPL X . -2.51 -3.27 15.90
C4 UPL X . -1.36 -4.28 15.73
C5 UPL X . -0.83 -4.81 17.05
C6 UPL X . -0.48 -3.61 17.95
C7 UPL X . -0.40 -4.05 19.40
C8 UPL X . -0.25 -2.91 20.40
C9 UPL X . -0.30 -3.58 21.73
C1 UPL Y . -21.28 14.56 11.87
C2 UPL Y . -21.51 13.99 13.24
C3 UPL Y . -20.22 14.28 13.97
C4 UPL Y . -20.00 13.28 15.19
C5 UPL Y . -18.57 13.43 15.82
C6 UPL Y . -17.63 14.34 15.01
C7 UPL Y . -16.37 13.48 14.81
C1 UPL Z . -21.99 19.17 20.37
C2 UPL Z . -22.84 17.88 20.46
C3 UPL Z . -23.47 17.71 21.80
C4 UPL Z . -22.85 16.54 22.55
C5 UPL Z . -23.87 16.04 23.58
C6 UPL Z . -23.75 14.55 23.94
C1 UPL AA . -2.66 3.08 7.02
C2 UPL AA . -2.77 4.45 7.76
C3 UPL AA . -4.13 4.62 8.44
C4 UPL AA . -4.20 5.71 9.53
C5 UPL AA . -5.65 5.94 9.96
C6 UPL AA . -6.46 4.62 9.97
C1 UPL BA . 8.21 -2.27 18.54
C2 UPL BA . 7.67 -2.04 19.95
C3 UPL BA . 8.79 -1.66 20.95
C4 UPL BA . 8.65 -2.30 22.35
C5 UPL BA . 9.81 -1.93 23.33
C6 UPL BA . 11.22 -2.07 22.78
C7 UPL BA . 12.16 -2.65 23.81
C1 UPL CA . 1.21 -7.38 34.18
C2 UPL CA . 1.34 -6.43 33.02
C3 UPL CA . 0.38 -5.26 33.15
C4 UPL CA . -0.54 -5.24 31.92
C5 UPL CA . -1.49 -4.07 31.83
C6 UPL CA . -2.76 -4.48 31.06
C1 UPL DA . -23.30 4.90 11.08
C2 UPL DA . -23.06 6.10 11.99
C3 UPL DA . -21.60 6.00 12.47
C4 UPL DA . -21.31 5.96 14.00
C5 UPL DA . -20.08 5.04 14.18
C1 UPL EA . -12.55 4.24 36.50
C2 UPL EA . -11.21 3.96 37.15
C3 UPL EA . -10.12 3.51 36.16
C4 UPL EA . -9.01 4.60 36.28
C5 UPL EA . -7.72 4.23 37.04
C6 UPL EA . -6.52 5.06 36.63
C1 UPL FA . 1.88 4.11 5.73
C2 UPL FA . 1.63 4.95 7.01
C3 UPL FA . 1.65 6.46 6.75
C4 UPL FA . 0.29 7.19 6.95
C5 UPL FA . -0.78 6.56 6.05
C1 UPL GA . -11.19 -2.70 11.64
C2 UPL GA . -10.50 -3.57 10.56
C3 UPL GA . -9.63 -4.56 11.35
C4 UPL GA . -10.38 -5.65 12.21
C5 UPL GA . -11.09 -6.73 11.34
C1 UPL HA . 13.80 0.49 21.21
C2 UPL HA . 13.23 0.99 19.89
C3 UPL HA . 12.69 -0.20 19.08
C4 UPL HA . 11.84 0.22 17.89
C5 UPL HA . 12.68 1.14 16.98
C1 UPL IA . -16.90 -6.25 26.10
C2 UPL IA . -16.12 -5.25 25.19
C3 UPL IA . -15.26 -4.23 25.96
C4 UPL IA . -15.61 -2.77 25.59
C5 UPL IA . -15.66 -1.82 26.79
C1 UPL JA . -11.47 -3.97 25.81
C2 UPL JA . -10.94 -2.78 25.03
C3 UPL JA . -9.41 -2.64 25.18
C4 UPL JA . -9.08 -1.93 26.49
C5 UPL JA . -7.74 -2.39 27.04
C1 UPL KA . 13.53 2.03 32.54
C2 UPL KA . 14.96 1.51 32.41
C3 UPL KA . 15.66 2.19 31.22
C4 UPL KA . 17.04 1.65 30.84
C5 UPL KA . 17.47 2.07 29.40
C6 UPL KA . 18.79 1.43 28.82
C7 UPL KA . 20.06 1.29 29.66
C8 UPL KA . 20.52 -0.17 29.51
C9 UPL KA . 21.27 -0.90 30.66
C10 UPL KA . 22.82 -0.81 30.53
C1 UPL LA . 3.35 1.03 26.19
C2 UPL LA . 2.88 2.50 26.35
C3 UPL LA . 3.90 3.23 27.21
C4 UPL LA . 4.55 4.46 26.60
C5 UPL LA . 3.89 4.96 25.32
C6 UPL LA . 4.96 5.53 24.42
C1 PLD MA . 5.93 25.94 9.33
C2 PLD MA . 5.64 24.57 10.03
C3 PLD MA . 7.01 24.05 10.54
C4 PLD MA . 6.57 29.51 7.07
C5 PLD MA . 5.68 30.34 6.35
C' PLD MA . 4.45 23.92 12.26
C1' PLD MA . 3.84 22.59 12.50
C2' PLD MA . 2.84 22.27 11.49
C3' PLD MA . 2.39 20.95 12.00
C4' PLD MA . 2.38 20.13 10.80
C5' PLD MA . 1.15 19.36 11.14
CB PLD MA . 8.12 25.33 12.19
C1B PLD MA . 8.28 25.68 13.71
C2B PLD MA . 7.70 24.76 14.76
C3B PLD MA . 8.79 24.80 15.77
C4B PLD MA . 8.69 23.73 16.79
C5B PLD MA . 9.82 24.05 17.71
C6B PLD MA . 11.00 23.07 17.60
C7B PLD MA . 12.31 23.80 17.81
C8B PLD MA . 13.10 23.19 18.94
C9B PLD MA . 14.35 24.04 19.19
O' PLD MA . 4.91 24.49 13.25
OB PLD MA . 8.70 26.04 11.33
O2 PLD MA . 4.43 24.46 10.92
O3 PLD MA . 7.31 24.25 11.92
O1P PLD MA . 8.13 27.93 8.94
O2P PLD MA . 8.50 27.56 6.70
O3P PLD MA . 6.93 25.89 8.27
O4P PLD MA . 6.22 28.40 7.90
N PLD MA . 6.65 31.17 5.56
P PLD MA . 7.43 27.38 7.77
C5 UPL NA . 2.84 4.65 36.76
C6 UPL NA . 3.32 4.25 38.13
C7 UPL NA . 4.83 4.25 38.28
C8 UPL NA . 5.28 2.92 38.08
C9 UPL NA . 6.30 2.90 36.98
C10 UPL NA . 7.51 3.66 37.49
C11 UPL NA . 8.86 3.10 37.02
C12 UPL NA . 9.66 4.22 36.35
C13 UPL NA . 10.70 4.96 37.23
C14 UPL NA . 11.16 6.30 36.70
C15 UPL NA . 10.16 7.41 37.01
C16 UPL NA . 10.10 8.55 36.02
C17 UPL NA . 11.38 8.63 35.17
C26 UPL NA . 10.30 3.75 35.09
C1 UPL OA . -1.55 -1.23 34.87
C2 UPL OA . -2.98 -1.05 34.35
C3 UPL OA . -3.21 0.27 33.62
C4 UPL OA . -4.65 0.48 33.17
C5 UPL OA . -5.16 1.78 33.71
C6 UPL OA . -5.70 2.53 32.55
C7 UPL OA . -4.70 3.37 31.69
C8 UPL OA . -5.36 3.77 30.34
C9 UPL OA . -4.48 4.46 29.32
C10 UPL OA . -4.12 3.53 28.17
C11 UPL OA . -2.90 4.03 27.40
C12 UPL OA . -1.62 3.89 28.26
C13 UPL OA . -1.14 5.20 28.90
C1 UPL PA . 8.99 11.09 34.50
C2 UPL PA . 10.33 11.69 34.08
C3 UPL PA . 10.28 13.20 33.93
C4 UPL PA . 11.38 13.71 33.02
C5 UPL PA . 12.30 14.68 33.76
C6 UPL PA . 12.06 16.14 33.40
C7 UPL PA . 12.57 16.57 32.05
C8 UPL PA . 13.89 17.29 32.03
C9 UPL PA . 14.62 16.73 30.83
C1 UPL QA . 18.21 10.73 22.71
C2 UPL QA . 17.18 9.69 22.13
C3 UPL QA . 17.71 8.24 22.12
C4 UPL QA . 17.37 7.47 23.38
C5 UPL QA . 16.90 8.39 24.55
C6 UPL QA . 17.00 7.76 25.93
C7 UPL QA . 16.29 8.51 27.02
C8 UPL QA . 16.69 7.76 28.33
C9 UPL QA . 15.55 7.43 29.32
C1 UPL RA . 5.81 18.64 18.45
C2 UPL RA . 6.47 19.99 18.34
C3 UPL RA . 5.34 20.97 18.48
C4 UPL RA . 5.61 22.33 17.79
C5 UPL RA . 4.87 23.51 18.40
C6 UPL RA . 3.54 23.24 19.14
C7 UPL RA . 2.31 23.61 18.32
C1 UPL SA . 1.30 19.21 16.29
C2 UPL SA . 1.80 18.96 17.72
C3 UPL SA . 0.80 19.49 18.77
C4 UPL SA . 1.31 20.74 19.47
C5 UPL SA . 0.50 21.13 20.67
C6 UPL SA . 0.46 19.97 21.68
C7 UPL SA . 1.63 20.05 22.63
C1 UPL TA . 0.59 8.82 33.98
C2 UPL TA . 2.00 9.39 34.03
C3 UPL TA . 2.04 10.80 33.44
C4 UPL TA . 3.16 11.61 33.99
C5 UPL TA . 2.93 13.03 33.62
C6 UPL TA . 3.31 14.00 34.71
C7 UPL TA . 4.54 14.86 34.35
C1 UPL UA . 7.07 16.81 32.67
C2 UPL UA . 8.25 16.52 31.70
C3 UPL UA . 7.88 16.30 30.22
C4 UPL UA . 9.08 16.29 29.29
C5 UPL UA . 9.39 14.91 28.78
C6 UPL UA . 10.87 14.77 28.50
C1 UPL VA . 2.62 19.93 25.85
C2 UPL VA . 2.04 20.01 27.25
C3 UPL VA . 0.55 20.31 27.23
C4 UPL VA . 0.00 20.29 28.66
C5 UPL VA . -0.74 21.58 28.97
C1 UPL WA . 2.24 1.95 33.64
C2 UPL WA . 3.40 2.87 33.36
C3 UPL WA . 4.06 2.51 32.02
C4 UPL WA . 4.84 3.67 31.32
C5 UPL WA . 6.10 3.11 30.62
C6 UPL WA . 6.47 3.74 29.29
C7 UPL WA . 7.83 4.50 29.28
C1 UPL XA . 13.84 21.63 23.00
C2 UPL XA . 13.06 22.18 24.22
C3 UPL XA . 12.01 21.17 24.67
C4 UPL XA . 10.68 21.51 24.11
C5 UPL XA . 10.09 20.24 23.54
C1 UPL YA . 5.99 22.02 23.43
C2 UPL YA . 6.32 22.98 22.30
C3 UPL YA . 6.88 22.19 21.12
C4 UPL YA . 8.40 22.06 20.97
C5 UPL YA . 9.14 23.35 20.58
C1 UPL ZA . 6.32 5.84 35.20
C2 UPL ZA . 6.83 6.00 33.77
C3 UPL ZA . 6.17 7.20 33.04
C4 UPL ZA . 7.21 8.22 32.66
C5 UPL ZA . 8.38 7.50 32.04
C6 UPL ZA . 9.66 8.03 32.58
#